data_1A64
# 
_entry.id   1A64 
# 
_audit_conform.dict_name       mmcif_pdbx.dic 
_audit_conform.dict_version    5.392 
_audit_conform.dict_location   http://mmcif.pdb.org/dictionaries/ascii/mmcif_pdbx.dic 
# 
loop_
_database_2.database_id 
_database_2.database_code 
_database_2.pdbx_database_accession 
_database_2.pdbx_DOI 
PDB   1A64         pdb_00001a64 10.2210/pdb1a64/pdb 
WWPDB D_1000170439 ?            ?                   
# 
loop_
_pdbx_audit_revision_history.ordinal 
_pdbx_audit_revision_history.data_content_type 
_pdbx_audit_revision_history.major_revision 
_pdbx_audit_revision_history.minor_revision 
_pdbx_audit_revision_history.revision_date 
1 'Structure model' 1 0 1998-05-27 
2 'Structure model' 1 1 2008-03-24 
3 'Structure model' 1 2 2011-07-13 
4 'Structure model' 1 3 2023-08-02 
5 'Structure model' 1 4 2024-05-22 
# 
_pdbx_audit_revision_details.ordinal             1 
_pdbx_audit_revision_details.revision_ordinal    1 
_pdbx_audit_revision_details.data_content_type   'Structure model' 
_pdbx_audit_revision_details.provider            repository 
_pdbx_audit_revision_details.type                'Initial release' 
_pdbx_audit_revision_details.description         ? 
_pdbx_audit_revision_details.details             ? 
# 
loop_
_pdbx_audit_revision_group.ordinal 
_pdbx_audit_revision_group.revision_ordinal 
_pdbx_audit_revision_group.data_content_type 
_pdbx_audit_revision_group.group 
1 2 'Structure model' 'Version format compliance' 
2 3 'Structure model' 'Version format compliance' 
3 4 'Structure model' 'Database references'       
4 4 'Structure model' Other                       
5 4 'Structure model' 'Refinement description'    
6 5 'Structure model' 'Data collection'           
# 
loop_
_pdbx_audit_revision_category.ordinal 
_pdbx_audit_revision_category.revision_ordinal 
_pdbx_audit_revision_category.data_content_type 
_pdbx_audit_revision_category.category 
1 4 'Structure model' database_2                    
2 4 'Structure model' pdbx_database_status          
3 4 'Structure model' pdbx_initial_refinement_model 
4 4 'Structure model' struct_ref_seq_dif            
5 5 'Structure model' chem_comp_atom                
6 5 'Structure model' chem_comp_bond                
# 
loop_
_pdbx_audit_revision_item.ordinal 
_pdbx_audit_revision_item.revision_ordinal 
_pdbx_audit_revision_item.data_content_type 
_pdbx_audit_revision_item.item 
1 4 'Structure model' '_database_2.pdbx_DOI'                
2 4 'Structure model' '_database_2.pdbx_database_accession' 
3 4 'Structure model' '_pdbx_database_status.process_site'  
4 4 'Structure model' '_struct_ref_seq_dif.details'         
# 
_pdbx_database_status.status_code                     REL 
_pdbx_database_status.entry_id                        1A64 
_pdbx_database_status.recvd_initial_deposition_date   1998-03-05 
_pdbx_database_status.deposit_site                    ? 
_pdbx_database_status.process_site                    BNL 
_pdbx_database_status.SG_entry                        . 
_pdbx_database_status.pdb_format_compatible           Y 
_pdbx_database_status.status_code_mr                  ? 
_pdbx_database_status.status_code_sf                  ? 
_pdbx_database_status.status_code_cs                  ? 
_pdbx_database_status.status_code_nmr_data            ? 
_pdbx_database_status.methods_development_category    ? 
# 
loop_
_audit_author.name 
_audit_author.pdbx_ordinal 
'Murray, A.J.' 1 
'Head, J.G.'   2 
'Barker, J.J.' 3 
'Brady, R.L.'  4 
# 
_citation.id                        primary 
_citation.title                     'Engineering an intertwined form of CD2 for stability and assembly.' 
_citation.journal_abbrev            Nat.Struct.Biol. 
_citation.journal_volume            5 
_citation.page_first                778 
_citation.page_last                 782 
_citation.year                      1998 
_citation.journal_id_ASTM           NSBIEW 
_citation.country                   US 
_citation.journal_id_ISSN           1072-8368 
_citation.journal_id_CSD            2024 
_citation.book_publisher            ? 
_citation.pdbx_database_id_PubMed   9731771 
_citation.pdbx_database_id_DOI      10.1038/1816 
# 
loop_
_citation_author.citation_id 
_citation_author.name 
_citation_author.ordinal 
_citation_author.identifier_ORCID 
primary 'Murray, A.J.' 1 ? 
primary 'Head, J.G.'   2 ? 
primary 'Barker, J.J.' 3 ? 
primary 'Brady, R.L.'  4 ? 
# 
loop_
_entity.id 
_entity.type 
_entity.src_method 
_entity.pdbx_description 
_entity.formula_weight 
_entity.pdbx_number_of_molecules 
_entity.pdbx_ec 
_entity.pdbx_mutation 
_entity.pdbx_fragment 
_entity.details 
1 polymer man CD2   10898.259 2  ? 'DEL(M46, K47)' 'DOMAIN 1' ? 
2 water   nat water 18.015    63 ? ?               ?          ? 
# 
_entity_poly.entity_id                      1 
_entity_poly.type                           'polypeptide(L)' 
_entity_poly.nstd_linkage                   no 
_entity_poly.nstd_monomer                   no 
_entity_poly.pdbx_seq_one_letter_code       
;RDSGTVWGALGHGINLNIPNFQMTDDIDEVRWERGSTLVAEFKRKPFLKSGAFEILANGDLKIKNLTRDDSGTYNVTVYS
TNGTRILDKALDLRILE
;
_entity_poly.pdbx_seq_one_letter_code_can   
;RDSGTVWGALGHGINLNIPNFQMTDDIDEVRWERGSTLVAEFKRKPFLKSGAFEILANGDLKIKNLTRDDSGTYNVTVYS
TNGTRILDKALDLRILE
;
_entity_poly.pdbx_strand_id                 A,B 
_entity_poly.pdbx_target_identifier         ? 
# 
_pdbx_entity_nonpoly.entity_id   2 
_pdbx_entity_nonpoly.name        water 
_pdbx_entity_nonpoly.comp_id     HOH 
# 
loop_
_entity_poly_seq.entity_id 
_entity_poly_seq.num 
_entity_poly_seq.mon_id 
_entity_poly_seq.hetero 
1 1  ARG n 
1 2  ASP n 
1 3  SER n 
1 4  GLY n 
1 5  THR n 
1 6  VAL n 
1 7  TRP n 
1 8  GLY n 
1 9  ALA n 
1 10 LEU n 
1 11 GLY n 
1 12 HIS n 
1 13 GLY n 
1 14 ILE n 
1 15 ASN n 
1 16 LEU n 
1 17 ASN n 
1 18 ILE n 
1 19 PRO n 
1 20 ASN n 
1 21 PHE n 
1 22 GLN n 
1 23 MET n 
1 24 THR n 
1 25 ASP n 
1 26 ASP n 
1 27 ILE n 
1 28 ASP n 
1 29 GLU n 
1 30 VAL n 
1 31 ARG n 
1 32 TRP n 
1 33 GLU n 
1 34 ARG n 
1 35 GLY n 
1 36 SER n 
1 37 THR n 
1 38 LEU n 
1 39 VAL n 
1 40 ALA n 
1 41 GLU n 
1 42 PHE n 
1 43 LYS n 
1 44 ARG n 
1 45 LYS n 
1 46 PRO n 
1 47 PHE n 
1 48 LEU n 
1 49 LYS n 
1 50 SER n 
1 51 GLY n 
1 52 ALA n 
1 53 PHE n 
1 54 GLU n 
1 55 ILE n 
1 56 LEU n 
1 57 ALA n 
1 58 ASN n 
1 59 GLY n 
1 60 ASP n 
1 61 LEU n 
1 62 LYS n 
1 63 ILE n 
1 64 LYS n 
1 65 ASN n 
1 66 LEU n 
1 67 THR n 
1 68 ARG n 
1 69 ASP n 
1 70 ASP n 
1 71 SER n 
1 72 GLY n 
1 73 THR n 
1 74 TYR n 
1 75 ASN n 
1 76 VAL n 
1 77 THR n 
1 78 VAL n 
1 79 TYR n 
1 80 SER n 
1 81 THR n 
1 82 ASN n 
1 83 GLY n 
1 84 THR n 
1 85 ARG n 
1 86 ILE n 
1 87 LEU n 
1 88 ASP n 
1 89 LYS n 
1 90 ALA n 
1 91 LEU n 
1 92 ASP n 
1 93 LEU n 
1 94 ARG n 
1 95 ILE n 
1 96 LEU n 
1 97 GLU n 
# 
_entity_src_gen.entity_id                          1 
_entity_src_gen.pdbx_src_id                        1 
_entity_src_gen.pdbx_alt_source_flag               sample 
_entity_src_gen.pdbx_seq_type                      ? 
_entity_src_gen.pdbx_beg_seq_num                   ? 
_entity_src_gen.pdbx_end_seq_num                   ? 
_entity_src_gen.gene_src_common_name               'Norway rat' 
_entity_src_gen.gene_src_genus                     Rattus 
_entity_src_gen.pdbx_gene_src_gene                 ? 
_entity_src_gen.gene_src_species                   ? 
_entity_src_gen.gene_src_strain                    ? 
_entity_src_gen.gene_src_tissue                    ? 
_entity_src_gen.gene_src_tissue_fraction           ? 
_entity_src_gen.gene_src_details                   ? 
_entity_src_gen.pdbx_gene_src_fragment             ? 
_entity_src_gen.pdbx_gene_src_scientific_name      'Rattus norvegicus' 
_entity_src_gen.pdbx_gene_src_ncbi_taxonomy_id     10116 
_entity_src_gen.pdbx_gene_src_variant              ? 
_entity_src_gen.pdbx_gene_src_cell_line            ? 
_entity_src_gen.pdbx_gene_src_atcc                 ? 
_entity_src_gen.pdbx_gene_src_organ                ? 
_entity_src_gen.pdbx_gene_src_organelle            ? 
_entity_src_gen.pdbx_gene_src_cell                 T-LYMPHOCYTES 
_entity_src_gen.pdbx_gene_src_cellular_location    ? 
_entity_src_gen.host_org_common_name               ? 
_entity_src_gen.pdbx_host_org_scientific_name      'Escherichia coli' 
_entity_src_gen.pdbx_host_org_ncbi_taxonomy_id     562 
_entity_src_gen.host_org_genus                     Escherichia 
_entity_src_gen.pdbx_host_org_gene                 ? 
_entity_src_gen.pdbx_host_org_organ                ? 
_entity_src_gen.host_org_species                   ? 
_entity_src_gen.pdbx_host_org_tissue               ? 
_entity_src_gen.pdbx_host_org_tissue_fraction      ? 
_entity_src_gen.pdbx_host_org_strain               MC1061 
_entity_src_gen.pdbx_host_org_variant              ? 
_entity_src_gen.pdbx_host_org_cell_line            ? 
_entity_src_gen.pdbx_host_org_atcc                 ? 
_entity_src_gen.pdbx_host_org_culture_collection   ? 
_entity_src_gen.pdbx_host_org_cell                 ? 
_entity_src_gen.pdbx_host_org_organelle            ? 
_entity_src_gen.pdbx_host_org_cellular_location    CYTOPLASM 
_entity_src_gen.pdbx_host_org_vector_type          PLASMID 
_entity_src_gen.pdbx_host_org_vector               ? 
_entity_src_gen.host_org_details                   ? 
_entity_src_gen.expression_system_id               ? 
_entity_src_gen.plasmid_name                       PGEX-2T 
_entity_src_gen.plasmid_details                    ? 
_entity_src_gen.pdbx_description                   ? 
# 
loop_
_chem_comp.id 
_chem_comp.type 
_chem_comp.mon_nstd_flag 
_chem_comp.name 
_chem_comp.pdbx_synonyms 
_chem_comp.formula 
_chem_comp.formula_weight 
ALA 'L-peptide linking' y ALANINE         ? 'C3 H7 N O2'     89.093  
ARG 'L-peptide linking' y ARGININE        ? 'C6 H15 N4 O2 1' 175.209 
ASN 'L-peptide linking' y ASPARAGINE      ? 'C4 H8 N2 O3'    132.118 
ASP 'L-peptide linking' y 'ASPARTIC ACID' ? 'C4 H7 N O4'     133.103 
GLN 'L-peptide linking' y GLUTAMINE       ? 'C5 H10 N2 O3'   146.144 
GLU 'L-peptide linking' y 'GLUTAMIC ACID' ? 'C5 H9 N O4'     147.129 
GLY 'peptide linking'   y GLYCINE         ? 'C2 H5 N O2'     75.067  
HIS 'L-peptide linking' y HISTIDINE       ? 'C6 H10 N3 O2 1' 156.162 
HOH non-polymer         . WATER           ? 'H2 O'           18.015  
ILE 'L-peptide linking' y ISOLEUCINE      ? 'C6 H13 N O2'    131.173 
LEU 'L-peptide linking' y LEUCINE         ? 'C6 H13 N O2'    131.173 
LYS 'L-peptide linking' y LYSINE          ? 'C6 H15 N2 O2 1' 147.195 
MET 'L-peptide linking' y METHIONINE      ? 'C5 H11 N O2 S'  149.211 
PHE 'L-peptide linking' y PHENYLALANINE   ? 'C9 H11 N O2'    165.189 
PRO 'L-peptide linking' y PROLINE         ? 'C5 H9 N O2'     115.130 
SER 'L-peptide linking' y SERINE          ? 'C3 H7 N O3'     105.093 
THR 'L-peptide linking' y THREONINE       ? 'C4 H9 N O3'     119.119 
TRP 'L-peptide linking' y TRYPTOPHAN      ? 'C11 H12 N2 O2'  204.225 
TYR 'L-peptide linking' y TYROSINE        ? 'C9 H11 N O3'    181.189 
VAL 'L-peptide linking' y VALINE          ? 'C5 H11 N O2'    117.146 
# 
loop_
_pdbx_poly_seq_scheme.asym_id 
_pdbx_poly_seq_scheme.entity_id 
_pdbx_poly_seq_scheme.seq_id 
_pdbx_poly_seq_scheme.mon_id 
_pdbx_poly_seq_scheme.ndb_seq_num 
_pdbx_poly_seq_scheme.pdb_seq_num 
_pdbx_poly_seq_scheme.auth_seq_num 
_pdbx_poly_seq_scheme.pdb_mon_id 
_pdbx_poly_seq_scheme.auth_mon_id 
_pdbx_poly_seq_scheme.pdb_strand_id 
_pdbx_poly_seq_scheme.pdb_ins_code 
_pdbx_poly_seq_scheme.hetero 
A 1 1  ARG 1  1  ?  ?   ?   A . n 
A 1 2  ASP 2  2  ?  ?   ?   A . n 
A 1 3  SER 3  3  ?  ?   ?   A . n 
A 1 4  GLY 4  4  4  GLY GLY A . n 
A 1 5  THR 5  5  5  THR THR A . n 
A 1 6  VAL 6  6  6  VAL VAL A . n 
A 1 7  TRP 7  7  7  TRP TRP A . n 
A 1 8  GLY 8  8  8  GLY GLY A . n 
A 1 9  ALA 9  9  9  ALA ALA A . n 
A 1 10 LEU 10 10 10 LEU LEU A . n 
A 1 11 GLY 11 11 11 GLY GLY A . n 
A 1 12 HIS 12 12 12 HIS HIS A . n 
A 1 13 GLY 13 13 13 GLY GLY A . n 
A 1 14 ILE 14 14 14 ILE ILE A . n 
A 1 15 ASN 15 15 15 ASN ASN A . n 
A 1 16 LEU 16 16 16 LEU LEU A . n 
A 1 17 ASN 17 17 17 ASN ASN A . n 
A 1 18 ILE 18 18 18 ILE ILE A . n 
A 1 19 PRO 19 19 19 PRO PRO A . n 
A 1 20 ASN 20 20 20 ASN ASN A . n 
A 1 21 PHE 21 21 21 PHE PHE A . n 
A 1 22 GLN 22 22 22 GLN GLN A . n 
A 1 23 MET 23 23 23 MET MET A . n 
A 1 24 THR 24 24 24 THR THR A . n 
A 1 25 ASP 25 25 25 ASP ASP A . n 
A 1 26 ASP 26 26 26 ASP ASP A . n 
A 1 27 ILE 27 27 27 ILE ILE A . n 
A 1 28 ASP 28 28 28 ASP ASP A . n 
A 1 29 GLU 29 29 29 GLU GLU A . n 
A 1 30 VAL 30 30 30 VAL VAL A . n 
A 1 31 ARG 31 31 31 ARG ARG A . n 
A 1 32 TRP 32 32 32 TRP TRP A . n 
A 1 33 GLU 33 33 33 GLU GLU A . n 
A 1 34 ARG 34 34 34 ARG ARG A . n 
A 1 35 GLY 35 35 35 GLY GLY A . n 
A 1 36 SER 36 36 36 SER SER A . n 
A 1 37 THR 37 37 37 THR THR A . n 
A 1 38 LEU 38 38 38 LEU LEU A . n 
A 1 39 VAL 39 39 39 VAL VAL A . n 
A 1 40 ALA 40 40 40 ALA ALA A . n 
A 1 41 GLU 41 41 41 GLU GLU A . n 
A 1 42 PHE 42 42 42 PHE PHE A . n 
A 1 43 LYS 43 43 43 LYS LYS A . n 
A 1 44 ARG 44 44 44 ARG ARG A . n 
A 1 45 LYS 45 45 45 LYS LYS A . n 
A 1 46 PRO 46 48 48 PRO PRO A . n 
A 1 47 PHE 47 49 49 PHE PHE A . n 
A 1 48 LEU 48 50 50 LEU LEU A . n 
A 1 49 LYS 49 51 51 LYS LYS A . n 
A 1 50 SER 50 52 52 SER SER A . n 
A 1 51 GLY 51 53 53 GLY GLY A . n 
A 1 52 ALA 52 54 54 ALA ALA A . n 
A 1 53 PHE 53 55 55 PHE PHE A . n 
A 1 54 GLU 54 56 56 GLU GLU A . n 
A 1 55 ILE 55 57 57 ILE ILE A . n 
A 1 56 LEU 56 58 58 LEU LEU A . n 
A 1 57 ALA 57 59 59 ALA ALA A . n 
A 1 58 ASN 58 60 60 ASN ASN A . n 
A 1 59 GLY 59 61 61 GLY GLY A . n 
A 1 60 ASP 60 62 62 ASP ASP A . n 
A 1 61 LEU 61 63 63 LEU LEU A . n 
A 1 62 LYS 62 64 64 LYS LYS A . n 
A 1 63 ILE 63 65 65 ILE ILE A . n 
A 1 64 LYS 64 66 66 LYS LYS A . n 
A 1 65 ASN 65 67 67 ASN ASN A . n 
A 1 66 LEU 66 68 68 LEU LEU A . n 
A 1 67 THR 67 69 69 THR THR A . n 
A 1 68 ARG 68 70 70 ARG ARG A . n 
A 1 69 ASP 69 71 71 ASP ASP A . n 
A 1 70 ASP 70 72 72 ASP ASP A . n 
A 1 71 SER 71 73 73 SER SER A . n 
A 1 72 GLY 72 74 74 GLY GLY A . n 
A 1 73 THR 73 75 75 THR THR A . n 
A 1 74 TYR 74 76 76 TYR TYR A . n 
A 1 75 ASN 75 77 77 ASN ASN A . n 
A 1 76 VAL 76 78 78 VAL VAL A . n 
A 1 77 THR 77 79 79 THR THR A . n 
A 1 78 VAL 78 80 80 VAL VAL A . n 
A 1 79 TYR 79 81 81 TYR TYR A . n 
A 1 80 SER 80 82 82 SER SER A . n 
A 1 81 THR 81 83 83 THR THR A . n 
A 1 82 ASN 82 84 84 ASN ASN A . n 
A 1 83 GLY 83 85 85 GLY GLY A . n 
A 1 84 THR 84 86 86 THR THR A . n 
A 1 85 ARG 85 87 87 ARG ARG A . n 
A 1 86 ILE 86 88 88 ILE ILE A . n 
A 1 87 LEU 87 89 89 LEU LEU A . n 
A 1 88 ASP 88 90 90 ASP ASP A . n 
A 1 89 LYS 89 91 91 LYS LYS A . n 
A 1 90 ALA 90 92 92 ALA ALA A . n 
A 1 91 LEU 91 93 93 LEU LEU A . n 
A 1 92 ASP 92 94 94 ASP ASP A . n 
A 1 93 LEU 93 95 95 LEU LEU A . n 
A 1 94 ARG 94 96 96 ARG ARG A . n 
A 1 95 ILE 95 97 97 ILE ILE A . n 
A 1 96 LEU 96 98 98 LEU LEU A . n 
A 1 97 GLU 97 99 99 GLU GLU A . n 
B 1 1  ARG 1  1  ?  ?   ?   B . n 
B 1 2  ASP 2  2  ?  ?   ?   B . n 
B 1 3  SER 3  3  ?  ?   ?   B . n 
B 1 4  GLY 4  4  4  GLY GLY B . n 
B 1 5  THR 5  5  5  THR THR B . n 
B 1 6  VAL 6  6  6  VAL VAL B . n 
B 1 7  TRP 7  7  7  TRP TRP B . n 
B 1 8  GLY 8  8  8  GLY GLY B . n 
B 1 9  ALA 9  9  9  ALA ALA B . n 
B 1 10 LEU 10 10 10 LEU LEU B . n 
B 1 11 GLY 11 11 11 GLY GLY B . n 
B 1 12 HIS 12 12 12 HIS HIS B . n 
B 1 13 GLY 13 13 13 GLY GLY B . n 
B 1 14 ILE 14 14 14 ILE ILE B . n 
B 1 15 ASN 15 15 15 ASN ASN B . n 
B 1 16 LEU 16 16 16 LEU LEU B . n 
B 1 17 ASN 17 17 17 ASN ASN B . n 
B 1 18 ILE 18 18 18 ILE ILE B . n 
B 1 19 PRO 19 19 19 PRO PRO B . n 
B 1 20 ASN 20 20 20 ASN ASN B . n 
B 1 21 PHE 21 21 21 PHE PHE B . n 
B 1 22 GLN 22 22 22 GLN GLN B . n 
B 1 23 MET 23 23 23 MET MET B . n 
B 1 24 THR 24 24 24 THR THR B . n 
B 1 25 ASP 25 25 25 ASP ASP B . n 
B 1 26 ASP 26 26 26 ASP ASP B . n 
B 1 27 ILE 27 27 27 ILE ILE B . n 
B 1 28 ASP 28 28 28 ASP ASP B . n 
B 1 29 GLU 29 29 29 GLU GLU B . n 
B 1 30 VAL 30 30 30 VAL VAL B . n 
B 1 31 ARG 31 31 31 ARG ARG B . n 
B 1 32 TRP 32 32 32 TRP TRP B . n 
B 1 33 GLU 33 33 33 GLU GLU B . n 
B 1 34 ARG 34 34 34 ARG ARG B . n 
B 1 35 GLY 35 35 35 GLY GLY B . n 
B 1 36 SER 36 36 36 SER SER B . n 
B 1 37 THR 37 37 37 THR THR B . n 
B 1 38 LEU 38 38 38 LEU LEU B . n 
B 1 39 VAL 39 39 39 VAL VAL B . n 
B 1 40 ALA 40 40 40 ALA ALA B . n 
B 1 41 GLU 41 41 41 GLU GLU B . n 
B 1 42 PHE 42 42 42 PHE PHE B . n 
B 1 43 LYS 43 43 43 LYS LYS B . n 
B 1 44 ARG 44 44 44 ARG ARG B . n 
B 1 45 LYS 45 45 45 LYS LYS B . n 
B 1 46 PRO 46 48 48 PRO PRO B . n 
B 1 47 PHE 47 49 49 PHE PHE B . n 
B 1 48 LEU 48 50 50 LEU LEU B . n 
B 1 49 LYS 49 51 51 LYS LYS B . n 
B 1 50 SER 50 52 52 SER SER B . n 
B 1 51 GLY 51 53 53 GLY GLY B . n 
B 1 52 ALA 52 54 54 ALA ALA B . n 
B 1 53 PHE 53 55 55 PHE PHE B . n 
B 1 54 GLU 54 56 56 GLU GLU B . n 
B 1 55 ILE 55 57 57 ILE ILE B . n 
B 1 56 LEU 56 58 58 LEU LEU B . n 
B 1 57 ALA 57 59 59 ALA ALA B . n 
B 1 58 ASN 58 60 60 ASN ASN B . n 
B 1 59 GLY 59 61 61 GLY GLY B . n 
B 1 60 ASP 60 62 62 ASP ASP B . n 
B 1 61 LEU 61 63 63 LEU LEU B . n 
B 1 62 LYS 62 64 64 LYS LYS B . n 
B 1 63 ILE 63 65 65 ILE ILE B . n 
B 1 64 LYS 64 66 66 LYS LYS B . n 
B 1 65 ASN 65 67 67 ASN ASN B . n 
B 1 66 LEU 66 68 68 LEU LEU B . n 
B 1 67 THR 67 69 69 THR THR B . n 
B 1 68 ARG 68 70 70 ARG ARG B . n 
B 1 69 ASP 69 71 71 ASP ASP B . n 
B 1 70 ASP 70 72 72 ASP ASP B . n 
B 1 71 SER 71 73 73 SER SER B . n 
B 1 72 GLY 72 74 74 GLY GLY B . n 
B 1 73 THR 73 75 75 THR THR B . n 
B 1 74 TYR 74 76 76 TYR TYR B . n 
B 1 75 ASN 75 77 77 ASN ASN B . n 
B 1 76 VAL 76 78 78 VAL VAL B . n 
B 1 77 THR 77 79 79 THR THR B . n 
B 1 78 VAL 78 80 80 VAL VAL B . n 
B 1 79 TYR 79 81 81 TYR TYR B . n 
B 1 80 SER 80 82 82 SER SER B . n 
B 1 81 THR 81 83 83 THR THR B . n 
B 1 82 ASN 82 84 84 ASN ASN B . n 
B 1 83 GLY 83 85 85 GLY GLY B . n 
B 1 84 THR 84 86 86 THR THR B . n 
B 1 85 ARG 85 87 87 ARG ARG B . n 
B 1 86 ILE 86 88 88 ILE ILE B . n 
B 1 87 LEU 87 89 89 LEU LEU B . n 
B 1 88 ASP 88 90 90 ASP ASP B . n 
B 1 89 LYS 89 91 91 LYS LYS B . n 
B 1 90 ALA 90 92 92 ALA ALA B . n 
B 1 91 LEU 91 93 93 LEU LEU B . n 
B 1 92 ASP 92 94 94 ASP ASP B . n 
B 1 93 LEU 93 95 95 LEU LEU B . n 
B 1 94 ARG 94 96 96 ARG ARG B . n 
B 1 95 ILE 95 97 97 ILE ILE B . n 
B 1 96 LEU 96 98 98 LEU LEU B . n 
B 1 97 GLU 97 99 99 GLU GLU B . n 
# 
loop_
_pdbx_nonpoly_scheme.asym_id 
_pdbx_nonpoly_scheme.entity_id 
_pdbx_nonpoly_scheme.mon_id 
_pdbx_nonpoly_scheme.ndb_seq_num 
_pdbx_nonpoly_scheme.pdb_seq_num 
_pdbx_nonpoly_scheme.auth_seq_num 
_pdbx_nonpoly_scheme.pdb_mon_id 
_pdbx_nonpoly_scheme.auth_mon_id 
_pdbx_nonpoly_scheme.pdb_strand_id 
_pdbx_nonpoly_scheme.pdb_ins_code 
C 2 HOH 1  100 2  HOH HOH A . 
C 2 HOH 2  101 3  HOH HOH A . 
C 2 HOH 3  102 5  HOH HOH A . 
C 2 HOH 4  103 6  HOH HOH A . 
C 2 HOH 5  104 8  HOH HOH A . 
C 2 HOH 6  105 9  HOH HOH A . 
C 2 HOH 7  106 11 HOH HOH A . 
C 2 HOH 8  107 13 HOH HOH A . 
C 2 HOH 9  108 16 HOH HOH A . 
C 2 HOH 10 109 20 HOH HOH A . 
C 2 HOH 11 110 26 HOH HOH A . 
C 2 HOH 12 111 28 HOH HOH A . 
C 2 HOH 13 112 29 HOH HOH A . 
C 2 HOH 14 113 30 HOH HOH A . 
C 2 HOH 15 114 32 HOH HOH A . 
C 2 HOH 16 115 37 HOH HOH A . 
C 2 HOH 17 116 38 HOH HOH A . 
C 2 HOH 18 117 43 HOH HOH A . 
C 2 HOH 19 118 44 HOH HOH A . 
C 2 HOH 20 119 45 HOH HOH A . 
C 2 HOH 21 120 46 HOH HOH A . 
C 2 HOH 22 121 48 HOH HOH A . 
C 2 HOH 23 122 52 HOH HOH A . 
C 2 HOH 24 123 56 HOH HOH A . 
C 2 HOH 25 124 57 HOH HOH A . 
C 2 HOH 26 125 60 HOH HOH A . 
C 2 HOH 27 126 65 HOH HOH A . 
C 2 HOH 28 127 68 HOH HOH A . 
D 2 HOH 1  100 1  HOH HOH B . 
D 2 HOH 2  101 4  HOH HOH B . 
D 2 HOH 3  102 7  HOH HOH B . 
D 2 HOH 4  103 10 HOH HOH B . 
D 2 HOH 5  104 12 HOH HOH B . 
D 2 HOH 6  105 14 HOH HOH B . 
D 2 HOH 7  106 15 HOH HOH B . 
D 2 HOH 8  107 17 HOH HOH B . 
D 2 HOH 9  108 18 HOH HOH B . 
D 2 HOH 10 109 19 HOH HOH B . 
D 2 HOH 11 110 21 HOH HOH B . 
D 2 HOH 12 111 22 HOH HOH B . 
D 2 HOH 13 112 23 HOH HOH B . 
D 2 HOH 14 113 24 HOH HOH B . 
D 2 HOH 15 114 25 HOH HOH B . 
D 2 HOH 16 115 27 HOH HOH B . 
D 2 HOH 17 116 31 HOH HOH B . 
D 2 HOH 18 117 33 HOH HOH B . 
D 2 HOH 19 118 34 HOH HOH B . 
D 2 HOH 20 119 35 HOH HOH B . 
D 2 HOH 21 120 36 HOH HOH B . 
D 2 HOH 22 121 39 HOH HOH B . 
D 2 HOH 23 122 40 HOH HOH B . 
D 2 HOH 24 123 41 HOH HOH B . 
D 2 HOH 25 124 42 HOH HOH B . 
D 2 HOH 26 125 49 HOH HOH B . 
D 2 HOH 27 126 50 HOH HOH B . 
D 2 HOH 28 127 51 HOH HOH B . 
D 2 HOH 29 128 53 HOH HOH B . 
D 2 HOH 30 129 54 HOH HOH B . 
D 2 HOH 31 130 58 HOH HOH B . 
D 2 HOH 32 131 61 HOH HOH B . 
D 2 HOH 33 132 62 HOH HOH B . 
D 2 HOH 34 133 63 HOH HOH B . 
D 2 HOH 35 134 69 HOH HOH B . 
# 
loop_
_software.name 
_software.classification 
_software.version 
_software.citation_id 
_software.pdbx_ordinal 
X-PLOR    'model building' 3.851 ? 1 
X-PLOR    refinement       3.851 ? 2 
DENZO     'data reduction' .     ? 3 
SCALEPACK 'data scaling'   .     ? 4 
X-PLOR    phasing          3.851 ? 5 
# 
_cell.entry_id           1A64 
_cell.length_a           40.720 
_cell.length_b           40.720 
_cell.length_c           105.840 
_cell.angle_alpha        90.00 
_cell.angle_beta         90.00 
_cell.angle_gamma        90.00 
_cell.Z_PDB              8 
_cell.pdbx_unique_axis   ? 
# 
_symmetry.entry_id                         1A64 
_symmetry.space_group_name_H-M             'P 43' 
_symmetry.pdbx_full_space_group_name_H-M   ? 
_symmetry.cell_setting                     ? 
_symmetry.Int_Tables_number                78 
# 
_exptl.entry_id          1A64 
_exptl.method            'X-RAY DIFFRACTION' 
_exptl.crystals_number   1 
# 
_exptl_crystal.id                    1 
_exptl_crystal.density_meas          ? 
_exptl_crystal.density_Matthews      2.01 
_exptl_crystal.density_percent_sol   32.0 
_exptl_crystal.description           ? 
# 
_exptl_crystal_grow.crystal_id      1 
_exptl_crystal_grow.method          ? 
_exptl_crystal_grow.temp            ? 
_exptl_crystal_grow.temp_details    ? 
_exptl_crystal_grow.pH              4.6 
_exptl_crystal_grow.pdbx_pH_range   ? 
_exptl_crystal_grow.pdbx_details    '20% MPD, 200MM NACL, 0.1M NACO, PH 4.6' 
# 
_diffrn.id                     1 
_diffrn.ambient_temp           100 
_diffrn.ambient_temp_details   ? 
_diffrn.crystal_id             1 
# 
_diffrn_detector.diffrn_id              1 
_diffrn_detector.detector               'IMAGE PLATE' 
_diffrn_detector.type                   MARRESEARCH 
_diffrn_detector.pdbx_collection_date   1997-08 
_diffrn_detector.details                MIRRORS 
# 
_diffrn_radiation.diffrn_id                        1 
_diffrn_radiation.wavelength_id                    1 
_diffrn_radiation.pdbx_monochromatic_or_laue_m_l   M 
_diffrn_radiation.monochromator                    MIRRORS 
_diffrn_radiation.pdbx_diffrn_protocol             ? 
_diffrn_radiation.pdbx_scattering_type             x-ray 
# 
_diffrn_radiation_wavelength.id           1 
_diffrn_radiation_wavelength.wavelength   1.488 
_diffrn_radiation_wavelength.wt           1.0 
# 
_diffrn_source.diffrn_id                   1 
_diffrn_source.source                      SYNCHROTRON 
_diffrn_source.type                        'SRS BEAMLINE PX7.2' 
_diffrn_source.pdbx_synchrotron_site       SRS 
_diffrn_source.pdbx_synchrotron_beamline   PX7.2 
_diffrn_source.pdbx_wavelength             1.488 
_diffrn_source.pdbx_wavelength_list        ? 
# 
_reflns.entry_id                     1A64 
_reflns.observed_criterion_sigma_I   0. 
_reflns.observed_criterion_sigma_F   ? 
_reflns.d_resolution_low             15. 
_reflns.d_resolution_high            2.0 
_reflns.number_obs                   11660 
_reflns.number_all                   ? 
_reflns.percent_possible_obs         97.8 
_reflns.pdbx_Rmerge_I_obs            0.0430000 
_reflns.pdbx_Rsym_value              0.0430000 
_reflns.pdbx_netI_over_sigmaI        19.87 
_reflns.B_iso_Wilson_estimate        25.90 
_reflns.pdbx_redundancy              6.09 
_reflns.pdbx_diffrn_id               1 
_reflns.pdbx_ordinal                 1 
# 
_reflns_shell.d_res_high             2.0 
_reflns_shell.d_res_low              2.09 
_reflns_shell.percent_possible_all   99.8 
_reflns_shell.Rmerge_I_obs           0.2710000 
_reflns_shell.pdbx_Rsym_value        0.2710000 
_reflns_shell.meanI_over_sigI_obs    3.15 
_reflns_shell.pdbx_redundancy        ? 
_reflns_shell.pdbx_diffrn_id         ? 
_reflns_shell.pdbx_ordinal           1 
# 
_refine.entry_id                                 1A64 
_refine.ls_number_reflns_obs                     10920 
_refine.ls_number_reflns_all                     ? 
_refine.pdbx_ls_sigma_I                          ? 
_refine.pdbx_ls_sigma_F                          0. 
_refine.pdbx_data_cutoff_high_absF               0.001 
_refine.pdbx_data_cutoff_low_absF                1000000 
_refine.pdbx_data_cutoff_high_rms_absF           ? 
_refine.ls_d_res_low                             15. 
_refine.ls_d_res_high                            2.0 
_refine.ls_percent_reflns_obs                    97.8 
_refine.ls_R_factor_obs                          0.2306000 
_refine.ls_R_factor_all                          ? 
_refine.ls_R_factor_R_work                       0.2306000 
_refine.ls_R_factor_R_free                       0.2730000 
_refine.ls_R_factor_R_free_error                 ? 
_refine.ls_R_factor_R_free_error_details         ? 
_refine.ls_percent_reflns_R_free                 5. 
_refine.ls_number_reflns_R_free                  519 
_refine.ls_number_parameters                     ? 
_refine.ls_number_restraints                     ? 
_refine.occupancy_min                            ? 
_refine.occupancy_max                            ? 
_refine.B_iso_mean                               34.08 
_refine.aniso_B[1][1]                            ? 
_refine.aniso_B[2][2]                            ? 
_refine.aniso_B[3][3]                            ? 
_refine.aniso_B[1][2]                            ? 
_refine.aniso_B[1][3]                            ? 
_refine.aniso_B[2][3]                            ? 
_refine.solvent_model_details                    ? 
_refine.solvent_model_param_ksol                 ? 
_refine.solvent_model_param_bsol                 ? 
_refine.pdbx_ls_cross_valid_method               THROUGHOUT 
_refine.details                                  ? 
_refine.pdbx_starting_model                      'PDB ENTRY 1HNG' 
_refine.pdbx_method_to_determine_struct          'MOLECULAR REPLACEMENT' 
_refine.pdbx_isotropic_thermal_model             ? 
_refine.pdbx_stereochemistry_target_values       ? 
_refine.pdbx_stereochem_target_val_spec_case     ? 
_refine.pdbx_R_Free_selection_details            RANDOM 
_refine.pdbx_overall_ESU_R                       ? 
_refine.pdbx_overall_ESU_R_Free                  ? 
_refine.overall_SU_ML                            ? 
_refine.overall_SU_B                             ? 
_refine.pdbx_refine_id                           'X-RAY DIFFRACTION' 
_refine.pdbx_diffrn_id                           1 
_refine.pdbx_TLS_residual_ADP_flag               ? 
_refine.correlation_coeff_Fo_to_Fc               ? 
_refine.correlation_coeff_Fo_to_Fc_free          ? 
_refine.pdbx_solvent_vdw_probe_radii             ? 
_refine.pdbx_solvent_ion_probe_radii             ? 
_refine.pdbx_solvent_shrinkage_radii             ? 
_refine.pdbx_overall_phase_error                 ? 
_refine.overall_SU_R_Cruickshank_DPI             ? 
_refine.pdbx_overall_SU_R_free_Cruickshank_DPI   ? 
_refine.pdbx_overall_SU_R_Blow_DPI               ? 
_refine.pdbx_overall_SU_R_free_Blow_DPI          ? 
# 
_refine_hist.pdbx_refine_id                   'X-RAY DIFFRACTION' 
_refine_hist.cycle_id                         LAST 
_refine_hist.pdbx_number_atoms_protein        1484 
_refine_hist.pdbx_number_atoms_nucleic_acid   0 
_refine_hist.pdbx_number_atoms_ligand         0 
_refine_hist.number_atoms_solvent             69 
_refine_hist.number_atoms_total               1553 
_refine_hist.d_res_high                       2.0 
_refine_hist.d_res_low                        15. 
# 
loop_
_refine_ls_restr.type 
_refine_ls_restr.dev_ideal 
_refine_ls_restr.dev_ideal_target 
_refine_ls_restr.weight 
_refine_ls_restr.number 
_refine_ls_restr.pdbx_refine_id 
_refine_ls_restr.pdbx_restraint_function 
x_bond_d                0.010 ? ? ? 'X-RAY DIFFRACTION' ? 
x_bond_d_na             ?     ? ? ? 'X-RAY DIFFRACTION' ? 
x_bond_d_prot           ?     ? ? ? 'X-RAY DIFFRACTION' ? 
x_angle_d               ?     ? ? ? 'X-RAY DIFFRACTION' ? 
x_angle_d_na            ?     ? ? ? 'X-RAY DIFFRACTION' ? 
x_angle_d_prot          ?     ? ? ? 'X-RAY DIFFRACTION' ? 
x_angle_deg             1.623 ? ? ? 'X-RAY DIFFRACTION' ? 
x_angle_deg_na          ?     ? ? ? 'X-RAY DIFFRACTION' ? 
x_angle_deg_prot        ?     ? ? ? 'X-RAY DIFFRACTION' ? 
x_dihedral_angle_d      ?     ? ? ? 'X-RAY DIFFRACTION' ? 
x_dihedral_angle_d_na   ?     ? ? ? 'X-RAY DIFFRACTION' ? 
x_dihedral_angle_d_prot ?     ? ? ? 'X-RAY DIFFRACTION' ? 
x_improper_angle_d      ?     ? ? ? 'X-RAY DIFFRACTION' ? 
x_improper_angle_d_na   ?     ? ? ? 'X-RAY DIFFRACTION' ? 
x_improper_angle_d_prot ?     ? ? ? 'X-RAY DIFFRACTION' ? 
x_mcbond_it             ?     ? ? ? 'X-RAY DIFFRACTION' ? 
x_mcangle_it            ?     ? ? ? 'X-RAY DIFFRACTION' ? 
x_scbond_it             ?     ? ? ? 'X-RAY DIFFRACTION' ? 
x_scangle_it            ?     ? ? ? 'X-RAY DIFFRACTION' ? 
# 
_refine_ls_shell.pdbx_total_number_of_bins_used   8 
_refine_ls_shell.d_res_high                       2.0 
_refine_ls_shell.d_res_low                        2.09 
_refine_ls_shell.number_reflns_R_work             1246 
_refine_ls_shell.R_factor_R_work                  0.3433000 
_refine_ls_shell.percent_reflns_obs               99.8 
_refine_ls_shell.R_factor_R_free                  0.3406000 
_refine_ls_shell.R_factor_R_free_error            ? 
_refine_ls_shell.percent_reflns_R_free            5. 
_refine_ls_shell.number_reflns_R_free             64 
_refine_ls_shell.pdbx_refine_id                   'X-RAY DIFFRACTION' 
_refine_ls_shell.number_reflns_all                ? 
_refine_ls_shell.R_factor_all                     ? 
# 
loop_
_pdbx_xplor_file.serial_no 
_pdbx_xplor_file.param_file 
_pdbx_xplor_file.topol_file 
_pdbx_xplor_file.pdbx_refine_id 
1 TOPPAR:PARHCSDX.PRO TOPPAR:TOPHCSDX.PRO 'X-RAY DIFFRACTION' 
2 ?                   ?                   'X-RAY DIFFRACTION' 
# 
_struct.entry_id                  1A64 
_struct.title                     'ENGINEERING A MISFOLDED FORM OF RAT CD2' 
_struct.pdbx_model_details        ? 
_struct.pdbx_CASP_flag            ? 
_struct.pdbx_model_type_details   ? 
# 
_struct_keywords.entry_id        1A64 
_struct_keywords.pdbx_keywords   'DOMAIN SWAPPING' 
_struct_keywords.text            'DOMAIN SWAPPING, HINGE LOOP, OLIGOMER EVOLUTION' 
# 
loop_
_struct_asym.id 
_struct_asym.pdbx_blank_PDB_chainid_flag 
_struct_asym.pdbx_modified 
_struct_asym.entity_id 
_struct_asym.details 
A N N 1 ? 
B N N 1 ? 
C N N 2 ? 
D N N 2 ? 
# 
_struct_ref.id                         1 
_struct_ref.db_name                    UNP 
_struct_ref.db_code                    CD2_RAT 
_struct_ref.entity_id                  1 
_struct_ref.pdbx_db_accession          P08921 
_struct_ref.pdbx_align_begin           1 
_struct_ref.pdbx_seq_one_letter_code   
;MRCKFLGSFFLLFSLSSKGADCRDSGTVWGALGHGINLNIPNFQMTDDIDEVRWERGSTLVAEFKRKMKPFLKSGAFEIL
ANGDLKIKNLTRDDSGTYNVTVYSTNGTRILDKALDLRILEMVSKPMIYWECSNATLTCEVLEGTDVELKLYQGKEHLRS
LRQKTMSYQWTNLRAPFKCKAVNRVSQESEMEVVNCPEKGLPLYLIVGVSAGGLLLVFFGALFIFCICKRKKRNRRRKGE
ELEIKASRMSTVERGPKPHSTQASAPASQNPVASQAPPPPGHHLQTPGHRPLPPSHRNREHQPKKRPPPSGTQVHQQKGP
PLPRPRVQPKPPCGSGDVSLPPPN
;
_struct_ref.pdbx_db_isoform            ? 
# 
loop_
_struct_ref_seq.align_id 
_struct_ref_seq.ref_id 
_struct_ref_seq.pdbx_PDB_id_code 
_struct_ref_seq.pdbx_strand_id 
_struct_ref_seq.seq_align_beg 
_struct_ref_seq.pdbx_seq_align_beg_ins_code 
_struct_ref_seq.seq_align_end 
_struct_ref_seq.pdbx_seq_align_end_ins_code 
_struct_ref_seq.pdbx_db_accession 
_struct_ref_seq.db_align_beg 
_struct_ref_seq.pdbx_db_align_beg_ins_code 
_struct_ref_seq.db_align_end 
_struct_ref_seq.pdbx_db_align_end_ins_code 
_struct_ref_seq.pdbx_auth_seq_align_beg 
_struct_ref_seq.pdbx_auth_seq_align_end 
1 1 1A64 A 1 ? 97 ? P08921 23 ? 121 ? 1 99 
2 1 1A64 B 1 ? 97 ? P08921 23 ? 121 ? 1 99 
# 
loop_
_struct_ref_seq_dif.align_id 
_struct_ref_seq_dif.pdbx_pdb_id_code 
_struct_ref_seq_dif.mon_id 
_struct_ref_seq_dif.pdbx_pdb_strand_id 
_struct_ref_seq_dif.seq_num 
_struct_ref_seq_dif.pdbx_pdb_ins_code 
_struct_ref_seq_dif.pdbx_seq_db_name 
_struct_ref_seq_dif.pdbx_seq_db_accession_code 
_struct_ref_seq_dif.db_mon_id 
_struct_ref_seq_dif.pdbx_seq_db_seq_num 
_struct_ref_seq_dif.details 
_struct_ref_seq_dif.pdbx_auth_seq_num 
_struct_ref_seq_dif.pdbx_ordinal 
1 1A64 ? A ? ? UNP P08921 MET 68 deletion ? 1 
1 1A64 ? A ? ? UNP P08921 LYS 69 deletion ? 2 
2 1A64 ? B ? ? UNP P08921 MET 68 deletion ? 3 
2 1A64 ? B ? ? UNP P08921 LYS 69 deletion ? 4 
# 
_pdbx_struct_assembly.id                   1 
_pdbx_struct_assembly.details              author_and_software_defined_assembly 
_pdbx_struct_assembly.method_details       PISA 
_pdbx_struct_assembly.oligomeric_details   dimeric 
_pdbx_struct_assembly.oligomeric_count     2 
# 
loop_
_pdbx_struct_assembly_prop.biol_id 
_pdbx_struct_assembly_prop.type 
_pdbx_struct_assembly_prop.value 
_pdbx_struct_assembly_prop.details 
1 'ABSA (A^2)' 7320  ? 
1 MORE         -38   ? 
1 'SSA (A^2)'  10590 ? 
# 
_pdbx_struct_assembly_gen.assembly_id       1 
_pdbx_struct_assembly_gen.oper_expression   1 
_pdbx_struct_assembly_gen.asym_id_list      A,B,C,D 
# 
_pdbx_struct_oper_list.id                   1 
_pdbx_struct_oper_list.type                 'identity operation' 
_pdbx_struct_oper_list.name                 1_555 
_pdbx_struct_oper_list.symmetry_operation   x,y,z 
_pdbx_struct_oper_list.matrix[1][1]         1.0000000000 
_pdbx_struct_oper_list.matrix[1][2]         0.0000000000 
_pdbx_struct_oper_list.matrix[1][3]         0.0000000000 
_pdbx_struct_oper_list.vector[1]            0.0000000000 
_pdbx_struct_oper_list.matrix[2][1]         0.0000000000 
_pdbx_struct_oper_list.matrix[2][2]         1.0000000000 
_pdbx_struct_oper_list.matrix[2][3]         0.0000000000 
_pdbx_struct_oper_list.vector[2]            0.0000000000 
_pdbx_struct_oper_list.matrix[3][1]         0.0000000000 
_pdbx_struct_oper_list.matrix[3][2]         0.0000000000 
_pdbx_struct_oper_list.matrix[3][3]         1.0000000000 
_pdbx_struct_oper_list.vector[3]            0.0000000000 
# 
_struct_biol.id   1 
# 
loop_
_struct_conf.conf_type_id 
_struct_conf.id 
_struct_conf.pdbx_PDB_helix_id 
_struct_conf.beg_label_comp_id 
_struct_conf.beg_label_asym_id 
_struct_conf.beg_label_seq_id 
_struct_conf.pdbx_beg_PDB_ins_code 
_struct_conf.end_label_comp_id 
_struct_conf.end_label_asym_id 
_struct_conf.end_label_seq_id 
_struct_conf.pdbx_end_PDB_ins_code 
_struct_conf.beg_auth_comp_id 
_struct_conf.beg_auth_asym_id 
_struct_conf.beg_auth_seq_id 
_struct_conf.end_auth_comp_id 
_struct_conf.end_auth_asym_id 
_struct_conf.end_auth_seq_id 
_struct_conf.pdbx_PDB_helix_class 
_struct_conf.details 
_struct_conf.pdbx_PDB_helix_length 
HELX_P HELX_P1 1 ARG A 68 ? ASP A 70 ? ARG A 70 ASP A 72 5 ? 3 
HELX_P HELX_P2 2 ARG B 68 ? ASP B 70 ? ARG B 70 ASP B 72 5 ? 3 
# 
_struct_conf_type.id          HELX_P 
_struct_conf_type.criteria    ? 
_struct_conf_type.reference   ? 
# 
loop_
_struct_sheet.id 
_struct_sheet.type 
_struct_sheet.number_strands 
_struct_sheet.details 
A ? 5 ? 
B ? 3 ? 
C ? 3 ? 
D ? 5 ? 
# 
loop_
_struct_sheet_order.sheet_id 
_struct_sheet_order.range_id_1 
_struct_sheet_order.range_id_2 
_struct_sheet_order.offset 
_struct_sheet_order.sense 
A 1 2 ? parallel      
A 2 3 ? anti-parallel 
A 3 4 ? anti-parallel 
A 4 5 ? anti-parallel 
B 1 2 ? anti-parallel 
B 2 3 ? anti-parallel 
C 1 2 ? anti-parallel 
C 2 3 ? anti-parallel 
D 1 2 ? parallel      
D 2 3 ? anti-parallel 
D 3 4 ? anti-parallel 
D 4 5 ? anti-parallel 
# 
loop_
_struct_sheet_range.sheet_id 
_struct_sheet_range.id 
_struct_sheet_range.beg_label_comp_id 
_struct_sheet_range.beg_label_asym_id 
_struct_sheet_range.beg_label_seq_id 
_struct_sheet_range.pdbx_beg_PDB_ins_code 
_struct_sheet_range.end_label_comp_id 
_struct_sheet_range.end_label_asym_id 
_struct_sheet_range.end_label_seq_id 
_struct_sheet_range.pdbx_end_PDB_ins_code 
_struct_sheet_range.beg_auth_comp_id 
_struct_sheet_range.beg_auth_asym_id 
_struct_sheet_range.beg_auth_seq_id 
_struct_sheet_range.end_auth_comp_id 
_struct_sheet_range.end_auth_asym_id 
_struct_sheet_range.end_auth_seq_id 
A 1 THR A 5  ? ALA A 9  ? THR A 5  ALA A 9  
A 2 ARG B 85 ? LEU B 96 ? ARG B 87 LEU B 98 
A 3 GLY B 72 ? SER B 80 ? GLY B 74 SER B 82 
A 4 ILE A 27 ? ARG A 34 ? ILE A 27 ARG A 34 
A 5 THR A 37 ? LYS A 43 ? THR A 37 LYS A 43 
B 1 ILE A 14 ? LEU A 16 ? ILE A 14 LEU A 16 
B 2 LEU B 61 ? ILE B 63 ? LEU B 63 ILE B 65 
B 3 PHE B 53 ? ILE B 55 ? PHE B 55 ILE B 57 
C 1 PHE A 53 ? ILE A 55 ? PHE A 55 ILE A 57 
C 2 LEU A 61 ? ILE A 63 ? LEU A 63 ILE A 65 
C 3 ILE B 14 ? LEU B 16 ? ILE B 14 LEU B 16 
D 1 THR B 5  ? ALA B 9  ? THR B 5  ALA B 9  
D 2 ARG A 85 ? LEU A 96 ? ARG A 87 LEU A 98 
D 3 GLY A 72 ? SER A 80 ? GLY A 74 SER A 82 
D 4 ILE B 27 ? ARG B 34 ? ILE B 27 ARG B 34 
D 5 THR B 37 ? LYS B 43 ? THR B 37 LYS B 43 
# 
loop_
_pdbx_struct_sheet_hbond.sheet_id 
_pdbx_struct_sheet_hbond.range_id_1 
_pdbx_struct_sheet_hbond.range_id_2 
_pdbx_struct_sheet_hbond.range_1_label_atom_id 
_pdbx_struct_sheet_hbond.range_1_label_comp_id 
_pdbx_struct_sheet_hbond.range_1_label_asym_id 
_pdbx_struct_sheet_hbond.range_1_label_seq_id 
_pdbx_struct_sheet_hbond.range_1_PDB_ins_code 
_pdbx_struct_sheet_hbond.range_1_auth_atom_id 
_pdbx_struct_sheet_hbond.range_1_auth_comp_id 
_pdbx_struct_sheet_hbond.range_1_auth_asym_id 
_pdbx_struct_sheet_hbond.range_1_auth_seq_id 
_pdbx_struct_sheet_hbond.range_2_label_atom_id 
_pdbx_struct_sheet_hbond.range_2_label_comp_id 
_pdbx_struct_sheet_hbond.range_2_label_asym_id 
_pdbx_struct_sheet_hbond.range_2_label_seq_id 
_pdbx_struct_sheet_hbond.range_2_PDB_ins_code 
_pdbx_struct_sheet_hbond.range_2_auth_atom_id 
_pdbx_struct_sheet_hbond.range_2_auth_comp_id 
_pdbx_struct_sheet_hbond.range_2_auth_asym_id 
_pdbx_struct_sheet_hbond.range_2_auth_seq_id 
A 1 2 O VAL A 6  ? O VAL A 6  N ASP B 92 ? N ASP B 94 
A 2 3 O ILE B 86 ? O ILE B 88 N VAL B 78 ? N VAL B 80 
A 3 4 O ASN B 75 ? O ASN B 77 N GLU A 33 ? N GLU A 33 
A 4 5 O VAL A 30 ? O VAL A 30 N PHE A 42 ? N PHE A 42 
B 1 2 O ILE A 14 ? O ILE A 14 N ILE B 63 ? N ILE B 65 
B 2 3 O LYS B 62 ? O LYS B 64 N GLU B 54 ? N GLU B 56 
C 1 2 O GLU A 54 ? O GLU A 56 N LYS A 62 ? N LYS A 64 
C 2 3 O LEU A 61 ? O LEU A 63 N LEU B 16 ? N LEU B 16 
D 1 2 O VAL B 6  ? O VAL B 6  N ASP A 92 ? N ASP A 94 
D 2 3 O ILE A 86 ? O ILE A 88 N VAL A 78 ? N VAL A 80 
D 3 4 O ASN A 75 ? O ASN A 77 N GLU B 33 ? N GLU B 33 
D 4 5 O VAL B 30 ? O VAL B 30 N PHE B 42 ? N PHE B 42 
# 
_pdbx_validate_rmsd_bond.id                        1 
_pdbx_validate_rmsd_bond.PDB_model_num             1 
_pdbx_validate_rmsd_bond.auth_atom_id_1            CD 
_pdbx_validate_rmsd_bond.auth_asym_id_1            A 
_pdbx_validate_rmsd_bond.auth_comp_id_1            GLU 
_pdbx_validate_rmsd_bond.auth_seq_id_1             99 
_pdbx_validate_rmsd_bond.PDB_ins_code_1            ? 
_pdbx_validate_rmsd_bond.label_alt_id_1            ? 
_pdbx_validate_rmsd_bond.auth_atom_id_2            OE1 
_pdbx_validate_rmsd_bond.auth_asym_id_2            A 
_pdbx_validate_rmsd_bond.auth_comp_id_2            GLU 
_pdbx_validate_rmsd_bond.auth_seq_id_2             99 
_pdbx_validate_rmsd_bond.PDB_ins_code_2            ? 
_pdbx_validate_rmsd_bond.label_alt_id_2            ? 
_pdbx_validate_rmsd_bond.bond_value                1.326 
_pdbx_validate_rmsd_bond.bond_target_value         1.252 
_pdbx_validate_rmsd_bond.bond_deviation            0.074 
_pdbx_validate_rmsd_bond.bond_standard_deviation   0.011 
_pdbx_validate_rmsd_bond.linker_flag               N 
# 
_pdbx_validate_rmsd_angle.id                         1 
_pdbx_validate_rmsd_angle.PDB_model_num              1 
_pdbx_validate_rmsd_angle.auth_atom_id_1             CA 
_pdbx_validate_rmsd_angle.auth_asym_id_1             B 
_pdbx_validate_rmsd_angle.auth_comp_id_1             LEU 
_pdbx_validate_rmsd_angle.auth_seq_id_1              89 
_pdbx_validate_rmsd_angle.PDB_ins_code_1             ? 
_pdbx_validate_rmsd_angle.label_alt_id_1             ? 
_pdbx_validate_rmsd_angle.auth_atom_id_2             CB 
_pdbx_validate_rmsd_angle.auth_asym_id_2             B 
_pdbx_validate_rmsd_angle.auth_comp_id_2             LEU 
_pdbx_validate_rmsd_angle.auth_seq_id_2              89 
_pdbx_validate_rmsd_angle.PDB_ins_code_2             ? 
_pdbx_validate_rmsd_angle.label_alt_id_2             ? 
_pdbx_validate_rmsd_angle.auth_atom_id_3             CG 
_pdbx_validate_rmsd_angle.auth_asym_id_3             B 
_pdbx_validate_rmsd_angle.auth_comp_id_3             LEU 
_pdbx_validate_rmsd_angle.auth_seq_id_3              89 
_pdbx_validate_rmsd_angle.PDB_ins_code_3             ? 
_pdbx_validate_rmsd_angle.label_alt_id_3             ? 
_pdbx_validate_rmsd_angle.angle_value                130.19 
_pdbx_validate_rmsd_angle.angle_target_value         115.30 
_pdbx_validate_rmsd_angle.angle_deviation            14.89 
_pdbx_validate_rmsd_angle.angle_standard_deviation   2.30 
_pdbx_validate_rmsd_angle.linker_flag                N 
# 
loop_
_pdbx_validate_torsion.id 
_pdbx_validate_torsion.PDB_model_num 
_pdbx_validate_torsion.auth_comp_id 
_pdbx_validate_torsion.auth_asym_id 
_pdbx_validate_torsion.auth_seq_id 
_pdbx_validate_torsion.PDB_ins_code 
_pdbx_validate_torsion.label_alt_id 
_pdbx_validate_torsion.phi 
_pdbx_validate_torsion.psi 
1 1 ASN A 20 ? ? 26.23   40.23  
2 1 GLU A 56 ? ? -170.62 136.52 
3 1 THR A 83 ? ? -49.44  -16.02 
4 1 ASN B 20 ? ? 36.54   67.34  
5 1 GLU B 56 ? ? -174.71 147.57 
# 
loop_
_pdbx_unobs_or_zero_occ_residues.id 
_pdbx_unobs_or_zero_occ_residues.PDB_model_num 
_pdbx_unobs_or_zero_occ_residues.polymer_flag 
_pdbx_unobs_or_zero_occ_residues.occupancy_flag 
_pdbx_unobs_or_zero_occ_residues.auth_asym_id 
_pdbx_unobs_or_zero_occ_residues.auth_comp_id 
_pdbx_unobs_or_zero_occ_residues.auth_seq_id 
_pdbx_unobs_or_zero_occ_residues.PDB_ins_code 
_pdbx_unobs_or_zero_occ_residues.label_asym_id 
_pdbx_unobs_or_zero_occ_residues.label_comp_id 
_pdbx_unobs_or_zero_occ_residues.label_seq_id 
1 1 Y 1 A ARG 1 ? A ARG 1 
2 1 Y 1 A ASP 2 ? A ASP 2 
3 1 Y 1 A SER 3 ? A SER 3 
4 1 Y 1 B ARG 1 ? B ARG 1 
5 1 Y 1 B ASP 2 ? B ASP 2 
6 1 Y 1 B SER 3 ? B SER 3 
# 
loop_
_chem_comp_atom.comp_id 
_chem_comp_atom.atom_id 
_chem_comp_atom.type_symbol 
_chem_comp_atom.pdbx_aromatic_flag 
_chem_comp_atom.pdbx_stereo_config 
_chem_comp_atom.pdbx_ordinal 
ALA N    N N N 1   
ALA CA   C N S 2   
ALA C    C N N 3   
ALA O    O N N 4   
ALA CB   C N N 5   
ALA OXT  O N N 6   
ALA H    H N N 7   
ALA H2   H N N 8   
ALA HA   H N N 9   
ALA HB1  H N N 10  
ALA HB2  H N N 11  
ALA HB3  H N N 12  
ALA HXT  H N N 13  
ARG N    N N N 14  
ARG CA   C N S 15  
ARG C    C N N 16  
ARG O    O N N 17  
ARG CB   C N N 18  
ARG CG   C N N 19  
ARG CD   C N N 20  
ARG NE   N N N 21  
ARG CZ   C N N 22  
ARG NH1  N N N 23  
ARG NH2  N N N 24  
ARG OXT  O N N 25  
ARG H    H N N 26  
ARG H2   H N N 27  
ARG HA   H N N 28  
ARG HB2  H N N 29  
ARG HB3  H N N 30  
ARG HG2  H N N 31  
ARG HG3  H N N 32  
ARG HD2  H N N 33  
ARG HD3  H N N 34  
ARG HE   H N N 35  
ARG HH11 H N N 36  
ARG HH12 H N N 37  
ARG HH21 H N N 38  
ARG HH22 H N N 39  
ARG HXT  H N N 40  
ASN N    N N N 41  
ASN CA   C N S 42  
ASN C    C N N 43  
ASN O    O N N 44  
ASN CB   C N N 45  
ASN CG   C N N 46  
ASN OD1  O N N 47  
ASN ND2  N N N 48  
ASN OXT  O N N 49  
ASN H    H N N 50  
ASN H2   H N N 51  
ASN HA   H N N 52  
ASN HB2  H N N 53  
ASN HB3  H N N 54  
ASN HD21 H N N 55  
ASN HD22 H N N 56  
ASN HXT  H N N 57  
ASP N    N N N 58  
ASP CA   C N S 59  
ASP C    C N N 60  
ASP O    O N N 61  
ASP CB   C N N 62  
ASP CG   C N N 63  
ASP OD1  O N N 64  
ASP OD2  O N N 65  
ASP OXT  O N N 66  
ASP H    H N N 67  
ASP H2   H N N 68  
ASP HA   H N N 69  
ASP HB2  H N N 70  
ASP HB3  H N N 71  
ASP HD2  H N N 72  
ASP HXT  H N N 73  
GLN N    N N N 74  
GLN CA   C N S 75  
GLN C    C N N 76  
GLN O    O N N 77  
GLN CB   C N N 78  
GLN CG   C N N 79  
GLN CD   C N N 80  
GLN OE1  O N N 81  
GLN NE2  N N N 82  
GLN OXT  O N N 83  
GLN H    H N N 84  
GLN H2   H N N 85  
GLN HA   H N N 86  
GLN HB2  H N N 87  
GLN HB3  H N N 88  
GLN HG2  H N N 89  
GLN HG3  H N N 90  
GLN HE21 H N N 91  
GLN HE22 H N N 92  
GLN HXT  H N N 93  
GLU N    N N N 94  
GLU CA   C N S 95  
GLU C    C N N 96  
GLU O    O N N 97  
GLU CB   C N N 98  
GLU CG   C N N 99  
GLU CD   C N N 100 
GLU OE1  O N N 101 
GLU OE2  O N N 102 
GLU OXT  O N N 103 
GLU H    H N N 104 
GLU H2   H N N 105 
GLU HA   H N N 106 
GLU HB2  H N N 107 
GLU HB3  H N N 108 
GLU HG2  H N N 109 
GLU HG3  H N N 110 
GLU HE2  H N N 111 
GLU HXT  H N N 112 
GLY N    N N N 113 
GLY CA   C N N 114 
GLY C    C N N 115 
GLY O    O N N 116 
GLY OXT  O N N 117 
GLY H    H N N 118 
GLY H2   H N N 119 
GLY HA2  H N N 120 
GLY HA3  H N N 121 
GLY HXT  H N N 122 
HIS N    N N N 123 
HIS CA   C N S 124 
HIS C    C N N 125 
HIS O    O N N 126 
HIS CB   C N N 127 
HIS CG   C Y N 128 
HIS ND1  N Y N 129 
HIS CD2  C Y N 130 
HIS CE1  C Y N 131 
HIS NE2  N Y N 132 
HIS OXT  O N N 133 
HIS H    H N N 134 
HIS H2   H N N 135 
HIS HA   H N N 136 
HIS HB2  H N N 137 
HIS HB3  H N N 138 
HIS HD1  H N N 139 
HIS HD2  H N N 140 
HIS HE1  H N N 141 
HIS HE2  H N N 142 
HIS HXT  H N N 143 
HOH O    O N N 144 
HOH H1   H N N 145 
HOH H2   H N N 146 
ILE N    N N N 147 
ILE CA   C N S 148 
ILE C    C N N 149 
ILE O    O N N 150 
ILE CB   C N S 151 
ILE CG1  C N N 152 
ILE CG2  C N N 153 
ILE CD1  C N N 154 
ILE OXT  O N N 155 
ILE H    H N N 156 
ILE H2   H N N 157 
ILE HA   H N N 158 
ILE HB   H N N 159 
ILE HG12 H N N 160 
ILE HG13 H N N 161 
ILE HG21 H N N 162 
ILE HG22 H N N 163 
ILE HG23 H N N 164 
ILE HD11 H N N 165 
ILE HD12 H N N 166 
ILE HD13 H N N 167 
ILE HXT  H N N 168 
LEU N    N N N 169 
LEU CA   C N S 170 
LEU C    C N N 171 
LEU O    O N N 172 
LEU CB   C N N 173 
LEU CG   C N N 174 
LEU CD1  C N N 175 
LEU CD2  C N N 176 
LEU OXT  O N N 177 
LEU H    H N N 178 
LEU H2   H N N 179 
LEU HA   H N N 180 
LEU HB2  H N N 181 
LEU HB3  H N N 182 
LEU HG   H N N 183 
LEU HD11 H N N 184 
LEU HD12 H N N 185 
LEU HD13 H N N 186 
LEU HD21 H N N 187 
LEU HD22 H N N 188 
LEU HD23 H N N 189 
LEU HXT  H N N 190 
LYS N    N N N 191 
LYS CA   C N S 192 
LYS C    C N N 193 
LYS O    O N N 194 
LYS CB   C N N 195 
LYS CG   C N N 196 
LYS CD   C N N 197 
LYS CE   C N N 198 
LYS NZ   N N N 199 
LYS OXT  O N N 200 
LYS H    H N N 201 
LYS H2   H N N 202 
LYS HA   H N N 203 
LYS HB2  H N N 204 
LYS HB3  H N N 205 
LYS HG2  H N N 206 
LYS HG3  H N N 207 
LYS HD2  H N N 208 
LYS HD3  H N N 209 
LYS HE2  H N N 210 
LYS HE3  H N N 211 
LYS HZ1  H N N 212 
LYS HZ2  H N N 213 
LYS HZ3  H N N 214 
LYS HXT  H N N 215 
MET N    N N N 216 
MET CA   C N S 217 
MET C    C N N 218 
MET O    O N N 219 
MET CB   C N N 220 
MET CG   C N N 221 
MET SD   S N N 222 
MET CE   C N N 223 
MET OXT  O N N 224 
MET H    H N N 225 
MET H2   H N N 226 
MET HA   H N N 227 
MET HB2  H N N 228 
MET HB3  H N N 229 
MET HG2  H N N 230 
MET HG3  H N N 231 
MET HE1  H N N 232 
MET HE2  H N N 233 
MET HE3  H N N 234 
MET HXT  H N N 235 
PHE N    N N N 236 
PHE CA   C N S 237 
PHE C    C N N 238 
PHE O    O N N 239 
PHE CB   C N N 240 
PHE CG   C Y N 241 
PHE CD1  C Y N 242 
PHE CD2  C Y N 243 
PHE CE1  C Y N 244 
PHE CE2  C Y N 245 
PHE CZ   C Y N 246 
PHE OXT  O N N 247 
PHE H    H N N 248 
PHE H2   H N N 249 
PHE HA   H N N 250 
PHE HB2  H N N 251 
PHE HB3  H N N 252 
PHE HD1  H N N 253 
PHE HD2  H N N 254 
PHE HE1  H N N 255 
PHE HE2  H N N 256 
PHE HZ   H N N 257 
PHE HXT  H N N 258 
PRO N    N N N 259 
PRO CA   C N S 260 
PRO C    C N N 261 
PRO O    O N N 262 
PRO CB   C N N 263 
PRO CG   C N N 264 
PRO CD   C N N 265 
PRO OXT  O N N 266 
PRO H    H N N 267 
PRO HA   H N N 268 
PRO HB2  H N N 269 
PRO HB3  H N N 270 
PRO HG2  H N N 271 
PRO HG3  H N N 272 
PRO HD2  H N N 273 
PRO HD3  H N N 274 
PRO HXT  H N N 275 
SER N    N N N 276 
SER CA   C N S 277 
SER C    C N N 278 
SER O    O N N 279 
SER CB   C N N 280 
SER OG   O N N 281 
SER OXT  O N N 282 
SER H    H N N 283 
SER H2   H N N 284 
SER HA   H N N 285 
SER HB2  H N N 286 
SER HB3  H N N 287 
SER HG   H N N 288 
SER HXT  H N N 289 
THR N    N N N 290 
THR CA   C N S 291 
THR C    C N N 292 
THR O    O N N 293 
THR CB   C N R 294 
THR OG1  O N N 295 
THR CG2  C N N 296 
THR OXT  O N N 297 
THR H    H N N 298 
THR H2   H N N 299 
THR HA   H N N 300 
THR HB   H N N 301 
THR HG1  H N N 302 
THR HG21 H N N 303 
THR HG22 H N N 304 
THR HG23 H N N 305 
THR HXT  H N N 306 
TRP N    N N N 307 
TRP CA   C N S 308 
TRP C    C N N 309 
TRP O    O N N 310 
TRP CB   C N N 311 
TRP CG   C Y N 312 
TRP CD1  C Y N 313 
TRP CD2  C Y N 314 
TRP NE1  N Y N 315 
TRP CE2  C Y N 316 
TRP CE3  C Y N 317 
TRP CZ2  C Y N 318 
TRP CZ3  C Y N 319 
TRP CH2  C Y N 320 
TRP OXT  O N N 321 
TRP H    H N N 322 
TRP H2   H N N 323 
TRP HA   H N N 324 
TRP HB2  H N N 325 
TRP HB3  H N N 326 
TRP HD1  H N N 327 
TRP HE1  H N N 328 
TRP HE3  H N N 329 
TRP HZ2  H N N 330 
TRP HZ3  H N N 331 
TRP HH2  H N N 332 
TRP HXT  H N N 333 
TYR N    N N N 334 
TYR CA   C N S 335 
TYR C    C N N 336 
TYR O    O N N 337 
TYR CB   C N N 338 
TYR CG   C Y N 339 
TYR CD1  C Y N 340 
TYR CD2  C Y N 341 
TYR CE1  C Y N 342 
TYR CE2  C Y N 343 
TYR CZ   C Y N 344 
TYR OH   O N N 345 
TYR OXT  O N N 346 
TYR H    H N N 347 
TYR H2   H N N 348 
TYR HA   H N N 349 
TYR HB2  H N N 350 
TYR HB3  H N N 351 
TYR HD1  H N N 352 
TYR HD2  H N N 353 
TYR HE1  H N N 354 
TYR HE2  H N N 355 
TYR HH   H N N 356 
TYR HXT  H N N 357 
VAL N    N N N 358 
VAL CA   C N S 359 
VAL C    C N N 360 
VAL O    O N N 361 
VAL CB   C N N 362 
VAL CG1  C N N 363 
VAL CG2  C N N 364 
VAL OXT  O N N 365 
VAL H    H N N 366 
VAL H2   H N N 367 
VAL HA   H N N 368 
VAL HB   H N N 369 
VAL HG11 H N N 370 
VAL HG12 H N N 371 
VAL HG13 H N N 372 
VAL HG21 H N N 373 
VAL HG22 H N N 374 
VAL HG23 H N N 375 
VAL HXT  H N N 376 
# 
loop_
_chem_comp_bond.comp_id 
_chem_comp_bond.atom_id_1 
_chem_comp_bond.atom_id_2 
_chem_comp_bond.value_order 
_chem_comp_bond.pdbx_aromatic_flag 
_chem_comp_bond.pdbx_stereo_config 
_chem_comp_bond.pdbx_ordinal 
ALA N   CA   sing N N 1   
ALA N   H    sing N N 2   
ALA N   H2   sing N N 3   
ALA CA  C    sing N N 4   
ALA CA  CB   sing N N 5   
ALA CA  HA   sing N N 6   
ALA C   O    doub N N 7   
ALA C   OXT  sing N N 8   
ALA CB  HB1  sing N N 9   
ALA CB  HB2  sing N N 10  
ALA CB  HB3  sing N N 11  
ALA OXT HXT  sing N N 12  
ARG N   CA   sing N N 13  
ARG N   H    sing N N 14  
ARG N   H2   sing N N 15  
ARG CA  C    sing N N 16  
ARG CA  CB   sing N N 17  
ARG CA  HA   sing N N 18  
ARG C   O    doub N N 19  
ARG C   OXT  sing N N 20  
ARG CB  CG   sing N N 21  
ARG CB  HB2  sing N N 22  
ARG CB  HB3  sing N N 23  
ARG CG  CD   sing N N 24  
ARG CG  HG2  sing N N 25  
ARG CG  HG3  sing N N 26  
ARG CD  NE   sing N N 27  
ARG CD  HD2  sing N N 28  
ARG CD  HD3  sing N N 29  
ARG NE  CZ   sing N N 30  
ARG NE  HE   sing N N 31  
ARG CZ  NH1  sing N N 32  
ARG CZ  NH2  doub N N 33  
ARG NH1 HH11 sing N N 34  
ARG NH1 HH12 sing N N 35  
ARG NH2 HH21 sing N N 36  
ARG NH2 HH22 sing N N 37  
ARG OXT HXT  sing N N 38  
ASN N   CA   sing N N 39  
ASN N   H    sing N N 40  
ASN N   H2   sing N N 41  
ASN CA  C    sing N N 42  
ASN CA  CB   sing N N 43  
ASN CA  HA   sing N N 44  
ASN C   O    doub N N 45  
ASN C   OXT  sing N N 46  
ASN CB  CG   sing N N 47  
ASN CB  HB2  sing N N 48  
ASN CB  HB3  sing N N 49  
ASN CG  OD1  doub N N 50  
ASN CG  ND2  sing N N 51  
ASN ND2 HD21 sing N N 52  
ASN ND2 HD22 sing N N 53  
ASN OXT HXT  sing N N 54  
ASP N   CA   sing N N 55  
ASP N   H    sing N N 56  
ASP N   H2   sing N N 57  
ASP CA  C    sing N N 58  
ASP CA  CB   sing N N 59  
ASP CA  HA   sing N N 60  
ASP C   O    doub N N 61  
ASP C   OXT  sing N N 62  
ASP CB  CG   sing N N 63  
ASP CB  HB2  sing N N 64  
ASP CB  HB3  sing N N 65  
ASP CG  OD1  doub N N 66  
ASP CG  OD2  sing N N 67  
ASP OD2 HD2  sing N N 68  
ASP OXT HXT  sing N N 69  
GLN N   CA   sing N N 70  
GLN N   H    sing N N 71  
GLN N   H2   sing N N 72  
GLN CA  C    sing N N 73  
GLN CA  CB   sing N N 74  
GLN CA  HA   sing N N 75  
GLN C   O    doub N N 76  
GLN C   OXT  sing N N 77  
GLN CB  CG   sing N N 78  
GLN CB  HB2  sing N N 79  
GLN CB  HB3  sing N N 80  
GLN CG  CD   sing N N 81  
GLN CG  HG2  sing N N 82  
GLN CG  HG3  sing N N 83  
GLN CD  OE1  doub N N 84  
GLN CD  NE2  sing N N 85  
GLN NE2 HE21 sing N N 86  
GLN NE2 HE22 sing N N 87  
GLN OXT HXT  sing N N 88  
GLU N   CA   sing N N 89  
GLU N   H    sing N N 90  
GLU N   H2   sing N N 91  
GLU CA  C    sing N N 92  
GLU CA  CB   sing N N 93  
GLU CA  HA   sing N N 94  
GLU C   O    doub N N 95  
GLU C   OXT  sing N N 96  
GLU CB  CG   sing N N 97  
GLU CB  HB2  sing N N 98  
GLU CB  HB3  sing N N 99  
GLU CG  CD   sing N N 100 
GLU CG  HG2  sing N N 101 
GLU CG  HG3  sing N N 102 
GLU CD  OE1  doub N N 103 
GLU CD  OE2  sing N N 104 
GLU OE2 HE2  sing N N 105 
GLU OXT HXT  sing N N 106 
GLY N   CA   sing N N 107 
GLY N   H    sing N N 108 
GLY N   H2   sing N N 109 
GLY CA  C    sing N N 110 
GLY CA  HA2  sing N N 111 
GLY CA  HA3  sing N N 112 
GLY C   O    doub N N 113 
GLY C   OXT  sing N N 114 
GLY OXT HXT  sing N N 115 
HIS N   CA   sing N N 116 
HIS N   H    sing N N 117 
HIS N   H2   sing N N 118 
HIS CA  C    sing N N 119 
HIS CA  CB   sing N N 120 
HIS CA  HA   sing N N 121 
HIS C   O    doub N N 122 
HIS C   OXT  sing N N 123 
HIS CB  CG   sing N N 124 
HIS CB  HB2  sing N N 125 
HIS CB  HB3  sing N N 126 
HIS CG  ND1  sing Y N 127 
HIS CG  CD2  doub Y N 128 
HIS ND1 CE1  doub Y N 129 
HIS ND1 HD1  sing N N 130 
HIS CD2 NE2  sing Y N 131 
HIS CD2 HD2  sing N N 132 
HIS CE1 NE2  sing Y N 133 
HIS CE1 HE1  sing N N 134 
HIS NE2 HE2  sing N N 135 
HIS OXT HXT  sing N N 136 
HOH O   H1   sing N N 137 
HOH O   H2   sing N N 138 
ILE N   CA   sing N N 139 
ILE N   H    sing N N 140 
ILE N   H2   sing N N 141 
ILE CA  C    sing N N 142 
ILE CA  CB   sing N N 143 
ILE CA  HA   sing N N 144 
ILE C   O    doub N N 145 
ILE C   OXT  sing N N 146 
ILE CB  CG1  sing N N 147 
ILE CB  CG2  sing N N 148 
ILE CB  HB   sing N N 149 
ILE CG1 CD1  sing N N 150 
ILE CG1 HG12 sing N N 151 
ILE CG1 HG13 sing N N 152 
ILE CG2 HG21 sing N N 153 
ILE CG2 HG22 sing N N 154 
ILE CG2 HG23 sing N N 155 
ILE CD1 HD11 sing N N 156 
ILE CD1 HD12 sing N N 157 
ILE CD1 HD13 sing N N 158 
ILE OXT HXT  sing N N 159 
LEU N   CA   sing N N 160 
LEU N   H    sing N N 161 
LEU N   H2   sing N N 162 
LEU CA  C    sing N N 163 
LEU CA  CB   sing N N 164 
LEU CA  HA   sing N N 165 
LEU C   O    doub N N 166 
LEU C   OXT  sing N N 167 
LEU CB  CG   sing N N 168 
LEU CB  HB2  sing N N 169 
LEU CB  HB3  sing N N 170 
LEU CG  CD1  sing N N 171 
LEU CG  CD2  sing N N 172 
LEU CG  HG   sing N N 173 
LEU CD1 HD11 sing N N 174 
LEU CD1 HD12 sing N N 175 
LEU CD1 HD13 sing N N 176 
LEU CD2 HD21 sing N N 177 
LEU CD2 HD22 sing N N 178 
LEU CD2 HD23 sing N N 179 
LEU OXT HXT  sing N N 180 
LYS N   CA   sing N N 181 
LYS N   H    sing N N 182 
LYS N   H2   sing N N 183 
LYS CA  C    sing N N 184 
LYS CA  CB   sing N N 185 
LYS CA  HA   sing N N 186 
LYS C   O    doub N N 187 
LYS C   OXT  sing N N 188 
LYS CB  CG   sing N N 189 
LYS CB  HB2  sing N N 190 
LYS CB  HB3  sing N N 191 
LYS CG  CD   sing N N 192 
LYS CG  HG2  sing N N 193 
LYS CG  HG3  sing N N 194 
LYS CD  CE   sing N N 195 
LYS CD  HD2  sing N N 196 
LYS CD  HD3  sing N N 197 
LYS CE  NZ   sing N N 198 
LYS CE  HE2  sing N N 199 
LYS CE  HE3  sing N N 200 
LYS NZ  HZ1  sing N N 201 
LYS NZ  HZ2  sing N N 202 
LYS NZ  HZ3  sing N N 203 
LYS OXT HXT  sing N N 204 
MET N   CA   sing N N 205 
MET N   H    sing N N 206 
MET N   H2   sing N N 207 
MET CA  C    sing N N 208 
MET CA  CB   sing N N 209 
MET CA  HA   sing N N 210 
MET C   O    doub N N 211 
MET C   OXT  sing N N 212 
MET CB  CG   sing N N 213 
MET CB  HB2  sing N N 214 
MET CB  HB3  sing N N 215 
MET CG  SD   sing N N 216 
MET CG  HG2  sing N N 217 
MET CG  HG3  sing N N 218 
MET SD  CE   sing N N 219 
MET CE  HE1  sing N N 220 
MET CE  HE2  sing N N 221 
MET CE  HE3  sing N N 222 
MET OXT HXT  sing N N 223 
PHE N   CA   sing N N 224 
PHE N   H    sing N N 225 
PHE N   H2   sing N N 226 
PHE CA  C    sing N N 227 
PHE CA  CB   sing N N 228 
PHE CA  HA   sing N N 229 
PHE C   O    doub N N 230 
PHE C   OXT  sing N N 231 
PHE CB  CG   sing N N 232 
PHE CB  HB2  sing N N 233 
PHE CB  HB3  sing N N 234 
PHE CG  CD1  doub Y N 235 
PHE CG  CD2  sing Y N 236 
PHE CD1 CE1  sing Y N 237 
PHE CD1 HD1  sing N N 238 
PHE CD2 CE2  doub Y N 239 
PHE CD2 HD2  sing N N 240 
PHE CE1 CZ   doub Y N 241 
PHE CE1 HE1  sing N N 242 
PHE CE2 CZ   sing Y N 243 
PHE CE2 HE2  sing N N 244 
PHE CZ  HZ   sing N N 245 
PHE OXT HXT  sing N N 246 
PRO N   CA   sing N N 247 
PRO N   CD   sing N N 248 
PRO N   H    sing N N 249 
PRO CA  C    sing N N 250 
PRO CA  CB   sing N N 251 
PRO CA  HA   sing N N 252 
PRO C   O    doub N N 253 
PRO C   OXT  sing N N 254 
PRO CB  CG   sing N N 255 
PRO CB  HB2  sing N N 256 
PRO CB  HB3  sing N N 257 
PRO CG  CD   sing N N 258 
PRO CG  HG2  sing N N 259 
PRO CG  HG3  sing N N 260 
PRO CD  HD2  sing N N 261 
PRO CD  HD3  sing N N 262 
PRO OXT HXT  sing N N 263 
SER N   CA   sing N N 264 
SER N   H    sing N N 265 
SER N   H2   sing N N 266 
SER CA  C    sing N N 267 
SER CA  CB   sing N N 268 
SER CA  HA   sing N N 269 
SER C   O    doub N N 270 
SER C   OXT  sing N N 271 
SER CB  OG   sing N N 272 
SER CB  HB2  sing N N 273 
SER CB  HB3  sing N N 274 
SER OG  HG   sing N N 275 
SER OXT HXT  sing N N 276 
THR N   CA   sing N N 277 
THR N   H    sing N N 278 
THR N   H2   sing N N 279 
THR CA  C    sing N N 280 
THR CA  CB   sing N N 281 
THR CA  HA   sing N N 282 
THR C   O    doub N N 283 
THR C   OXT  sing N N 284 
THR CB  OG1  sing N N 285 
THR CB  CG2  sing N N 286 
THR CB  HB   sing N N 287 
THR OG1 HG1  sing N N 288 
THR CG2 HG21 sing N N 289 
THR CG2 HG22 sing N N 290 
THR CG2 HG23 sing N N 291 
THR OXT HXT  sing N N 292 
TRP N   CA   sing N N 293 
TRP N   H    sing N N 294 
TRP N   H2   sing N N 295 
TRP CA  C    sing N N 296 
TRP CA  CB   sing N N 297 
TRP CA  HA   sing N N 298 
TRP C   O    doub N N 299 
TRP C   OXT  sing N N 300 
TRP CB  CG   sing N N 301 
TRP CB  HB2  sing N N 302 
TRP CB  HB3  sing N N 303 
TRP CG  CD1  doub Y N 304 
TRP CG  CD2  sing Y N 305 
TRP CD1 NE1  sing Y N 306 
TRP CD1 HD1  sing N N 307 
TRP CD2 CE2  doub Y N 308 
TRP CD2 CE3  sing Y N 309 
TRP NE1 CE2  sing Y N 310 
TRP NE1 HE1  sing N N 311 
TRP CE2 CZ2  sing Y N 312 
TRP CE3 CZ3  doub Y N 313 
TRP CE3 HE3  sing N N 314 
TRP CZ2 CH2  doub Y N 315 
TRP CZ2 HZ2  sing N N 316 
TRP CZ3 CH2  sing Y N 317 
TRP CZ3 HZ3  sing N N 318 
TRP CH2 HH2  sing N N 319 
TRP OXT HXT  sing N N 320 
TYR N   CA   sing N N 321 
TYR N   H    sing N N 322 
TYR N   H2   sing N N 323 
TYR CA  C    sing N N 324 
TYR CA  CB   sing N N 325 
TYR CA  HA   sing N N 326 
TYR C   O    doub N N 327 
TYR C   OXT  sing N N 328 
TYR CB  CG   sing N N 329 
TYR CB  HB2  sing N N 330 
TYR CB  HB3  sing N N 331 
TYR CG  CD1  doub Y N 332 
TYR CG  CD2  sing Y N 333 
TYR CD1 CE1  sing Y N 334 
TYR CD1 HD1  sing N N 335 
TYR CD2 CE2  doub Y N 336 
TYR CD2 HD2  sing N N 337 
TYR CE1 CZ   doub Y N 338 
TYR CE1 HE1  sing N N 339 
TYR CE2 CZ   sing Y N 340 
TYR CE2 HE2  sing N N 341 
TYR CZ  OH   sing N N 342 
TYR OH  HH   sing N N 343 
TYR OXT HXT  sing N N 344 
VAL N   CA   sing N N 345 
VAL N   H    sing N N 346 
VAL N   H2   sing N N 347 
VAL CA  C    sing N N 348 
VAL CA  CB   sing N N 349 
VAL CA  HA   sing N N 350 
VAL C   O    doub N N 351 
VAL C   OXT  sing N N 352 
VAL CB  CG1  sing N N 353 
VAL CB  CG2  sing N N 354 
VAL CB  HB   sing N N 355 
VAL CG1 HG11 sing N N 356 
VAL CG1 HG12 sing N N 357 
VAL CG1 HG13 sing N N 358 
VAL CG2 HG21 sing N N 359 
VAL CG2 HG22 sing N N 360 
VAL CG2 HG23 sing N N 361 
VAL OXT HXT  sing N N 362 
# 
_pdbx_initial_refinement_model.id               1 
_pdbx_initial_refinement_model.entity_id_list   ? 
_pdbx_initial_refinement_model.type             'experimental model' 
_pdbx_initial_refinement_model.source_name      PDB 
_pdbx_initial_refinement_model.accession_code   1HNG 
_pdbx_initial_refinement_model.details          'PDB ENTRY 1HNG' 
# 
_atom_sites.entry_id                    1A64 
_atom_sites.fract_transf_matrix[1][1]   0.02001666 
_atom_sites.fract_transf_matrix[1][2]   0.01303692 
_atom_sites.fract_transf_matrix[1][3]   -0.00569802 
_atom_sites.fract_transf_matrix[2][1]   0.01225185 
_atom_sites.fract_transf_matrix[2][2]   -0.02079429 
_atom_sites.fract_transf_matrix[2][3]   -0.00453709 
_atom_sites.fract_transf_matrix[3][1]   -0.00278282 
_atom_sites.fract_transf_matrix[3][2]   0.00032908 
_atom_sites.fract_transf_matrix[3][3]   -0.00902288 
_atom_sites.fract_transf_vector[1]      0.041947 
_atom_sites.fract_transf_vector[2]      0.541823 
_atom_sites.fract_transf_vector[3]      -0.061083 
# 
loop_
_atom_type.symbol 
C 
N 
O 
S 
# 
loop_
_atom_site.group_PDB 
_atom_site.id 
_atom_site.type_symbol 
_atom_site.label_atom_id 
_atom_site.label_alt_id 
_atom_site.label_comp_id 
_atom_site.label_asym_id 
_atom_site.label_entity_id 
_atom_site.label_seq_id 
_atom_site.pdbx_PDB_ins_code 
_atom_site.Cartn_x 
_atom_site.Cartn_y 
_atom_site.Cartn_z 
_atom_site.occupancy 
_atom_site.B_iso_or_equiv 
_atom_site.pdbx_formal_charge 
_atom_site.auth_seq_id 
_atom_site.auth_comp_id 
_atom_site.auth_asym_id 
_atom_site.auth_atom_id 
_atom_site.pdbx_PDB_model_num 
ATOM   1    N N   . GLY A 1 4  ? 2.237   27.740  -4.805  1.00 39.13 ? 4   GLY A N   1 
ATOM   2    C CA  . GLY A 1 4  ? 0.962   27.048  -4.411  1.00 38.52 ? 4   GLY A CA  1 
ATOM   3    C C   . GLY A 1 4  ? 0.083   26.752  -5.610  1.00 37.85 ? 4   GLY A C   1 
ATOM   4    O O   . GLY A 1 4  ? -0.661  25.772  -5.621  1.00 38.03 ? 4   GLY A O   1 
ATOM   5    N N   . THR A 1 5  ? 0.175   27.605  -6.627  1.00 37.12 ? 5   THR A N   1 
ATOM   6    C CA  . THR A 1 5  ? -0.607  27.454  -7.844  1.00 34.74 ? 5   THR A CA  1 
ATOM   7    C C   . THR A 1 5  ? 0.248   27.033  -9.037  1.00 33.44 ? 5   THR A C   1 
ATOM   8    O O   . THR A 1 5  ? 1.217   27.710  -9.400  1.00 33.89 ? 5   THR A O   1 
ATOM   9    C CB  . THR A 1 5  ? -1.333  28.752  -8.186  1.00 34.17 ? 5   THR A CB  1 
ATOM   10   O OG1 . THR A 1 5  ? -2.095  29.187  -7.052  1.00 39.28 ? 5   THR A OG1 1 
ATOM   11   C CG2 . THR A 1 5  ? -2.275  28.525  -9.357  1.00 34.58 ? 5   THR A CG2 1 
ATOM   12   N N   . VAL A 1 6  ? -0.127  25.907  -9.642  1.00 32.02 ? 6   VAL A N   1 
ATOM   13   C CA  . VAL A 1 6  ? 0.573   25.356  -10.804 1.00 29.72 ? 6   VAL A CA  1 
ATOM   14   C C   . VAL A 1 6  ? -0.374  25.401  -11.989 1.00 28.10 ? 6   VAL A C   1 
ATOM   15   O O   . VAL A 1 6  ? -1.535  25.040  -11.858 1.00 28.01 ? 6   VAL A O   1 
ATOM   16   C CB  . VAL A 1 6  ? 1.020   23.876  -10.560 1.00 28.27 ? 6   VAL A CB  1 
ATOM   17   C CG1 . VAL A 1 6  ? 1.692   23.298  -11.803 1.00 25.61 ? 6   VAL A CG1 1 
ATOM   18   C CG2 . VAL A 1 6  ? 1.958   23.799  -9.370  1.00 27.76 ? 6   VAL A CG2 1 
ATOM   19   N N   . TRP A 1 7  ? 0.140   25.812  -13.144 1.00 26.82 ? 7   TRP A N   1 
ATOM   20   C CA  . TRP A 1 7  ? -0.661  25.915  -14.353 1.00 25.58 ? 7   TRP A CA  1 
ATOM   21   C C   . TRP A 1 7  ? -0.355  24.874  -15.420 1.00 24.35 ? 7   TRP A C   1 
ATOM   22   O O   . TRP A 1 7  ? 0.798   24.645  -15.781 1.00 24.15 ? 7   TRP A O   1 
ATOM   23   C CB  . TRP A 1 7  ? -0.518  27.309  -14.958 1.00 26.77 ? 7   TRP A CB  1 
ATOM   24   C CG  . TRP A 1 7  ? -1.197  28.370  -14.181 1.00 28.23 ? 7   TRP A CG  1 
ATOM   25   C CD1 . TRP A 1 7  ? -0.664  29.121  -13.164 1.00 28.71 ? 7   TRP A CD1 1 
ATOM   26   C CD2 . TRP A 1 7  ? -2.531  28.843  -14.373 1.00 29.24 ? 7   TRP A CD2 1 
ATOM   27   N NE1 . TRP A 1 7  ? -1.591  30.039  -12.723 1.00 29.09 ? 7   TRP A NE1 1 
ATOM   28   C CE2 . TRP A 1 7  ? -2.745  29.884  -13.446 1.00 29.79 ? 7   TRP A CE2 1 
ATOM   29   C CE3 . TRP A 1 7  ? -3.568  28.479  -15.240 1.00 31.38 ? 7   TRP A CE3 1 
ATOM   30   C CZ2 . TRP A 1 7  ? -3.955  30.577  -13.368 1.00 30.63 ? 7   TRP A CZ2 1 
ATOM   31   C CZ3 . TRP A 1 7  ? -4.773  29.170  -15.158 1.00 33.06 ? 7   TRP A CZ3 1 
ATOM   32   C CH2 . TRP A 1 7  ? -4.954  30.202  -14.227 1.00 32.47 ? 7   TRP A CH2 1 
ATOM   33   N N   . GLY A 1 8  ? -1.415  24.266  -15.936 1.00 22.94 ? 8   GLY A N   1 
ATOM   34   C CA  . GLY A 1 8  ? -1.281  23.282  -16.985 1.00 22.83 ? 8   GLY A CA  1 
ATOM   35   C C   . GLY A 1 8  ? -2.164  23.732  -18.132 1.00 23.87 ? 8   GLY A C   1 
ATOM   36   O O   . GLY A 1 8  ? -2.876  24.725  -18.030 1.00 24.42 ? 8   GLY A O   1 
ATOM   37   N N   . ALA A 1 9  ? -2.166  22.997  -19.222 1.00 24.46 ? 9   ALA A N   1 
ATOM   38   C CA  . ALA A 1 9  ? -2.987  23.387  -20.345 1.00 25.28 ? 9   ALA A CA  1 
ATOM   39   C C   . ALA A 1 9  ? -3.618  22.127  -20.924 1.00 26.01 ? 9   ALA A C   1 
ATOM   40   O O   . ALA A 1 9  ? -3.040  21.046  -20.793 1.00 26.81 ? 9   ALA A O   1 
ATOM   41   C CB  . ALA A 1 9  ? -2.119  24.098  -21.362 1.00 23.25 ? 9   ALA A CB  1 
ATOM   42   N N   . LEU A 1 10 ? -4.816  22.249  -21.505 1.00 26.58 ? 10  LEU A N   1 
ATOM   43   C CA  . LEU A 1 10 ? -5.503  21.099  -22.101 1.00 27.93 ? 10  LEU A CA  1 
ATOM   44   C C   . LEU A 1 10 ? -4.671  20.432  -23.190 1.00 29.14 ? 10  LEU A C   1 
ATOM   45   O O   . LEU A 1 10 ? -4.014  21.112  -23.981 1.00 29.80 ? 10  LEU A O   1 
ATOM   46   C CB  . LEU A 1 10 ? -6.873  21.490  -22.685 1.00 32.78 ? 10  LEU A CB  1 
ATOM   47   C CG  . LEU A 1 10 ? -8.099  21.858  -21.820 1.00 33.46 ? 10  LEU A CG  1 
ATOM   48   C CD1 . LEU A 1 10 ? -9.378  21.868  -22.687 1.00 34.36 ? 10  LEU A CD1 1 
ATOM   49   C CD2 . LEU A 1 10 ? -8.277  20.875  -20.686 1.00 31.13 ? 10  LEU A CD2 1 
ATOM   50   N N   . GLY A 1 11 ? -4.695  19.099  -23.205 1.00 29.34 ? 11  GLY A N   1 
ATOM   51   C CA  . GLY A 1 11 ? -3.943  18.330  -24.184 1.00 29.48 ? 11  GLY A CA  1 
ATOM   52   C C   . GLY A 1 11 ? -2.491  18.098  -23.805 1.00 30.67 ? 11  GLY A C   1 
ATOM   53   O O   . GLY A 1 11 ? -1.774  17.354  -24.467 1.00 32.27 ? 11  GLY A O   1 
ATOM   54   N N   . HIS A 1 12 ? -2.043  18.750  -22.743 1.00 29.95 ? 12  HIS A N   1 
ATOM   55   C CA  . HIS A 1 12 ? -0.672  18.594  -22.299 1.00 28.92 ? 12  HIS A CA  1 
ATOM   56   C C   . HIS A 1 12 ? -0.605  17.767  -21.026 1.00 29.13 ? 12  HIS A C   1 
ATOM   57   O O   . HIS A 1 12 ? -1.595  17.613  -20.320 1.00 29.33 ? 12  HIS A O   1 
ATOM   58   C CB  . HIS A 1 12 ? -0.054  19.967  -22.023 1.00 27.33 ? 12  HIS A CB  1 
ATOM   59   C CG  . HIS A 1 12 ? 0.289   20.735  -23.255 1.00 22.92 ? 12  HIS A CG  1 
ATOM   60   N ND1 . HIS A 1 12 ? 1.459   20.527  -23.948 1.00 26.18 ? 12  HIS A ND1 1 
ATOM   61   C CD2 . HIS A 1 12 ? -0.401  21.668  -23.946 1.00 19.30 ? 12  HIS A CD2 1 
ATOM   62   C CE1 . HIS A 1 12 ? 1.474   21.291  -25.017 1.00 22.02 ? 12  HIS A CE1 1 
ATOM   63   N NE2 . HIS A 1 12 ? 0.360   21.998  -25.046 1.00 22.13 ? 12  HIS A NE2 1 
ATOM   64   N N   . GLY A 1 13 ? 0.570   17.214  -20.757 1.00 28.03 ? 13  GLY A N   1 
ATOM   65   C CA  . GLY A 1 13 ? 0.769   16.460  -19.540 1.00 26.61 ? 13  GLY A CA  1 
ATOM   66   C C   . GLY A 1 13 ? 1.449   17.431  -18.598 1.00 25.60 ? 13  GLY A C   1 
ATOM   67   O O   . GLY A 1 13 ? 1.787   18.548  -19.005 1.00 24.65 ? 13  GLY A O   1 
ATOM   68   N N   . ILE A 1 14 ? 1.637   17.033  -17.343 1.00 24.65 ? 14  ILE A N   1 
ATOM   69   C CA  . ILE A 1 14 ? 2.284   17.907  -16.377 1.00 23.99 ? 14  ILE A CA  1 
ATOM   70   C C   . ILE A 1 14 ? 2.803   17.111  -15.187 1.00 23.84 ? 14  ILE A C   1 
ATOM   71   O O   . ILE A 1 14 ? 2.258   16.065  -14.854 1.00 22.37 ? 14  ILE A O   1 
ATOM   72   C CB  . ILE A 1 14 ? 1.312   19.057  -15.877 1.00 22.48 ? 14  ILE A CB  1 
ATOM   73   C CG1 . ILE A 1 14 ? 2.111   20.126  -15.121 1.00 20.86 ? 14  ILE A CG1 1 
ATOM   74   C CG2 . ILE A 1 14 ? 0.192   18.491  -14.973 1.00 19.38 ? 14  ILE A CG2 1 
ATOM   75   C CD1 . ILE A 1 14 ? 1.291   21.235  -14.586 1.00 17.81 ? 14  ILE A CD1 1 
ATOM   76   N N   . ASN A 1 15 ? 3.893   17.579  -14.593 1.00 23.99 ? 15  ASN A N   1 
ATOM   77   C CA  . ASN A 1 15 ? 4.442   16.934  -13.421 1.00 24.83 ? 15  ASN A CA  1 
ATOM   78   C C   . ASN A 1 15 ? 4.225   17.845  -12.233 1.00 25.67 ? 15  ASN A C   1 
ATOM   79   O O   . ASN A 1 15 ? 4.614   19.011  -12.264 1.00 26.19 ? 15  ASN A O   1 
ATOM   80   C CB  . ASN A 1 15 ? 5.931   16.673  -13.590 1.00 25.86 ? 15  ASN A CB  1 
ATOM   81   C CG  . ASN A 1 15 ? 6.215   15.575  -14.583 1.00 28.16 ? 15  ASN A CG  1 
ATOM   82   O OD1 . ASN A 1 15 ? 5.315   14.878  -15.033 1.00 29.01 ? 15  ASN A OD1 1 
ATOM   83   N ND2 . ASN A 1 15 ? 7.474   15.412  -14.930 1.00 33.18 ? 15  ASN A ND2 1 
ATOM   84   N N   . LEU A 1 16 ? 3.540   17.328  -11.217 1.00 26.04 ? 16  LEU A N   1 
ATOM   85   C CA  . LEU A 1 16 ? 3.288   18.079  -9.986  1.00 26.60 ? 16  LEU A CA  1 
ATOM   86   C C   . LEU A 1 16 ? 4.507   17.818  -9.099  1.00 26.93 ? 16  LEU A C   1 
ATOM   87   O O   . LEU A 1 16 ? 4.750   16.687  -8.667  1.00 25.95 ? 16  LEU A O   1 
ATOM   88   C CB  . LEU A 1 16 ? 1.979   17.613  -9.329  1.00 25.18 ? 16  LEU A CB  1 
ATOM   89   C CG  . LEU A 1 16 ? 0.737   17.763  -10.214 1.00 26.16 ? 16  LEU A CG  1 
ATOM   90   C CD1 . LEU A 1 16 ? -0.511  17.420  -9.443  1.00 24.93 ? 16  LEU A CD1 1 
ATOM   91   C CD2 . LEU A 1 16 ? 0.641   19.185  -10.759 1.00 27.42 ? 16  LEU A CD2 1 
ATOM   92   N N   . ASN A 1 17 ? 5.288   18.872  -8.877  1.00 27.95 ? 17  ASN A N   1 
ATOM   93   C CA  . ASN A 1 17 ? 6.526   18.777  -8.119  1.00 28.57 ? 17  ASN A CA  1 
ATOM   94   C C   . ASN A 1 17 ? 6.405   18.937  -6.628  1.00 29.61 ? 17  ASN A C   1 
ATOM   95   O O   . ASN A 1 17 ? 5.776   19.883  -6.156  1.00 28.99 ? 17  ASN A O   1 
ATOM   96   C CB  . ASN A 1 17 ? 7.527   19.789  -8.662  1.00 28.07 ? 17  ASN A CB  1 
ATOM   97   C CG  . ASN A 1 17 ? 7.568   19.797  -10.161 1.00 30.23 ? 17  ASN A CG  1 
ATOM   98   O OD1 . ASN A 1 17 ? 7.046   20.707  -10.796 1.00 31.89 ? 17  ASN A OD1 1 
ATOM   99   N ND2 . ASN A 1 17 ? 8.137   18.751  -10.745 1.00 30.95 ? 17  ASN A ND2 1 
ATOM   100  N N   . ILE A 1 18 ? 6.978   17.985  -5.892  1.00 31.71 ? 18  ILE A N   1 
ATOM   101  C CA  . ILE A 1 18 ? 6.976   18.069  -4.436  1.00 33.99 ? 18  ILE A CA  1 
ATOM   102  C C   . ILE A 1 18 ? 8.071   19.093  -4.173  1.00 36.78 ? 18  ILE A C   1 
ATOM   103  O O   . ILE A 1 18 ? 9.257   18.844  -4.414  1.00 36.20 ? 18  ILE A O   1 
ATOM   104  C CB  . ILE A 1 18 ? 7.303   16.740  -3.748  1.00 30.23 ? 18  ILE A CB  1 
ATOM   105  C CG1 . ILE A 1 18 ? 6.348   15.658  -4.228  1.00 28.58 ? 18  ILE A CG1 1 
ATOM   106  C CG2 . ILE A 1 18 ? 7.096   16.900  -2.255  1.00 30.74 ? 18  ILE A CG2 1 
ATOM   107  C CD1 . ILE A 1 18 ? 6.606   14.328  -3.571  1.00 28.92 ? 18  ILE A CD1 1 
ATOM   108  N N   . PRO A 1 19 ? 7.675   20.262  -3.649  1.00 40.29 ? 19  PRO A N   1 
ATOM   109  C CA  . PRO A 1 19 ? 8.570   21.386  -3.335  1.00 43.61 ? 19  PRO A CA  1 
ATOM   110  C C   . PRO A 1 19 ? 9.589   21.051  -2.277  1.00 46.56 ? 19  PRO A C   1 
ATOM   111  O O   . PRO A 1 19 ? 9.329   20.203  -1.420  1.00 47.10 ? 19  PRO A O   1 
ATOM   112  C CB  . PRO A 1 19 ? 7.623   22.476  -2.804  1.00 42.34 ? 19  PRO A CB  1 
ATOM   113  C CG  . PRO A 1 19 ? 6.220   21.910  -2.973  1.00 41.63 ? 19  PRO A CG  1 
ATOM   114  C CD  . PRO A 1 19 ? 6.376   20.437  -2.978  1.00 39.24 ? 19  PRO A CD  1 
ATOM   115  N N   . ASN A 1 20 ? 10.699  21.782  -2.295  1.00 49.04 ? 20  ASN A N   1 
ATOM   116  C CA  . ASN A 1 20 ? 11.808  21.631  -1.331  1.00 51.67 ? 20  ASN A CA  1 
ATOM   117  C C   . ASN A 1 20 ? 11.915  20.226  -0.720  1.00 51.81 ? 20  ASN A C   1 
ATOM   118  O O   . ASN A 1 20 ? 12.237  20.049  0.484   1.00 52.81 ? 20  ASN A O   1 
ATOM   119  C CB  . ASN A 1 20 ? 11.688  22.679  -0.206  1.00 57.02 ? 20  ASN A CB  1 
ATOM   120  C CG  . ASN A 1 20 ? 10.586  22.360  0.765   1.00 63.01 ? 20  ASN A CG  1 
ATOM   121  O OD1 . ASN A 1 20 ? 10.847  22.195  1.980   1.00 65.63 ? 20  ASN A OD1 1 
ATOM   122  N ND2 . ASN A 1 20 ? 9.351   22.265  0.239   1.00 64.82 ? 20  ASN A ND2 1 
ATOM   123  N N   . PHE A 1 21 ? 11.709  19.203  -1.531  1.00 50.55 ? 21  PHE A N   1 
ATOM   124  C CA  . PHE A 1 21 ? 11.779  17.833  -1.064  1.00 49.95 ? 21  PHE A CA  1 
ATOM   125  C C   . PHE A 1 21 ? 12.593  16.968  -2.023  1.00 51.09 ? 21  PHE A C   1 
ATOM   126  O O   . PHE A 1 21 ? 12.406  17.022  -3.256  1.00 51.23 ? 21  PHE A O   1 
ATOM   127  C CB  . PHE A 1 21 ? 10.363  17.272  -0.876  1.00 45.71 ? 21  PHE A CB  1 
ATOM   128  C CG  . PHE A 1 21 ? 10.277  15.780  -0.968  1.00 41.17 ? 21  PHE A CG  1 
ATOM   129  C CD1 . PHE A 1 21 ? 10.488  14.984  0.152   1.00 37.35 ? 21  PHE A CD1 1 
ATOM   130  C CD2 . PHE A 1 21 ? 10.012  15.159  -2.185  1.00 36.60 ? 21  PHE A CD2 1 
ATOM   131  C CE1 . PHE A 1 21 ? 10.449  13.597  0.059   1.00 39.78 ? 21  PHE A CE1 1 
ATOM   132  C CE2 . PHE A 1 21 ? 9.969   13.777  -2.291  1.00 40.01 ? 21  PHE A CE2 1 
ATOM   133  C CZ  . PHE A 1 21 ? 10.195  12.991  -1.168  1.00 37.62 ? 21  PHE A CZ  1 
ATOM   134  N N   . GLN A 1 22 ? 13.505  16.238  -1.422  1.00 51.48 ? 22  GLN A N   1 
ATOM   135  C CA  . GLN A 1 22 ? 14.365  15.293  -2.131  1.00 52.15 ? 22  GLN A CA  1 
ATOM   136  C C   . GLN A 1 22 ? 13.975  13.884  -1.673  1.00 51.47 ? 22  GLN A C   1 
ATOM   137  O O   . GLN A 1 22 ? 13.754  13.652  -0.477  1.00 51.32 ? 22  GLN A O   1 
ATOM   138  C CB  . GLN A 1 22 ? 15.850  15.586  -1.814  1.00 56.31 ? 22  GLN A CB  1 
ATOM   139  C CG  . GLN A 1 22 ? 16.839  14.429  -2.111  1.00 61.06 ? 22  GLN A CG  1 
ATOM   140  C CD  . GLN A 1 22 ? 17.602  14.554  -3.453  1.00 62.08 ? 22  GLN A CD  1 
ATOM   141  O OE1 . GLN A 1 22 ? 17.603  13.638  -4.288  1.00 62.91 ? 22  GLN A OE1 1 
ATOM   142  N NE2 . GLN A 1 22 ? 18.276  15.683  -3.637  1.00 59.04 ? 22  GLN A NE2 1 
ATOM   143  N N   . MET A 1 23 ? 13.947  12.958  -2.629  1.00 50.74 ? 23  MET A N   1 
ATOM   144  C CA  . MET A 1 23 ? 13.606  11.552  -2.378  1.00 50.43 ? 23  MET A CA  1 
ATOM   145  C C   . MET A 1 23 ? 14.834  10.781  -1.933  1.00 50.49 ? 23  MET A C   1 
ATOM   146  O O   . MET A 1 23 ? 15.831  10.739  -2.651  1.00 51.26 ? 23  MET A O   1 
ATOM   147  C CB  . MET A 1 23 ? 13.067  10.906  -3.652  1.00 50.90 ? 23  MET A CB  1 
ATOM   148  C CG  . MET A 1 23 ? 12.589  9.477   -3.513  1.00 50.58 ? 23  MET A CG  1 
ATOM   149  S SD  . MET A 1 23 ? 11.191  9.242   -2.374  1.00 49.55 ? 23  MET A SD  1 
ATOM   150  C CE  . MET A 1 23 ? 11.542  7.545   -1.787  1.00 51.46 ? 23  MET A CE  1 
ATOM   151  N N   . THR A 1 24 ? 14.746  10.162  -0.755  1.00 49.76 ? 24  THR A N   1 
ATOM   152  C CA  . THR A 1 24 ? 15.835  9.370   -0.179  1.00 49.12 ? 24  THR A CA  1 
ATOM   153  C C   . THR A 1 24 ? 15.367  7.959   0.208   1.00 50.22 ? 24  THR A C   1 
ATOM   154  O O   . THR A 1 24 ? 14.181  7.629   0.093   1.00 50.75 ? 24  THR A O   1 
ATOM   155  C CB  . THR A 1 24 ? 16.439  10.073  1.073   1.00 46.24 ? 24  THR A CB  1 
ATOM   156  O OG1 . THR A 1 24 ? 15.507  10.039  2.160   1.00 42.07 ? 24  THR A OG1 1 
ATOM   157  C CG2 . THR A 1 24 ? 16.764  11.526  0.763   1.00 41.52 ? 24  THR A CG2 1 
ATOM   158  N N   . ASP A 1 25 ? 16.308  7.120   0.650   1.00 50.09 ? 25  ASP A N   1 
ATOM   159  C CA  . ASP A 1 25 ? 15.995  5.750   1.071   1.00 49.43 ? 25  ASP A CA  1 
ATOM   160  C C   . ASP A 1 25 ? 15.353  5.730   2.457   1.00 48.24 ? 25  ASP A C   1 
ATOM   161  O O   . ASP A 1 25 ? 14.946  4.686   2.968   1.00 47.84 ? 25  ASP A O   1 
ATOM   162  C CB  . ASP A 1 25 ? 17.259  4.892   1.040   1.00 52.33 ? 25  ASP A CB  1 
ATOM   163  C CG  . ASP A 1 25 ? 17.522  4.290   -0.331  1.00 54.39 ? 25  ASP A CG  1 
ATOM   164  O OD1 . ASP A 1 25 ? 16.991  4.788   -1.349  1.00 53.64 ? 25  ASP A OD1 1 
ATOM   165  O OD2 . ASP A 1 25 ? 18.255  3.287   -0.386  1.00 58.99 ? 25  ASP A OD2 1 
ATOM   166  N N   . ASP A 1 26 ? 15.273  6.917   3.046   1.00 47.28 ? 26  ASP A N   1 
ATOM   167  C CA  . ASP A 1 26 ? 14.680  7.127   4.349   1.00 46.03 ? 26  ASP A CA  1 
ATOM   168  C C   . ASP A 1 26 ? 13.175  7.429   4.307   1.00 43.42 ? 26  ASP A C   1 
ATOM   169  O O   . ASP A 1 26 ? 12.528  7.476   5.342   1.00 43.93 ? 26  ASP A O   1 
ATOM   170  C CB  . ASP A 1 26 ? 15.494  8.202   5.097   1.00 51.20 ? 26  ASP A CB  1 
ATOM   171  C CG  . ASP A 1 26 ? 14.625  9.225   5.831   1.00 57.67 ? 26  ASP A CG  1 
ATOM   172  O OD1 . ASP A 1 26 ? 14.293  8.954   7.015   1.00 59.19 ? 26  ASP A OD1 1 
ATOM   173  O OD2 . ASP A 1 26 ? 14.301  10.292  5.235   1.00 61.76 ? 26  ASP A OD2 1 
ATOM   174  N N   . ILE A 1 27 ? 12.594  7.578   3.124   1.00 40.40 ? 27  ILE A N   1 
ATOM   175  C CA  . ILE A 1 27 ? 11.170  7.848   3.115   1.00 37.73 ? 27  ILE A CA  1 
ATOM   176  C C   . ILE A 1 27 ? 10.430  6.563   2.765   1.00 35.59 ? 27  ILE A C   1 
ATOM   177  O O   . ILE A 1 27 ? 10.820  5.833   1.869   1.00 34.50 ? 27  ILE A O   1 
ATOM   178  C CB  . ILE A 1 27 ? 10.789  9.068   2.232   1.00 37.13 ? 27  ILE A CB  1 
ATOM   179  C CG1 . ILE A 1 27 ? 9.958   8.663   1.033   1.00 35.55 ? 27  ILE A CG1 1 
ATOM   180  C CG2 . ILE A 1 27 ? 11.995  9.857   1.849   1.00 35.63 ? 27  ILE A CG2 1 
ATOM   181  C CD1 . ILE A 1 27 ? 8.540   9.099   1.169   1.00 34.92 ? 27  ILE A CD1 1 
ATOM   182  N N   . ASP A 1 28 ? 9.397   6.272   3.541   1.00 34.26 ? 28  ASP A N   1 
ATOM   183  C CA  . ASP A 1 28 ? 8.601   5.069   3.385   1.00 33.55 ? 28  ASP A CA  1 
ATOM   184  C C   . ASP A 1 28 ? 7.418   5.201   2.435   1.00 32.77 ? 28  ASP A C   1 
ATOM   185  O O   . ASP A 1 28 ? 7.118   4.251   1.707   1.00 32.86 ? 28  ASP A O   1 
ATOM   186  C CB  . ASP A 1 28 ? 8.124   4.609   4.771   1.00 33.53 ? 28  ASP A CB  1 
ATOM   187  C CG  . ASP A 1 28 ? 7.144   3.421   4.719   1.00 33.88 ? 28  ASP A CG  1 
ATOM   188  O OD1 . ASP A 1 28 ? 7.467   2.385   4.095   1.00 30.90 ? 28  ASP A OD1 1 
ATOM   189  O OD2 . ASP A 1 28 ? 6.047   3.526   5.326   1.00 35.31 ? 28  ASP A OD2 1 
ATOM   190  N N   . GLU A 1 29 ? 6.781   6.378   2.410   1.00 32.12 ? 29  GLU A N   1 
ATOM   191  C CA  . GLU A 1 29 ? 5.595   6.591   1.567   1.00 31.19 ? 29  GLU A CA  1 
ATOM   192  C C   . GLU A 1 29 ? 5.325   7.992   1.010   1.00 28.70 ? 29  GLU A C   1 
ATOM   193  O O   . GLU A 1 29 ? 5.566   9.005   1.663   1.00 28.54 ? 29  GLU A O   1 
ATOM   194  C CB  . GLU A 1 29 ? 4.341   6.073   2.311   1.00 34.61 ? 29  GLU A CB  1 
ATOM   195  C CG  . GLU A 1 29 ? 3.129   7.039   2.310   1.00 38.17 ? 29  GLU A CG  1 
ATOM   196  C CD  . GLU A 1 29 ? 1.808   6.410   2.779   1.00 39.48 ? 29  GLU A CD  1 
ATOM   197  O OE1 . GLU A 1 29 ? 1.797   5.638   3.762   1.00 36.82 ? 29  GLU A OE1 1 
ATOM   198  O OE2 . GLU A 1 29 ? 0.759   6.720   2.159   1.00 41.56 ? 29  GLU A OE2 1 
ATOM   199  N N   . VAL A 1 30 ? 4.805   8.022   -0.213  1.00 26.32 ? 30  VAL A N   1 
ATOM   200  C CA  . VAL A 1 30 ? 4.422   9.260   -0.879  1.00 25.94 ? 30  VAL A CA  1 
ATOM   201  C C   . VAL A 1 30 ? 2.957   9.085   -1.295  1.00 25.36 ? 30  VAL A C   1 
ATOM   202  O O   . VAL A 1 30 ? 2.592   8.142   -2.000  1.00 23.45 ? 30  VAL A O   1 
ATOM   203  C CB  . VAL A 1 30 ? 5.308   9.566   -2.120  1.00 27.46 ? 30  VAL A CB  1 
ATOM   204  C CG1 . VAL A 1 30 ? 4.856   10.861  -2.779  1.00 21.76 ? 30  VAL A CG1 1 
ATOM   205  C CG2 . VAL A 1 30 ? 6.762   9.662   -1.719  1.00 24.50 ? 30  VAL A CG2 1 
ATOM   206  N N   . ARG A 1 31 ? 2.112   9.997   -0.838  1.00 25.49 ? 31  ARG A N   1 
ATOM   207  C CA  . ARG A 1 31 ? 0.698   9.900   -1.138  1.00 25.17 ? 31  ARG A CA  1 
ATOM   208  C C   . ARG A 1 31 ? 0.172   11.146  -1.800  1.00 24.22 ? 31  ARG A C   1 
ATOM   209  O O   . ARG A 1 31 ? 0.382   12.242  -1.299  1.00 23.80 ? 31  ARG A O   1 
ATOM   210  C CB  . ARG A 1 31 ? -0.072  9.684   0.152   1.00 28.69 ? 31  ARG A CB  1 
ATOM   211  C CG  . ARG A 1 31 ? -1.501  9.279   -0.054  1.00 29.26 ? 31  ARG A CG  1 
ATOM   212  C CD  . ARG A 1 31 ? -2.179  9.129   1.278   1.00 33.66 ? 31  ARG A CD  1 
ATOM   213  N NE  . ARG A 1 31 ? -2.442  10.429  1.873   1.00 35.22 ? 31  ARG A NE  1 
ATOM   214  C CZ  . ARG A 1 31 ? -2.318  10.697  3.167   1.00 37.62 ? 31  ARG A CZ  1 
ATOM   215  N NH1 . ARG A 1 31 ? -1.915  9.746   4.004   1.00 32.56 ? 31  ARG A NH1 1 
ATOM   216  N NH2 . ARG A 1 31 ? -2.644  11.897  3.626   1.00 37.22 ? 31  ARG A NH2 1 
ATOM   217  N N   . TRP A 1 32 ? -0.487  10.955  -2.939  1.00 23.81 ? 32  TRP A N   1 
ATOM   218  C CA  . TRP A 1 32 ? -1.124  12.032  -3.695  1.00 23.41 ? 32  TRP A CA  1 
ATOM   219  C C   . TRP A 1 32 ? -2.633  11.818  -3.645  1.00 23.64 ? 32  TRP A C   1 
ATOM   220  O O   . TRP A 1 32 ? -3.130  10.725  -3.901  1.00 22.55 ? 32  TRP A O   1 
ATOM   221  C CB  . TRP A 1 32 ? -0.678  12.022  -5.150  1.00 19.66 ? 32  TRP A CB  1 
ATOM   222  C CG  . TRP A 1 32 ? 0.692   12.576  -5.349  1.00 20.91 ? 32  TRP A CG  1 
ATOM   223  C CD1 . TRP A 1 32 ? 1.860   11.869  -5.467  1.00 20.37 ? 32  TRP A CD1 1 
ATOM   224  C CD2 . TRP A 1 32 ? 1.036   13.961  -5.517  1.00 18.60 ? 32  TRP A CD2 1 
ATOM   225  N NE1 . TRP A 1 32 ? 2.906   12.727  -5.711  1.00 18.87 ? 32  TRP A NE1 1 
ATOM   226  C CE2 . TRP A 1 32 ? 2.431   14.007  -5.749  1.00 18.12 ? 32  TRP A CE2 1 
ATOM   227  C CE3 . TRP A 1 32 ? 0.301   15.147  -5.499  1.00 20.84 ? 32  TRP A CE3 1 
ATOM   228  C CZ2 . TRP A 1 32 ? 3.100   15.238  -5.967  1.00 16.39 ? 32  TRP A CZ2 1 
ATOM   229  C CZ3 . TRP A 1 32 ? 0.982   16.362  -5.714  1.00 19.07 ? 32  TRP A CZ3 1 
ATOM   230  C CH2 . TRP A 1 32 ? 2.365   16.392  -5.943  1.00 14.90 ? 32  TRP A CH2 1 
ATOM   231  N N   . GLU A 1 33 ? -3.356  12.869  -3.292  1.00 23.94 ? 33  GLU A N   1 
ATOM   232  C CA  . GLU A 1 33 ? -4.807  12.786  -3.221  1.00 24.21 ? 33  GLU A CA  1 
ATOM   233  C C   . GLU A 1 33 ? -5.344  14.066  -3.809  1.00 24.43 ? 33  GLU A C   1 
ATOM   234  O O   . GLU A 1 33 ? -4.662  15.076  -3.813  1.00 24.65 ? 33  GLU A O   1 
ATOM   235  C CB  . GLU A 1 33 ? -5.299  12.696  -1.770  1.00 22.41 ? 33  GLU A CB  1 
ATOM   236  C CG  . GLU A 1 33 ? -4.861  11.465  -1.021  1.00 19.26 ? 33  GLU A CG  1 
ATOM   237  C CD  . GLU A 1 33 ? -5.221  11.474  0.463   1.00 21.61 ? 33  GLU A CD  1 
ATOM   238  O OE1 . GLU A 1 33 ? -5.461  12.547  1.047   1.00 24.26 ? 33  GLU A OE1 1 
ATOM   239  O OE2 . GLU A 1 33 ? -5.234  10.386  1.064   1.00 25.19 ? 33  GLU A OE2 1 
ATOM   240  N N   . ARG A 1 34 ? -6.595  14.023  -4.244  1.00 24.69 ? 34  ARG A N   1 
ATOM   241  C CA  . ARG A 1 34 ? -7.277  15.187  -4.791  1.00 25.76 ? 34  ARG A CA  1 
ATOM   242  C C   . ARG A 1 34 ? -8.653  15.021  -4.164  1.00 26.01 ? 34  ARG A C   1 
ATOM   243  O O   . ARG A 1 34 ? -9.448  14.184  -4.607  1.00 26.52 ? 34  ARG A O   1 
ATOM   244  C CB  . ARG A 1 34 ? -7.346  15.103  -6.321  1.00 27.97 ? 34  ARG A CB  1 
ATOM   245  C CG  . ARG A 1 34 ? -8.231  16.161  -6.970  1.00 32.78 ? 34  ARG A CG  1 
ATOM   246  C CD  . ARG A 1 34 ? -8.351  15.839  -8.458  1.00 35.65 ? 34  ARG A CD  1 
ATOM   247  N NE  . ARG A 1 34 ? -9.355  16.636  -9.161  1.00 41.26 ? 34  ARG A NE  1 
ATOM   248  C CZ  . ARG A 1 34 ? -10.411 16.118  -9.793  1.00 44.32 ? 34  ARG A CZ  1 
ATOM   249  N NH1 . ARG A 1 34 ? -10.594 14.801  -9.801  1.00 45.58 ? 34  ARG A NH1 1 
ATOM   250  N NH2 . ARG A 1 34 ? -11.276 16.900  -10.433 1.00 46.24 ? 34  ARG A NH2 1 
ATOM   251  N N   . GLY A 1 35 ? -8.931  15.807  -3.120  1.00 25.68 ? 35  GLY A N   1 
ATOM   252  C CA  . GLY A 1 35 ? -10.193 15.671  -2.406  1.00 25.48 ? 35  GLY A CA  1 
ATOM   253  C C   . GLY A 1 35 ? -10.200 14.319  -1.708  1.00 24.57 ? 35  GLY A C   1 
ATOM   254  O O   . GLY A 1 35 ? -9.211  13.932  -1.057  1.00 24.41 ? 35  GLY A O   1 
ATOM   255  N N   . SER A 1 36 ? -11.295 13.573  -1.868  1.00 23.41 ? 36  SER A N   1 
ATOM   256  C CA  . SER A 1 36 ? -11.402 12.252  -1.250  1.00 23.12 ? 36  SER A CA  1 
ATOM   257  C C   . SER A 1 36 ? -10.872 11.112  -2.136  1.00 21.77 ? 36  SER A C   1 
ATOM   258  O O   . SER A 1 36 ? -10.895 9.952   -1.744  1.00 21.93 ? 36  SER A O   1 
ATOM   259  C CB  . SER A 1 36 ? -12.850 11.966  -0.821  1.00 22.04 ? 36  SER A CB  1 
ATOM   260  O OG  . SER A 1 36 ? -13.720 11.880  -1.931  1.00 25.84 ? 36  SER A OG  1 
ATOM   261  N N   . THR A 1 37 ? -10.345 11.465  -3.302  1.00 20.75 ? 37  THR A N   1 
ATOM   262  C CA  . THR A 1 37 ? -9.799  10.498  -4.264  1.00 21.31 ? 37  THR A CA  1 
ATOM   263  C C   . THR A 1 37 ? -8.316  10.221  -4.030  1.00 21.20 ? 37  THR A C   1 
ATOM   264  O O   . THR A 1 37 ? -7.530  11.165  -3.900  1.00 20.92 ? 37  THR A O   1 
ATOM   265  C CB  . THR A 1 37 ? -9.922  11.068  -5.723  1.00 20.75 ? 37  THR A CB  1 
ATOM   266  O OG1 . THR A 1 37 ? -11.296 11.233  -6.063  1.00 28.00 ? 37  THR A OG1 1 
ATOM   267  C CG2 . THR A 1 37 ? -9.298  10.145  -6.748  1.00 23.10 ? 37  THR A CG2 1 
ATOM   268  N N   . LEU A 1 38 ? -7.937  8.942   -3.953  1.00 21.34 ? 38  LEU A N   1 
ATOM   269  C CA  . LEU A 1 38 ? -6.520  8.577   -3.835  1.00 20.86 ? 38  LEU A CA  1 
ATOM   270  C C   . LEU A 1 38 ? -6.059  8.477   -5.295  1.00 21.50 ? 38  LEU A C   1 
ATOM   271  O O   . LEU A 1 38 ? -6.615  7.696   -6.076  1.00 22.60 ? 38  LEU A O   1 
ATOM   272  C CB  . LEU A 1 38 ? -6.332  7.238   -3.131  1.00 21.75 ? 38  LEU A CB  1 
ATOM   273  C CG  . LEU A 1 38 ? -4.869  6.773   -3.034  1.00 22.76 ? 38  LEU A CG  1 
ATOM   274  C CD1 . LEU A 1 38 ? -4.032  7.698   -2.166  1.00 17.19 ? 38  LEU A CD1 1 
ATOM   275  C CD2 . LEU A 1 38 ? -4.838  5.374   -2.486  1.00 25.57 ? 38  LEU A CD2 1 
ATOM   276  N N   . VAL A 1 39 ? -5.078  9.286   -5.674  1.00 20.17 ? 39  VAL A N   1 
ATOM   277  C CA  . VAL A 1 39 ? -4.610  9.313   -7.045  1.00 19.37 ? 39  VAL A CA  1 
ATOM   278  C C   . VAL A 1 39 ? -3.405  8.418   -7.266  1.00 20.21 ? 39  VAL A C   1 
ATOM   279  O O   . VAL A 1 39 ? -3.303  7.684   -8.258  1.00 20.28 ? 39  VAL A O   1 
ATOM   280  C CB  . VAL A 1 39 ? -4.283  10.763  -7.433  1.00 19.42 ? 39  VAL A CB  1 
ATOM   281  C CG1 . VAL A 1 39 ? -3.798  10.842  -8.863  1.00 16.56 ? 39  VAL A CG1 1 
ATOM   282  C CG2 . VAL A 1 39 ? -5.524  11.621  -7.247  1.00 18.90 ? 39  VAL A CG2 1 
ATOM   283  N N   . ALA A 1 40 ? -2.506  8.437   -6.302  1.00 21.55 ? 40  ALA A N   1 
ATOM   284  C CA  . ALA A 1 40 ? -1.294  7.663   -6.417  1.00 22.05 ? 40  ALA A CA  1 
ATOM   285  C C   . ALA A 1 40 ? -0.670  7.509   -5.049  1.00 22.74 ? 40  ALA A C   1 
ATOM   286  O O   . ALA A 1 40 ? -0.755  8.409   -4.215  1.00 22.76 ? 40  ALA A O   1 
ATOM   287  C CB  . ALA A 1 40 ? -0.328  8.397   -7.342  1.00 22.18 ? 40  ALA A CB  1 
ATOM   288  N N   . GLU A 1 41 ? -0.046  6.362   -4.822  1.00 23.45 ? 41  GLU A N   1 
ATOM   289  C CA  . GLU A 1 41 ? 0.627   6.108   -3.566  1.00 24.03 ? 41  GLU A CA  1 
ATOM   290  C C   . GLU A 1 41 ? 1.721   5.082   -3.686  1.00 25.43 ? 41  GLU A C   1 
ATOM   291  O O   . GLU A 1 41 ? 1.576   4.058   -4.341  1.00 24.78 ? 41  GLU A O   1 
ATOM   292  C CB  . GLU A 1 41 ? -0.344  5.655   -2.487  1.00 25.26 ? 41  GLU A CB  1 
ATOM   293  C CG  . GLU A 1 41 ? 0.349   5.137   -1.227  1.00 25.30 ? 41  GLU A CG  1 
ATOM   294  C CD  . GLU A 1 41 ? -0.578  5.134   -0.058  1.00 28.32 ? 41  GLU A CD  1 
ATOM   295  O OE1 . GLU A 1 41 ? -1.427  6.045   0.004   1.00 32.35 ? 41  GLU A OE1 1 
ATOM   296  O OE2 . GLU A 1 41 ? -0.473  4.237   0.798   1.00 31.21 ? 41  GLU A OE2 1 
ATOM   297  N N   . PHE A 1 42 ? 2.825   5.397   -3.031  1.00 27.72 ? 42  PHE A N   1 
ATOM   298  C CA  . PHE A 1 42 ? 3.994   4.545   -2.969  1.00 29.47 ? 42  PHE A CA  1 
ATOM   299  C C   . PHE A 1 42 ? 4.260   4.297   -1.479  1.00 29.25 ? 42  PHE A C   1 
ATOM   300  O O   . PHE A 1 42 ? 3.983   5.140   -0.633  1.00 27.80 ? 42  PHE A O   1 
ATOM   301  C CB  . PHE A 1 42 ? 5.183   5.251   -3.658  1.00 33.93 ? 42  PHE A CB  1 
ATOM   302  C CG  . PHE A 1 42 ? 6.533   4.714   -3.248  1.00 37.43 ? 42  PHE A CG  1 
ATOM   303  C CD1 . PHE A 1 42 ? 7.050   3.587   -3.899  1.00 39.48 ? 42  PHE A CD1 1 
ATOM   304  C CD2 . PHE A 1 42 ? 7.261   5.271   -2.193  1.00 38.79 ? 42  PHE A CD2 1 
ATOM   305  C CE1 . PHE A 1 42 ? 8.252   3.015   -3.509  1.00 39.34 ? 42  PHE A CE1 1 
ATOM   306  C CE2 . PHE A 1 42 ? 8.488   4.693   -1.786  1.00 43.53 ? 42  PHE A CE2 1 
ATOM   307  C CZ  . PHE A 1 42 ? 8.972   3.558   -2.453  1.00 39.91 ? 42  PHE A CZ  1 
ATOM   308  N N   . LYS A 1 43 ? 4.636   3.066   -1.170  1.00 30.63 ? 43  LYS A N   1 
ATOM   309  C CA  . LYS A 1 43 ? 4.947   2.656   0.198   1.00 30.59 ? 43  LYS A CA  1 
ATOM   310  C C   . LYS A 1 43 ? 5.917   1.494   0.054   1.00 30.72 ? 43  LYS A C   1 
ATOM   311  O O   . LYS A 1 43 ? 5.573   0.472   -0.551  1.00 31.04 ? 43  LYS A O   1 
ATOM   312  C CB  . LYS A 1 43 ? 3.681   2.200   0.925   1.00 29.37 ? 43  LYS A CB  1 
ATOM   313  C CG  . LYS A 1 43 ? 3.958   1.539   2.255   1.00 27.01 ? 43  LYS A CG  1 
ATOM   314  C CD  . LYS A 1 43 ? 3.024   2.062   3.319   1.00 27.91 ? 43  LYS A CD  1 
ATOM   315  C CE  . LYS A 1 43 ? 3.125   1.277   4.617   1.00 24.78 ? 43  LYS A CE  1 
ATOM   316  N NZ  . LYS A 1 43 ? 4.480   1.143   5.238   1.00 25.70 ? 43  LYS A NZ  1 
ATOM   317  N N   . ARG A 1 44 ? 7.142   1.677   0.543   1.00 31.24 ? 44  ARG A N   1 
ATOM   318  C CA  . ARG A 1 44 ? 8.172   0.638   0.459   1.00 31.88 ? 44  ARG A CA  1 
ATOM   319  C C   . ARG A 1 44 ? 7.974   -0.489  1.453   1.00 31.82 ? 44  ARG A C   1 
ATOM   320  O O   . ARG A 1 44 ? 8.070   -1.655  1.090   1.00 32.39 ? 44  ARG A O   1 
ATOM   321  C CB  . ARG A 1 44 ? 9.586   1.219   0.614   1.00 31.95 ? 44  ARG A CB  1 
ATOM   322  C CG  . ARG A 1 44 ? 9.685   2.374   1.592   1.00 37.27 ? 44  ARG A CG  1 
ATOM   323  C CD  . ARG A 1 44 ? 11.129  2.681   2.052   1.00 41.22 ? 44  ARG A CD  1 
ATOM   324  N NE  . ARG A 1 44 ? 12.141  2.468   1.022   1.00 39.63 ? 44  ARG A NE  1 
ATOM   325  C CZ  . ARG A 1 44 ? 12.630  3.404   0.219   1.00 40.53 ? 44  ARG A CZ  1 
ATOM   326  N NH1 . ARG A 1 44 ? 12.212  4.652   0.305   1.00 41.80 ? 44  ARG A NH1 1 
ATOM   327  N NH2 . ARG A 1 44 ? 13.549  3.086   -0.675  1.00 42.60 ? 44  ARG A NH2 1 
ATOM   328  N N   . LYS A 1 45 ? 7.752   -0.136  2.713   1.00 31.59 ? 45  LYS A N   1 
ATOM   329  C CA  . LYS A 1 45 ? 7.536   -1.129  3.758   1.00 32.17 ? 45  LYS A CA  1 
ATOM   330  C C   . LYS A 1 45 ? 6.112   -1.664  3.756   1.00 31.70 ? 45  LYS A C   1 
ATOM   331  O O   . LYS A 1 45 ? 5.176   -0.995  3.332   1.00 31.81 ? 45  LYS A O   1 
ATOM   332  C CB  . LYS A 1 45 ? 7.808   -0.543  5.148   1.00 35.10 ? 45  LYS A CB  1 
ATOM   333  C CG  . LYS A 1 45 ? 9.249   -0.226  5.473   1.00 41.61 ? 45  LYS A CG  1 
ATOM   334  C CD  . LYS A 1 45 ? 9.318   0.632   6.735   1.00 44.90 ? 45  LYS A CD  1 
ATOM   335  C CE  . LYS A 1 45 ? 9.581   -0.183  7.998   1.00 48.60 ? 45  LYS A CE  1 
ATOM   336  N NZ  . LYS A 1 45 ? 11.041  -0.449  8.193   1.00 49.21 ? 45  LYS A NZ  1 
ATOM   337  N N   . PRO A 1 46 ? 5.941   -2.903  4.207   1.00 31.29 ? 48  PRO A N   1 
ATOM   338  C CA  . PRO A 1 46 ? 4.636   -3.557  4.281   1.00 31.00 ? 48  PRO A CA  1 
ATOM   339  C C   . PRO A 1 46 ? 3.807   -3.009  5.428   1.00 29.76 ? 48  PRO A C   1 
ATOM   340  O O   . PRO A 1 46 ? 4.344   -2.525  6.428   1.00 30.71 ? 48  PRO A O   1 
ATOM   341  C CB  . PRO A 1 46 ? 5.003   -5.015  4.559   1.00 31.89 ? 48  PRO A CB  1 
ATOM   342  C CG  . PRO A 1 46 ? 6.327   -5.159  3.879   1.00 33.35 ? 48  PRO A CG  1 
ATOM   343  C CD  . PRO A 1 46 ? 7.022   -3.895  4.318   1.00 32.88 ? 48  PRO A CD  1 
ATOM   344  N N   . PHE A 1 47 ? 2.490   -3.089  5.275   1.00 28.30 ? 49  PHE A N   1 
ATOM   345  C CA  . PHE A 1 47 ? 1.580   -2.646  6.315   1.00 25.49 ? 49  PHE A CA  1 
ATOM   346  C C   . PHE A 1 47 ? 1.560   -3.745  7.364   1.00 22.66 ? 49  PHE A C   1 
ATOM   347  O O   . PHE A 1 47 ? 1.513   -4.905  7.016   1.00 21.70 ? 49  PHE A O   1 
ATOM   348  C CB  . PHE A 1 47 ? 0.164   -2.457  5.754   1.00 24.32 ? 49  PHE A CB  1 
ATOM   349  C CG  . PHE A 1 47 ? -0.864  -2.169  6.812   1.00 25.86 ? 49  PHE A CG  1 
ATOM   350  C CD1 . PHE A 1 47 ? -1.022  -0.878  7.293   1.00 27.11 ? 49  PHE A CD1 1 
ATOM   351  C CD2 . PHE A 1 47 ? -1.611  -3.196  7.393   1.00 23.04 ? 49  PHE A CD2 1 
ATOM   352  C CE1 . PHE A 1 47 ? -1.896  -0.609  8.336   1.00 26.67 ? 49  PHE A CE1 1 
ATOM   353  C CE2 . PHE A 1 47 ? -2.488  -2.932  8.439   1.00 21.85 ? 49  PHE A CE2 1 
ATOM   354  C CZ  . PHE A 1 47 ? -2.628  -1.639  8.913   1.00 22.74 ? 49  PHE A CZ  1 
ATOM   355  N N   . LEU A 1 48 ? 1.633   -3.371  8.634   1.00 22.01 ? 50  LEU A N   1 
ATOM   356  C CA  . LEU A 1 48 ? 1.576   -4.320  9.742   1.00 22.65 ? 50  LEU A CA  1 
ATOM   357  C C   . LEU A 1 48 ? 0.732   -3.647  10.812  1.00 23.60 ? 50  LEU A C   1 
ATOM   358  O O   . LEU A 1 48 ? 0.967   -2.478  11.128  1.00 23.79 ? 50  LEU A O   1 
ATOM   359  C CB  . LEU A 1 48 ? 2.973   -4.600  10.301  1.00 20.65 ? 50  LEU A CB  1 
ATOM   360  C CG  . LEU A 1 48 ? 3.927   -5.400  9.420   1.00 23.28 ? 50  LEU A CG  1 
ATOM   361  C CD1 . LEU A 1 48 ? 5.261   -5.516  10.095  1.00 22.79 ? 50  LEU A CD1 1 
ATOM   362  C CD2 . LEU A 1 48 ? 3.349   -6.781  9.139   1.00 21.35 ? 50  LEU A CD2 1 
ATOM   363  N N   . LYS A 1 49 ? -0.246  -4.369  11.367  1.00 23.81 ? 51  LYS A N   1 
ATOM   364  C CA  . LYS A 1 49 ? -1.113  -3.805  12.407  1.00 24.48 ? 51  LYS A CA  1 
ATOM   365  C C   . LYS A 1 49 ? -0.319  -3.290  13.604  1.00 25.84 ? 51  LYS A C   1 
ATOM   366  O O   . LYS A 1 49 ? -0.601  -2.223  14.151  1.00 26.94 ? 51  LYS A O   1 
ATOM   367  C CB  . LYS A 1 49 ? -2.134  -4.834  12.889  1.00 21.65 ? 51  LYS A CB  1 
ATOM   368  C CG  . LYS A 1 49 ? -2.913  -4.353  14.086  1.00 21.09 ? 51  LYS A CG  1 
ATOM   369  C CD  . LYS A 1 49 ? -3.956  -5.347  14.576  1.00 25.82 ? 51  LYS A CD  1 
ATOM   370  C CE  . LYS A 1 49 ? -4.701  -4.759  15.796  1.00 25.62 ? 51  LYS A CE  1 
ATOM   371  N NZ  . LYS A 1 49 ? -5.704  -5.694  16.377  1.00 23.33 ? 51  LYS A NZ  1 
ATOM   372  N N   . SER A 1 50 ? 0.697   -4.051  13.988  1.00 26.68 ? 52  SER A N   1 
ATOM   373  C CA  . SER A 1 50 ? 1.550   -3.710  15.118  1.00 27.18 ? 52  SER A CA  1 
ATOM   374  C C   . SER A 1 50 ? 2.790   -4.594  15.040  1.00 27.77 ? 52  SER A C   1 
ATOM   375  O O   . SER A 1 50 ? 2.933   -5.385  14.106  1.00 26.58 ? 52  SER A O   1 
ATOM   376  C CB  . SER A 1 50 ? 0.801   -3.947  16.445  1.00 28.63 ? 52  SER A CB  1 
ATOM   377  O OG  . SER A 1 50 ? 0.523   -5.329  16.663  1.00 30.06 ? 52  SER A OG  1 
ATOM   378  N N   . GLY A 1 51 ? 3.696   -4.432  16.001  1.00 28.29 ? 53  GLY A N   1 
ATOM   379  C CA  . GLY A 1 51 ? 4.907   -5.231  16.034  1.00 28.86 ? 53  GLY A CA  1 
ATOM   380  C C   . GLY A 1 51 ? 4.599   -6.673  16.379  1.00 29.13 ? 53  GLY A C   1 
ATOM   381  O O   . GLY A 1 51 ? 5.468   -7.527  16.295  1.00 31.38 ? 53  GLY A O   1 
ATOM   382  N N   . ALA A 1 52 ? 3.369   -6.956  16.780  1.00 28.71 ? 54  ALA A N   1 
ATOM   383  C CA  . ALA A 1 52 ? 2.987   -8.327  17.099  1.00 29.03 ? 54  ALA A CA  1 
ATOM   384  C C   . ALA A 1 52 ? 2.962   -9.236  15.849  1.00 29.27 ? 54  ALA A C   1 
ATOM   385  O O   . ALA A 1 52 ? 2.876   -10.459 15.969  1.00 29.71 ? 54  ALA A O   1 
ATOM   386  C CB  . ALA A 1 52 ? 1.630   -8.336  17.792  1.00 28.02 ? 54  ALA A CB  1 
ATOM   387  N N   . PHE A 1 53 ? 3.085   -8.636  14.661  1.00 28.72 ? 55  PHE A N   1 
ATOM   388  C CA  . PHE A 1 53 ? 3.043   -9.368  13.394  1.00 27.49 ? 55  PHE A CA  1 
ATOM   389  C C   . PHE A 1 53 ? 4.204   -9.003  12.485  1.00 27.85 ? 55  PHE A C   1 
ATOM   390  O O   . PHE A 1 53 ? 4.937   -8.058  12.746  1.00 28.21 ? 55  PHE A O   1 
ATOM   391  C CB  . PHE A 1 53 ? 1.751   -9.018  12.627  1.00 26.22 ? 55  PHE A CB  1 
ATOM   392  C CG  . PHE A 1 53 ? 0.486   -9.208  13.420  1.00 23.68 ? 55  PHE A CG  1 
ATOM   393  C CD1 . PHE A 1 53 ? -0.016  -8.175  14.216  1.00 20.03 ? 55  PHE A CD1 1 
ATOM   394  C CD2 . PHE A 1 53 ? -0.205  -10.422 13.375  1.00 20.13 ? 55  PHE A CD2 1 
ATOM   395  C CE1 . PHE A 1 53 ? -1.188  -8.356  14.961  1.00 19.88 ? 55  PHE A CE1 1 
ATOM   396  C CE2 . PHE A 1 53 ? -1.370  -10.604 14.111  1.00 17.52 ? 55  PHE A CE2 1 
ATOM   397  C CZ  . PHE A 1 53 ? -1.861  -9.570  14.906  1.00 14.91 ? 55  PHE A CZ  1 
ATOM   398  N N   . GLU A 1 54 ? 4.346   -9.758  11.404  1.00 28.37 ? 56  GLU A N   1 
ATOM   399  C CA  . GLU A 1 54 ? 5.349   -9.488  10.385  1.00 29.92 ? 56  GLU A CA  1 
ATOM   400  C C   . GLU A 1 54 ? 5.097   -10.386 9.184   1.00 30.24 ? 56  GLU A C   1 
ATOM   401  O O   . GLU A 1 54 ? 4.711   -11.542 9.342   1.00 30.67 ? 56  GLU A O   1 
ATOM   402  C CB  . GLU A 1 54 ? 6.783   -9.633  10.909  1.00 33.70 ? 56  GLU A CB  1 
ATOM   403  C CG  . GLU A 1 54 ? 7.191   -11.006 11.346  1.00 39.51 ? 56  GLU A CG  1 
ATOM   404  C CD  . GLU A 1 54 ? 8.649   -11.058 11.759  1.00 44.10 ? 56  GLU A CD  1 
ATOM   405  O OE1 . GLU A 1 54 ? 9.085   -10.229 12.588  1.00 47.58 ? 56  GLU A OE1 1 
ATOM   406  O OE2 . GLU A 1 54 ? 9.367   -11.938 11.250  1.00 49.64 ? 56  GLU A OE2 1 
ATOM   407  N N   . ILE A 1 55 ? 5.192   -9.820  7.985   1.00 29.43 ? 57  ILE A N   1 
ATOM   408  C CA  . ILE A 1 55 ? 4.968   -10.593 6.771   1.00 29.73 ? 57  ILE A CA  1 
ATOM   409  C C   . ILE A 1 55 ? 6.323   -11.112 6.282   1.00 29.72 ? 57  ILE A C   1 
ATOM   410  O O   . ILE A 1 55 ? 7.276   -10.347 6.151   1.00 31.07 ? 57  ILE A O   1 
ATOM   411  C CB  . ILE A 1 55 ? 4.187   -9.746  5.715   1.00 28.81 ? 57  ILE A CB  1 
ATOM   412  C CG1 . ILE A 1 55 ? 3.626   -10.635 4.615   1.00 28.89 ? 57  ILE A CG1 1 
ATOM   413  C CG2 . ILE A 1 55 ? 5.056   -8.659  5.132   1.00 31.63 ? 57  ILE A CG2 1 
ATOM   414  C CD1 . ILE A 1 55 ? 2.390   -10.058 3.952   1.00 27.38 ? 57  ILE A CD1 1 
ATOM   415  N N   . LEU A 1 56 ? 6.429   -12.422 6.086   1.00 28.67 ? 58  LEU A N   1 
ATOM   416  C CA  . LEU A 1 56 ? 7.691   -13.019 5.658   1.00 28.86 ? 58  LEU A CA  1 
ATOM   417  C C   . LEU A 1 56 ? 7.941   -12.903 4.169   1.00 29.89 ? 58  LEU A C   1 
ATOM   418  O O   . LEU A 1 56 ? 7.017   -12.638 3.397   1.00 29.52 ? 58  LEU A O   1 
ATOM   419  C CB  . LEU A 1 56 ? 7.781   -14.473 6.105   1.00 28.47 ? 58  LEU A CB  1 
ATOM   420  C CG  . LEU A 1 56 ? 7.518   -14.728 7.594   1.00 28.59 ? 58  LEU A CG  1 
ATOM   421  C CD1 . LEU A 1 56 ? 7.779   -16.189 7.893   1.00 29.32 ? 58  LEU A CD1 1 
ATOM   422  C CD2 . LEU A 1 56 ? 8.388   -13.830 8.487   1.00 25.58 ? 58  LEU A CD2 1 
ATOM   423  N N   . ALA A 1 57 ? 9.193   -13.105 3.764   1.00 30.75 ? 59  ALA A N   1 
ATOM   424  C CA  . ALA A 1 57 ? 9.569   -12.987 2.355   1.00 30.62 ? 59  ALA A CA  1 
ATOM   425  C C   . ALA A 1 57 ? 8.782   -13.911 1.431   1.00 30.15 ? 59  ALA A C   1 
ATOM   426  O O   . ALA A 1 57 ? 8.712   -13.660 0.235   1.00 30.28 ? 59  ALA A O   1 
ATOM   427  C CB  . ALA A 1 57 ? 11.066  -13.191 2.172   1.00 30.62 ? 59  ALA A CB  1 
ATOM   428  N N   . ASN A 1 58 ? 8.164   -14.954 1.986   1.00 30.15 ? 60  ASN A N   1 
ATOM   429  C CA  . ASN A 1 58 ? 7.354   -15.884 1.185   1.00 29.45 ? 60  ASN A CA  1 
ATOM   430  C C   . ASN A 1 58 ? 5.849   -15.583 1.236   1.00 28.58 ? 60  ASN A C   1 
ATOM   431  O O   . ASN A 1 58 ? 5.040   -16.338 0.690   1.00 29.34 ? 60  ASN A O   1 
ATOM   432  C CB  . ASN A 1 58 ? 7.626   -17.350 1.562   1.00 29.12 ? 60  ASN A CB  1 
ATOM   433  C CG  . ASN A 1 58 ? 7.173   -17.699 2.956   1.00 30.23 ? 60  ASN A CG  1 
ATOM   434  O OD1 . ASN A 1 58 ? 6.781   -16.838 3.735   1.00 33.13 ? 60  ASN A OD1 1 
ATOM   435  N ND2 . ASN A 1 58 ? 7.215   -18.977 3.274   1.00 30.41 ? 60  ASN A ND2 1 
ATOM   436  N N   . GLY A 1 59 ? 5.500   -14.458 1.865   1.00 27.52 ? 61  GLY A N   1 
ATOM   437  C CA  . GLY A 1 59 ? 4.118   -14.030 1.984   1.00 25.70 ? 61  GLY A CA  1 
ATOM   438  C C   . GLY A 1 59 ? 3.393   -14.516 3.227   1.00 24.52 ? 61  GLY A C   1 
ATOM   439  O O   . GLY A 1 59 ? 2.298   -14.053 3.512   1.00 25.59 ? 61  GLY A O   1 
ATOM   440  N N   . ASP A 1 60 ? 3.990   -15.447 3.966   1.00 23.77 ? 62  ASP A N   1 
ATOM   441  C CA  . ASP A 1 60 ? 3.377   -16.009 5.181   1.00 23.03 ? 62  ASP A CA  1 
ATOM   442  C C   . ASP A 1 60 ? 3.218   -14.987 6.317   1.00 21.24 ? 62  ASP A C   1 
ATOM   443  O O   . ASP A 1 60 ? 3.992   -14.034 6.421   1.00 19.95 ? 62  ASP A O   1 
ATOM   444  C CB  . ASP A 1 60 ? 4.192   -17.226 5.685   1.00 24.68 ? 62  ASP A CB  1 
ATOM   445  C CG  . ASP A 1 60 ? 4.015   -18.498 4.824   1.00 24.70 ? 62  ASP A CG  1 
ATOM   446  O OD1 . ASP A 1 60 ? 3.300   -18.511 3.790   1.00 25.38 ? 62  ASP A OD1 1 
ATOM   447  O OD2 . ASP A 1 60 ? 4.607   -19.522 5.209   1.00 26.65 ? 62  ASP A OD2 1 
ATOM   448  N N   . LEU A 1 61 ? 2.220   -15.205 7.173   1.00 19.79 ? 63  LEU A N   1 
ATOM   449  C CA  . LEU A 1 61 ? 1.961   -14.306 8.288   1.00 21.31 ? 63  LEU A CA  1 
ATOM   450  C C   . LEU A 1 61 ? 2.507   -14.885 9.570   1.00 22.26 ? 63  LEU A C   1 
ATOM   451  O O   . LEU A 1 61 ? 2.112   -15.953 10.002  1.00 21.87 ? 63  LEU A O   1 
ATOM   452  C CB  . LEU A 1 61 ? 0.460   -14.071 8.461   1.00 19.97 ? 63  LEU A CB  1 
ATOM   453  C CG  . LEU A 1 61 ? -0.134  -12.774 9.042   1.00 21.83 ? 63  LEU A CG  1 
ATOM   454  C CD1 . LEU A 1 61 ? -1.223  -13.148 10.007  1.00 13.59 ? 63  LEU A CD1 1 
ATOM   455  C CD2 . LEU A 1 61 ? 0.868   -11.850 9.689   1.00 20.66 ? 63  LEU A CD2 1 
ATOM   456  N N   . LYS A 1 62 ? 3.437   -14.168 10.173  1.00 24.51 ? 64  LYS A N   1 
ATOM   457  C CA  . LYS A 1 62 ? 3.991   -14.598 11.427  1.00 25.65 ? 64  LYS A CA  1 
ATOM   458  C C   . LYS A 1 62 ? 3.359   -13.795 12.579  1.00 26.76 ? 64  LYS A C   1 
ATOM   459  O O   . LYS A 1 62 ? 3.360   -12.564 12.569  1.00 26.05 ? 64  LYS A O   1 
ATOM   460  C CB  . LYS A 1 62 ? 5.497   -14.412 11.428  1.00 26.18 ? 64  LYS A CB  1 
ATOM   461  C CG  . LYS A 1 62 ? 6.108   -14.788 12.770  1.00 32.20 ? 64  LYS A CG  1 
ATOM   462  C CD  . LYS A 1 62 ? 7.618   -14.662 12.778  1.00 35.85 ? 64  LYS A CD  1 
ATOM   463  C CE  . LYS A 1 62 ? 8.186   -15.129 14.096  1.00 38.26 ? 64  LYS A CE  1 
ATOM   464  N NZ  . LYS A 1 62 ? 9.665   -15.010 14.121  1.00 39.73 ? 64  LYS A NZ  1 
ATOM   465  N N   . ILE A 1 63 ? 2.732   -14.512 13.510  1.00 27.87 ? 65  ILE A N   1 
ATOM   466  C CA  . ILE A 1 63 ? 2.137   -13.914 14.696  1.00 28.53 ? 65  ILE A CA  1 
ATOM   467  C C   . ILE A 1 63 ? 3.179   -14.254 15.757  1.00 29.80 ? 65  ILE A C   1 
ATOM   468  O O   . ILE A 1 63 ? 3.360   -15.413 16.119  1.00 29.38 ? 65  ILE A O   1 
ATOM   469  C CB  . ILE A 1 63 ? 0.787   -14.567 15.026  1.00 26.57 ? 65  ILE A CB  1 
ATOM   470  C CG1 . ILE A 1 63 ? -0.104  -14.617 13.777  1.00 26.12 ? 65  ILE A CG1 1 
ATOM   471  C CG2 . ILE A 1 63 ? 0.075   -13.796 16.141  1.00 26.79 ? 65  ILE A CG2 1 
ATOM   472  C CD1 . ILE A 1 63 ? -1.432  -15.277 14.021  1.00 23.11 ? 65  ILE A CD1 1 
ATOM   473  N N   . LYS A 1 64 ? 3.872   -13.228 16.235  1.00 31.41 ? 66  LYS A N   1 
ATOM   474  C CA  . LYS A 1 64 ? 4.934   -13.397 17.217  1.00 32.97 ? 66  LYS A CA  1 
ATOM   475  C C   . LYS A 1 64 ? 4.614   -14.053 18.561  1.00 34.16 ? 66  LYS A C   1 
ATOM   476  O O   . LYS A 1 64 ? 5.354   -14.944 19.007  1.00 35.02 ? 66  LYS A O   1 
ATOM   477  C CB  . LYS A 1 64 ? 5.641   -12.071 17.455  1.00 31.86 ? 66  LYS A CB  1 
ATOM   478  C CG  . LYS A 1 64 ? 6.417   -11.546 16.271  1.00 31.69 ? 66  LYS A CG  1 
ATOM   479  C CD  . LYS A 1 64 ? 7.170   -10.285 16.643  1.00 37.06 ? 66  LYS A CD  1 
ATOM   480  C CE  . LYS A 1 64 ? 7.920   -9.736  15.429  1.00 42.36 ? 66  LYS A CE  1 
ATOM   481  N NZ  . LYS A 1 64 ? 8.607   -8.424  15.647  1.00 43.57 ? 66  LYS A NZ  1 
ATOM   482  N N   . ASN A 1 65 ? 3.543   -13.622 19.220  1.00 34.34 ? 67  ASN A N   1 
ATOM   483  C CA  . ASN A 1 65 ? 3.185   -14.193 20.520  1.00 35.52 ? 67  ASN A CA  1 
ATOM   484  C C   . ASN A 1 65 ? 1.671   -14.443 20.630  1.00 35.22 ? 67  ASN A C   1 
ATOM   485  O O   . ASN A 1 65 ? 0.892   -13.518 20.799  1.00 35.93 ? 67  ASN A O   1 
ATOM   486  C CB  . ASN A 1 65 ? 3.731   -13.260 21.615  1.00 39.75 ? 67  ASN A CB  1 
ATOM   487  C CG  . ASN A 1 65 ? 2.918   -13.298 22.888  1.00 46.59 ? 67  ASN A CG  1 
ATOM   488  O OD1 . ASN A 1 65 ? 2.986   -14.261 23.645  1.00 48.62 ? 67  ASN A OD1 1 
ATOM   489  N ND2 . ASN A 1 65 ? 2.138   -12.237 23.131  1.00 50.14 ? 67  ASN A ND2 1 
ATOM   490  N N   . LEU A 1 66 ? 1.261   -15.706 20.548  1.00 34.82 ? 68  LEU A N   1 
ATOM   491  C CA  . LEU A 1 66 ? -0.164  -16.057 20.574  1.00 34.73 ? 68  LEU A CA  1 
ATOM   492  C C   . LEU A 1 66 ? -0.942  -15.831 21.861  1.00 35.53 ? 68  LEU A C   1 
ATOM   493  O O   . LEU A 1 66 ? -0.496  -16.199 22.947  1.00 35.78 ? 68  LEU A O   1 
ATOM   494  C CB  . LEU A 1 66 ? -0.369  -17.498 20.098  1.00 33.13 ? 68  LEU A CB  1 
ATOM   495  C CG  . LEU A 1 66 ? -0.049  -17.749 18.621  1.00 30.23 ? 68  LEU A CG  1 
ATOM   496  C CD1 . LEU A 1 66 ? 0.057   -19.229 18.369  1.00 24.85 ? 68  LEU A CD1 1 
ATOM   497  C CD2 . LEU A 1 66 ? -1.113  -17.109 17.733  1.00 28.23 ? 68  LEU A CD2 1 
ATOM   498  N N   . THR A 1 67 ? -2.092  -15.180 21.728  1.00 35.63 ? 69  THR A N   1 
ATOM   499  C CA  . THR A 1 67 ? -2.980  -14.918 22.858  1.00 37.06 ? 69  THR A CA  1 
ATOM   500  C C   . THR A 1 67 ? -4.371  -15.355 22.432  1.00 38.21 ? 69  THR A C   1 
ATOM   501  O O   . THR A 1 67 ? -4.582  -15.703 21.266  1.00 38.57 ? 69  THR A O   1 
ATOM   502  C CB  . THR A 1 67 ? -3.016  -13.429 23.289  1.00 38.27 ? 69  THR A CB  1 
ATOM   503  O OG1 . THR A 1 67 ? -3.328  -12.596 22.164  1.00 40.17 ? 69  THR A OG1 1 
ATOM   504  C CG2 . THR A 1 67 ? -1.691  -12.999 23.914  1.00 36.95 ? 69  THR A CG2 1 
ATOM   505  N N   . ARG A 1 68 ? -5.296  -15.401 23.384  1.00 38.62 ? 70  ARG A N   1 
ATOM   506  C CA  . ARG A 1 68 ? -6.671  -15.822 23.101  1.00 39.82 ? 70  ARG A CA  1 
ATOM   507  C C   . ARG A 1 68 ? -7.317  -15.014 21.972  1.00 40.61 ? 70  ARG A C   1 
ATOM   508  O O   . ARG A 1 68 ? -8.030  -15.575 21.139  1.00 41.58 ? 70  ARG A O   1 
ATOM   509  C CB  . ARG A 1 68 ? -7.503  -15.700 24.380  1.00 42.09 ? 70  ARG A CB  1 
ATOM   510  C CG  . ARG A 1 68 ? -8.650  -16.658 24.518  1.00 40.35 ? 70  ARG A CG  1 
ATOM   511  C CD  . ARG A 1 68 ? -9.373  -16.397 25.837  1.00 44.39 ? 70  ARG A CD  1 
ATOM   512  N NE  . ARG A 1 68 ? -9.866  -17.618 26.515  1.00 48.79 ? 70  ARG A NE  1 
ATOM   513  C CZ  . ARG A 1 68 ? -10.255 -17.645 27.780  1.00 48.79 ? 70  ARG A CZ  1 
ATOM   514  N NH1 . ARG A 1 68 ? -10.244 -16.581 28.528  1.00 49.76 ? 70  ARG A NH1 1 
ATOM   515  N NH2 . ARG A 1 68 ? -10.850 -18.733 28.233  1.00 49.21 ? 70  ARG A NH2 1 
ATOM   516  N N   . ASP A 1 69 ? -7.027  -13.724 21.915  1.00 40.83 ? 71  ASP A N   1 
ATOM   517  C CA  . ASP A 1 69 ? -7.564  -12.835 20.879  1.00 40.09 ? 71  ASP A CA  1 
ATOM   518  C C   . ASP A 1 69 ? -6.960  -12.967 19.448  1.00 38.88 ? 71  ASP A C   1 
ATOM   519  O O   . ASP A 1 69 ? -7.402  -12.280 18.519  1.00 39.73 ? 71  ASP A O   1 
ATOM   520  C CB  . ASP A 1 69 ? -7.561  -11.363 21.347  1.00 41.70 ? 71  ASP A CB  1 
ATOM   521  C CG  . ASP A 1 69 ? -6.217  -10.922 21.942  1.00 45.86 ? 71  ASP A CG  1 
ATOM   522  O OD1 . ASP A 1 69 ? -6.079  -11.107 23.171  1.00 48.65 ? 71  ASP A OD1 1 
ATOM   523  O OD2 . ASP A 1 69 ? -5.338  -10.349 21.234  1.00 48.44 ? 71  ASP A OD2 1 
ATOM   524  N N   . ASP A 1 70 ? -5.990  -13.857 19.280  1.00 37.14 ? 72  ASP A N   1 
ATOM   525  C CA  . ASP A 1 70 ? -5.369  -14.105 17.960  1.00 34.95 ? 72  ASP A CA  1 
ATOM   526  C C   . ASP A 1 70 ? -6.084  -15.210 17.186  1.00 33.43 ? 72  ASP A C   1 
ATOM   527  O O   . ASP A 1 70 ? -5.806  -15.445 16.007  1.00 32.94 ? 72  ASP A O   1 
ATOM   528  C CB  . ASP A 1 70 ? -3.880  -14.448 18.089  1.00 34.43 ? 72  ASP A CB  1 
ATOM   529  C CG  . ASP A 1 70 ? -3.044  -13.247 18.450  1.00 34.16 ? 72  ASP A CG  1 
ATOM   530  O OD1 . ASP A 1 70 ? -3.218  -12.180 17.812  1.00 31.96 ? 72  ASP A OD1 1 
ATOM   531  O OD2 . ASP A 1 70 ? -2.205  -13.381 19.371  1.00 32.28 ? 72  ASP A OD2 1 
ATOM   532  N N   . SER A 1 71 ? -7.010  -15.890 17.852  1.00 31.97 ? 73  SER A N   1 
ATOM   533  C CA  . SER A 1 71 ? -7.754  -16.957 17.207  1.00 30.90 ? 73  SER A CA  1 
ATOM   534  C C   . SER A 1 71 ? -8.792  -16.388 16.250  1.00 31.00 ? 73  SER A C   1 
ATOM   535  O O   . SER A 1 71 ? -9.269  -15.257 16.418  1.00 31.88 ? 73  SER A O   1 
ATOM   536  C CB  . SER A 1 71 ? -8.425  -17.852 18.250  1.00 29.91 ? 73  SER A CB  1 
ATOM   537  O OG  . SER A 1 71 ? -9.360  -17.109 19.007  1.00 29.60 ? 73  SER A OG  1 
ATOM   538  N N   . GLY A 1 72 ? -9.129  -17.182 15.240  1.00 30.76 ? 74  GLY A N   1 
ATOM   539  C CA  . GLY A 1 72 ? -10.108 -16.765 14.262  1.00 29.83 ? 74  GLY A CA  1 
ATOM   540  C C   . GLY A 1 72 ? -9.684  -17.152 12.867  1.00 29.24 ? 74  GLY A C   1 
ATOM   541  O O   . GLY A 1 72 ? -8.678  -17.834 12.657  1.00 27.75 ? 74  GLY A O   1 
ATOM   542  N N   . THR A 1 73 ? -10.461 -16.669 11.909  1.00 29.44 ? 75  THR A N   1 
ATOM   543  C CA  . THR A 1 73 ? -10.250 -16.928 10.494  1.00 28.63 ? 75  THR A CA  1 
ATOM   544  C C   . THR A 1 73 ? -9.414  -15.817 9.868   1.00 27.50 ? 75  THR A C   1 
ATOM   545  O O   . THR A 1 73 ? -9.774  -14.640 9.941   1.00 26.96 ? 75  THR A O   1 
ATOM   546  C CB  . THR A 1 73 ? -11.617 -17.009 9.777   1.00 28.93 ? 75  THR A CB  1 
ATOM   547  O OG1 . THR A 1 73 ? -12.396 -18.058 10.366  1.00 32.59 ? 75  THR A OG1 1 
ATOM   548  C CG2 . THR A 1 73 ? -11.458 -17.259 8.278   1.00 30.68 ? 75  THR A CG2 1 
ATOM   549  N N   . TYR A 1 74 ? -8.298  -16.208 9.255   1.00 26.73 ? 76  TYR A N   1 
ATOM   550  C CA  . TYR A 1 74 ? -7.387  -15.285 8.594   1.00 26.08 ? 76  TYR A CA  1 
ATOM   551  C C   . TYR A 1 74 ? -7.463  -15.502 7.093   1.00 27.25 ? 76  TYR A C   1 
ATOM   552  O O   . TYR A 1 74 ? -7.305  -16.605 6.619   1.00 28.94 ? 76  TYR A O   1 
ATOM   553  C CB  . TYR A 1 74 ? -5.962  -15.526 9.091   1.00 21.79 ? 76  TYR A CB  1 
ATOM   554  C CG  . TYR A 1 74 ? -5.690  -15.028 10.503  1.00 23.39 ? 76  TYR A CG  1 
ATOM   555  C CD1 . TYR A 1 74 ? -6.184  -15.701 11.629  1.00 23.27 ? 76  TYR A CD1 1 
ATOM   556  C CD2 . TYR A 1 74 ? -4.915  -13.881 10.713  1.00 23.25 ? 76  TYR A CD2 1 
ATOM   557  C CE1 . TYR A 1 74 ? -5.905  -15.241 12.934  1.00 24.02 ? 76  TYR A CE1 1 
ATOM   558  C CE2 . TYR A 1 74 ? -4.632  -13.424 11.998  1.00 23.33 ? 76  TYR A CE2 1 
ATOM   559  C CZ  . TYR A 1 74 ? -5.128  -14.104 13.103  1.00 25.12 ? 76  TYR A CZ  1 
ATOM   560  O OH  . TYR A 1 74 ? -4.827  -13.645 14.369  1.00 24.10 ? 76  TYR A OH  1 
ATOM   561  N N   . ASN A 1 75 ? -7.767  -14.448 6.346   1.00 28.26 ? 77  ASN A N   1 
ATOM   562  C CA  . ASN A 1 75 ? -7.875  -14.520 4.893   1.00 28.38 ? 77  ASN A CA  1 
ATOM   563  C C   . ASN A 1 75 ? -6.603  -14.019 4.243   1.00 28.66 ? 77  ASN A C   1 
ATOM   564  O O   . ASN A 1 75 ? -6.061  -12.982 4.638   1.00 29.02 ? 77  ASN A O   1 
ATOM   565  C CB  . ASN A 1 75 ? -8.977  -13.596 4.394   1.00 30.80 ? 77  ASN A CB  1 
ATOM   566  C CG  . ASN A 1 75 ? -10.323 -13.917 4.951   1.00 36.15 ? 77  ASN A CG  1 
ATOM   567  O OD1 . ASN A 1 75 ? -10.765 -15.062 4.963   1.00 42.19 ? 77  ASN A OD1 1 
ATOM   568  N ND2 . ASN A 1 75 ? -11.008 -12.883 5.383   1.00 40.37 ? 77  ASN A ND2 1 
ATOM   569  N N   . VAL A 1 76 ? -6.102  -14.763 3.272   1.00 27.90 ? 78  VAL A N   1 
ATOM   570  C CA  . VAL A 1 76 ? -4.921  -14.339 2.536   1.00 27.38 ? 78  VAL A CA  1 
ATOM   571  C C   . VAL A 1 76 ? -5.380  -14.208 1.087   1.00 28.63 ? 78  VAL A C   1 
ATOM   572  O O   . VAL A 1 76 ? -6.190  -15.000 0.619   1.00 29.48 ? 78  VAL A O   1 
ATOM   573  C CB  . VAL A 1 76 ? -3.750  -15.363 2.672   1.00 24.85 ? 78  VAL A CB  1 
ATOM   574  C CG1 . VAL A 1 76 ? -4.163  -16.756 2.208   1.00 20.23 ? 78  VAL A CG1 1 
ATOM   575  C CG2 . VAL A 1 76 ? -2.538  -14.873 1.897   1.00 25.77 ? 78  VAL A CG2 1 
ATOM   576  N N   . THR A 1 77 ? -4.975  -13.131 0.434   1.00 29.95 ? 79  THR A N   1 
ATOM   577  C CA  . THR A 1 77 ? -5.331  -12.868 -0.962  1.00 31.22 ? 79  THR A CA  1 
ATOM   578  C C   . THR A 1 77 ? -4.041  -12.445 -1.643  1.00 31.04 ? 79  THR A C   1 
ATOM   579  O O   . THR A 1 77 ? -3.245  -11.710 -1.065  1.00 31.23 ? 79  THR A O   1 
ATOM   580  C CB  . THR A 1 77 ? -6.410  -11.735 -1.069  1.00 34.16 ? 79  THR A CB  1 
ATOM   581  O OG1 . THR A 1 77 ? -7.688  -12.254 -0.666  1.00 37.66 ? 79  THR A OG1 1 
ATOM   582  C CG2 . THR A 1 77 ? -6.532  -11.199 -2.486  1.00 35.20 ? 79  THR A CG2 1 
ATOM   583  N N   . VAL A 1 78 ? -3.809  -12.968 -2.840  1.00 30.80 ? 80  VAL A N   1 
ATOM   584  C CA  . VAL A 1 78 ? -2.608  -12.662 -3.596  1.00 30.55 ? 80  VAL A CA  1 
ATOM   585  C C   . VAL A 1 78 ? -3.013  -12.190 -4.978  1.00 31.25 ? 80  VAL A C   1 
ATOM   586  O O   . VAL A 1 78 ? -3.917  -12.750 -5.591  1.00 30.06 ? 80  VAL A O   1 
ATOM   587  C CB  . VAL A 1 78 ? -1.695  -13.921 -3.715  1.00 31.35 ? 80  VAL A CB  1 
ATOM   588  C CG1 . VAL A 1 78 ? -0.421  -13.603 -4.455  1.00 27.70 ? 80  VAL A CG1 1 
ATOM   589  C CG2 . VAL A 1 78 ? -1.368  -14.471 -2.345  1.00 29.89 ? 80  VAL A CG2 1 
ATOM   590  N N   . TYR A 1 79 ? -2.378  -11.112 -5.427  1.00 33.22 ? 81  TYR A N   1 
ATOM   591  C CA  . TYR A 1 79 ? -2.636  -10.546 -6.746  1.00 35.80 ? 81  TYR A CA  1 
ATOM   592  C C   . TYR A 1 79 ? -1.350  -10.556 -7.538  1.00 36.46 ? 81  TYR A C   1 
ATOM   593  O O   . TYR A 1 79 ? -0.266  -10.348 -6.991  1.00 35.64 ? 81  TYR A O   1 
ATOM   594  C CB  . TYR A 1 79 ? -3.141  -9.094  -6.653  1.00 40.58 ? 81  TYR A CB  1 
ATOM   595  C CG  . TYR A 1 79 ? -4.514  -8.952  -6.045  1.00 47.56 ? 81  TYR A CG  1 
ATOM   596  C CD1 . TYR A 1 79 ? -5.612  -9.595  -6.604  1.00 51.97 ? 81  TYR A CD1 1 
ATOM   597  C CD2 . TYR A 1 79 ? -4.716  -8.207  -4.882  1.00 51.63 ? 81  TYR A CD2 1 
ATOM   598  C CE1 . TYR A 1 79 ? -6.880  -9.511  -6.013  1.00 54.99 ? 81  TYR A CE1 1 
ATOM   599  C CE2 . TYR A 1 79 ? -5.978  -8.116  -4.283  1.00 52.53 ? 81  TYR A CE2 1 
ATOM   600  C CZ  . TYR A 1 79 ? -7.053  -8.773  -4.848  1.00 53.67 ? 81  TYR A CZ  1 
ATOM   601  O OH  . TYR A 1 79 ? -8.275  -8.734  -4.209  1.00 54.62 ? 81  TYR A OH  1 
ATOM   602  N N   . SER A 1 80 ? -1.474  -10.802 -8.837  1.00 38.60 ? 82  SER A N   1 
ATOM   603  C CA  . SER A 1 80 ? -0.313  -10.805 -9.712  1.00 41.09 ? 82  SER A CA  1 
ATOM   604  C C   . SER A 1 80 ? 0.044   -9.359  -10.040 1.00 43.16 ? 82  SER A C   1 
ATOM   605  O O   . SER A 1 80 ? -0.716  -8.418  -9.744  1.00 42.73 ? 82  SER A O   1 
ATOM   606  C CB  . SER A 1 80 ? -0.605  -11.576 -11.004 1.00 39.58 ? 82  SER A CB  1 
ATOM   607  O OG  . SER A 1 80 ? -1.631  -10.924 -11.729 1.00 40.82 ? 82  SER A OG  1 
ATOM   608  N N   . THR A 1 81 ? 1.208   -9.213  -10.670 1.00 45.61 ? 83  THR A N   1 
ATOM   609  C CA  . THR A 1 81 ? 1.767   -7.934  -11.081 1.00 47.43 ? 83  THR A CA  1 
ATOM   610  C C   . THR A 1 81 ? 0.800   -7.021  -11.854 1.00 48.25 ? 83  THR A C   1 
ATOM   611  O O   . THR A 1 81 ? 1.037   -5.819  -11.969 1.00 49.69 ? 83  THR A O   1 
ATOM   612  C CB  . THR A 1 81 ? 3.076   -8.170  -11.889 1.00 49.02 ? 83  THR A CB  1 
ATOM   613  O OG1 . THR A 1 81 ? 3.221   -7.154  -12.888 1.00 54.31 ? 83  THR A OG1 1 
ATOM   614  C CG2 . THR A 1 81 ? 3.080   -9.544  -12.562 1.00 47.28 ? 83  THR A CG2 1 
ATOM   615  N N   . ASN A 1 82 ? -0.301  -7.577  -12.353 1.00 48.10 ? 84  ASN A N   1 
ATOM   616  C CA  . ASN A 1 82 ? -1.272  -6.780  -13.097 1.00 48.20 ? 84  ASN A CA  1 
ATOM   617  C C   . ASN A 1 82 ? -2.653  -6.697  -12.439 1.00 47.86 ? 84  ASN A C   1 
ATOM   618  O O   . ASN A 1 82 ? -3.671  -6.613  -13.127 1.00 47.53 ? 84  ASN A O   1 
ATOM   619  C CB  . ASN A 1 82 ? -1.408  -7.335  -14.520 1.00 50.31 ? 84  ASN A CB  1 
ATOM   620  C CG  . ASN A 1 82 ? -1.931  -8.762  -14.542 1.00 51.60 ? 84  ASN A CG  1 
ATOM   621  O OD1 . ASN A 1 82 ? -2.500  -9.238  -13.563 1.00 54.21 ? 84  ASN A OD1 1 
ATOM   622  N ND2 . ASN A 1 82 ? -1.737  -9.449  -15.657 1.00 49.34 ? 84  ASN A ND2 1 
ATOM   623  N N   . GLY A 1 83 ? -2.693  -6.742  -11.112 1.00 47.97 ? 85  GLY A N   1 
ATOM   624  C CA  . GLY A 1 83 ? -3.966  -6.669  -10.411 1.00 47.43 ? 85  GLY A CA  1 
ATOM   625  C C   . GLY A 1 83 ? -4.810  -7.939  -10.383 1.00 46.82 ? 85  GLY A C   1 
ATOM   626  O O   . GLY A 1 83 ? -5.766  -8.011  -9.610  1.00 47.43 ? 85  GLY A O   1 
ATOM   627  N N   . THR A 1 84 ? -4.486  -8.929  -11.223 1.00 45.84 ? 86  THR A N   1 
ATOM   628  C CA  . THR A 1 84 ? -5.245  -10.187 -11.261 1.00 45.53 ? 86  THR A CA  1 
ATOM   629  C C   . THR A 1 84 ? -5.181  -10.924 -9.916  1.00 45.54 ? 86  THR A C   1 
ATOM   630  O O   . THR A 1 84 ? -4.221  -10.775 -9.158  1.00 45.06 ? 86  THR A O   1 
ATOM   631  C CB  . THR A 1 84 ? -4.743  -11.140 -12.392 1.00 45.97 ? 86  THR A CB  1 
ATOM   632  O OG1 . THR A 1 84 ? -4.708  -10.442 -13.644 1.00 44.68 ? 86  THR A OG1 1 
ATOM   633  C CG2 . THR A 1 84 ? -5.676  -12.355 -12.530 1.00 40.23 ? 86  THR A CG2 1 
ATOM   634  N N   . ARG A 1 85 ? -6.210  -11.713 -9.623  1.00 45.33 ? 87  ARG A N   1 
ATOM   635  C CA  . ARG A 1 85 ? -6.262  -12.473 -8.377  1.00 45.38 ? 87  ARG A CA  1 
ATOM   636  C C   . ARG A 1 85 ? -6.031  -13.953 -8.591  1.00 45.14 ? 87  ARG A C   1 
ATOM   637  O O   . ARG A 1 85 ? -6.888  -14.661 -9.120  1.00 46.30 ? 87  ARG A O   1 
ATOM   638  C CB  . ARG A 1 85 ? -7.599  -12.264 -7.669  1.00 45.48 ? 87  ARG A CB  1 
ATOM   639  C CG  . ARG A 1 85 ? -7.675  -12.907 -6.286  1.00 46.21 ? 87  ARG A CG  1 
ATOM   640  C CD  . ARG A 1 85 ? -8.901  -12.436 -5.523  1.00 49.89 ? 87  ARG A CD  1 
ATOM   641  N NE  . ARG A 1 85 ? -9.305  -11.095 -5.946  1.00 54.65 ? 87  ARG A NE  1 
ATOM   642  C CZ  . ARG A 1 85 ? -10.272 -10.364 -5.384  1.00 56.27 ? 87  ARG A CZ  1 
ATOM   643  N NH1 . ARG A 1 85 ? -10.958 -10.835 -4.343  1.00 55.85 ? 87  ARG A NH1 1 
ATOM   644  N NH2 . ARG A 1 85 ? -10.569 -9.164  -5.873  1.00 54.63 ? 87  ARG A NH2 1 
ATOM   645  N N   . ILE A 1 86 ? -4.889  -14.424 -8.111  1.00 44.21 ? 88  ILE A N   1 
ATOM   646  C CA  . ILE A 1 86 ? -4.520  -15.821 -8.247  1.00 43.94 ? 88  ILE A CA  1 
ATOM   647  C C   . ILE A 1 86 ? -4.725  -16.676 -7.014  1.00 43.07 ? 88  ILE A C   1 
ATOM   648  O O   . ILE A 1 86 ? -4.541  -17.890 -7.077  1.00 43.75 ? 88  ILE A O   1 
ATOM   649  C CB  . ILE A 1 86 ? -3.055  -15.988 -8.701  1.00 46.47 ? 88  ILE A CB  1 
ATOM   650  C CG1 . ILE A 1 86 ? -2.172  -14.883 -8.120  1.00 46.00 ? 88  ILE A CG1 1 
ATOM   651  C CG2 . ILE A 1 86 ? -2.976  -15.989 -10.232 1.00 49.09 ? 88  ILE A CG2 1 
ATOM   652  C CD1 . ILE A 1 86 ? -2.333  -13.575 -8.832  1.00 48.44 ? 88  ILE A CD1 1 
ATOM   653  N N   . LEU A 1 87 ? -5.091  -16.066 -5.891  1.00 41.62 ? 89  LEU A N   1 
ATOM   654  C CA  . LEU A 1 87 ? -5.297  -16.843 -4.683  1.00 40.51 ? 89  LEU A CA  1 
ATOM   655  C C   . LEU A 1 87 ? -6.126  -16.138 -3.643  1.00 40.72 ? 89  LEU A C   1 
ATOM   656  O O   . LEU A 1 87 ? -6.052  -14.924 -3.494  1.00 40.25 ? 89  LEU A O   1 
ATOM   657  C CB  . LEU A 1 87 ? -3.955  -17.246 -4.077  1.00 39.25 ? 89  LEU A CB  1 
ATOM   658  C CG  . LEU A 1 87 ? -3.967  -18.182 -2.864  1.00 38.29 ? 89  LEU A CG  1 
ATOM   659  C CD1 . LEU A 1 87 ? -2.829  -19.181 -2.984  1.00 39.02 ? 89  LEU A CD1 1 
ATOM   660  C CD2 . LEU A 1 87 ? -3.897  -17.416 -1.550  1.00 35.12 ? 89  LEU A CD2 1 
ATOM   661  N N   . ASP A 1 88 ? -6.930  -16.927 -2.938  1.00 41.19 ? 90  ASP A N   1 
ATOM   662  C CA  . ASP A 1 88 ? -7.772  -16.435 -1.855  1.00 42.12 ? 90  ASP A CA  1 
ATOM   663  C C   . ASP A 1 88 ? -8.094  -17.590 -0.932  1.00 41.66 ? 90  ASP A C   1 
ATOM   664  O O   . ASP A 1 88 ? -9.037  -18.335 -1.170  1.00 41.91 ? 90  ASP A O   1 
ATOM   665  C CB  . ASP A 1 88 ? -9.070  -15.825 -2.365  1.00 44.66 ? 90  ASP A CB  1 
ATOM   666  C CG  . ASP A 1 88 ? -9.774  -15.005 -1.305  1.00 49.54 ? 90  ASP A CG  1 
ATOM   667  O OD1 . ASP A 1 88 ? -9.969  -15.587 -0.113  1.00 50.92 ? 90  ASP A OD1 1 
ATOM   668  O OD2 . ASP A 1 88 ? -10.123 -13.857 -1.547  1.00 53.05 ? 90  ASP A OD2 1 
ATOM   669  N N   . LYS A 1 89 ? -7.291  -17.729 0.118   1.00 41.23 ? 91  LYS A N   1 
ATOM   670  C CA  . LYS A 1 89 ? -7.452  -18.798 1.095   1.00 41.00 ? 91  LYS A CA  1 
ATOM   671  C C   . LYS A 1 89 ? -7.877  -18.306 2.473   1.00 40.62 ? 91  LYS A C   1 
ATOM   672  O O   . LYS A 1 89 ? -7.500  -17.223 2.913   1.00 40.31 ? 91  LYS A O   1 
ATOM   673  C CB  . LYS A 1 89 ? -6.151  -19.596 1.223   1.00 40.89 ? 91  LYS A CB  1 
ATOM   674  C CG  . LYS A 1 89 ? -6.069  -20.838 0.342   1.00 46.26 ? 91  LYS A CG  1 
ATOM   675  C CD  . LYS A 1 89 ? -6.042  -20.503 -1.138  1.00 48.54 ? 91  LYS A CD  1 
ATOM   676  C CE  . LYS A 1 89 ? -5.914  -21.759 -2.002  1.00 46.80 ? 91  LYS A CE  1 
ATOM   677  N NZ  . LYS A 1 89 ? -7.043  -22.702 -1.784  1.00 46.44 ? 91  LYS A NZ  1 
ATOM   678  N N   . ALA A 1 90 ? -8.677  -19.125 3.141   1.00 40.40 ? 92  ALA A N   1 
ATOM   679  C CA  . ALA A 1 90 ? -9.158  -18.842 4.484   1.00 39.84 ? 92  ALA A CA  1 
ATOM   680  C C   . ALA A 1 90 ? -8.476  -19.837 5.418   1.00 40.00 ? 92  ALA A C   1 
ATOM   681  O O   . ALA A 1 90 ? -8.388  -21.020 5.106   1.00 40.84 ? 92  ALA A O   1 
ATOM   682  C CB  . ALA A 1 90 ? -10.656 -19.024 4.545   1.00 39.60 ? 92  ALA A CB  1 
ATOM   683  N N   . LEU A 1 91 ? -7.958  -19.353 6.541   1.00 39.54 ? 93  LEU A N   1 
ATOM   684  C CA  . LEU A 1 91 ? -7.290  -20.210 7.514   1.00 38.92 ? 93  LEU A CA  1 
ATOM   685  C C   . LEU A 1 91 ? -7.822  -19.950 8.903   1.00 38.92 ? 93  LEU A C   1 
ATOM   686  O O   . LEU A 1 91 ? -7.628  -18.886 9.477   1.00 39.18 ? 93  LEU A O   1 
ATOM   687  C CB  . LEU A 1 91 ? -5.782  -19.991 7.507   1.00 40.35 ? 93  LEU A CB  1 
ATOM   688  C CG  . LEU A 1 91 ? -5.001  -20.776 6.463   1.00 42.36 ? 93  LEU A CG  1 
ATOM   689  C CD1 . LEU A 1 91 ? -3.523  -20.448 6.606   1.00 42.49 ? 93  LEU A CD1 1 
ATOM   690  C CD2 . LEU A 1 91 ? -5.256  -22.272 6.645   1.00 43.62 ? 93  LEU A CD2 1 
ATOM   691  N N   . ASP A 1 92 ? -8.467  -20.958 9.452   1.00 38.64 ? 94  ASP A N   1 
ATOM   692  C CA  . ASP A 1 92 ? -9.052  -20.861 10.768  1.00 39.01 ? 94  ASP A CA  1 
ATOM   693  C C   . ASP A 1 92 ? -8.026  -21.178 11.866  1.00 38.29 ? 94  ASP A C   1 
ATOM   694  O O   . ASP A 1 92 ? -7.748  -22.338 12.145  1.00 39.52 ? 94  ASP A O   1 
ATOM   695  C CB  . ASP A 1 92 ? -10.256 -21.802 10.799  1.00 40.33 ? 94  ASP A CB  1 
ATOM   696  C CG  . ASP A 1 92 ? -10.706 -22.135 12.186  1.00 43.24 ? 94  ASP A CG  1 
ATOM   697  O OD1 . ASP A 1 92 ? -11.002 -21.229 13.001  1.00 45.69 ? 94  ASP A OD1 1 
ATOM   698  O OD2 . ASP A 1 92 ? -10.731 -23.347 12.456  1.00 48.11 ? 94  ASP A OD2 1 
ATOM   699  N N   . LEU A 1 93 ? -7.445  -20.146 12.464  1.00 35.83 ? 95  LEU A N   1 
ATOM   700  C CA  . LEU A 1 93 ? -6.449  -20.331 13.513  1.00 34.15 ? 95  LEU A CA  1 
ATOM   701  C C   . LEU A 1 93 ? -7.104  -20.576 14.875  1.00 33.79 ? 95  LEU A C   1 
ATOM   702  O O   . LEU A 1 93 ? -7.893  -19.752 15.349  1.00 32.48 ? 95  LEU A O   1 
ATOM   703  C CB  . LEU A 1 93 ? -5.524  -19.115 13.577  1.00 32.64 ? 95  LEU A CB  1 
ATOM   704  C CG  . LEU A 1 93 ? -4.579  -19.007 14.782  1.00 33.14 ? 95  LEU A CG  1 
ATOM   705  C CD1 . LEU A 1 93 ? -3.609  -20.191 14.856  1.00 29.95 ? 95  LEU A CD1 1 
ATOM   706  C CD2 . LEU A 1 93 ? -3.846  -17.687 14.726  1.00 29.43 ? 95  LEU A CD2 1 
ATOM   707  N N   . ARG A 1 94 ? -6.764  -21.710 15.492  1.00 33.99 ? 96  ARG A N   1 
ATOM   708  C CA  . ARG A 1 94 ? -7.298  -22.096 16.793  1.00 33.61 ? 96  ARG A CA  1 
ATOM   709  C C   . ARG A 1 94 ? -6.137  -22.168 17.763  1.00 33.41 ? 96  ARG A C   1 
ATOM   710  O O   . ARG A 1 94 ? -5.053  -22.649 17.417  1.00 32.26 ? 96  ARG A O   1 
ATOM   711  C CB  . ARG A 1 94 ? -7.998  -23.452 16.714  1.00 34.29 ? 96  ARG A CB  1 
ATOM   712  C CG  . ARG A 1 94 ? -9.058  -23.531 15.622  1.00 39.32 ? 96  ARG A CG  1 
ATOM   713  C CD  . ARG A 1 94 ? -10.098 -24.567 15.946  1.00 45.71 ? 96  ARG A CD  1 
ATOM   714  N NE  . ARG A 1 94 ? -10.622 -24.343 17.290  1.00 56.61 ? 96  ARG A NE  1 
ATOM   715  C CZ  . ARG A 1 94 ? -11.562 -25.081 17.875  1.00 61.00 ? 96  ARG A CZ  1 
ATOM   716  N NH1 . ARG A 1 94 ? -12.109 -26.104 17.224  1.00 62.98 ? 96  ARG A NH1 1 
ATOM   717  N NH2 . ARG A 1 94 ? -11.909 -24.835 19.139  1.00 62.24 ? 96  ARG A NH2 1 
ATOM   718  N N   . ILE A 1 95 ? -6.342  -21.609 18.951  1.00 34.27 ? 97  ILE A N   1 
ATOM   719  C CA  . ILE A 1 95 ? -5.300  -21.572 19.967  1.00 34.56 ? 97  ILE A CA  1 
ATOM   720  C C   . ILE A 1 95 ? -5.618  -22.461 21.164  1.00 36.00 ? 97  ILE A C   1 
ATOM   721  O O   . ILE A 1 95 ? -6.609  -22.239 21.839  1.00 36.65 ? 97  ILE A O   1 
ATOM   722  C CB  . ILE A 1 95 ? -5.069  -20.155 20.543  1.00 33.21 ? 97  ILE A CB  1 
ATOM   723  C CG1 . ILE A 1 95 ? -4.861  -19.106 19.431  1.00 29.72 ? 97  ILE A CG1 1 
ATOM   724  C CG2 . ILE A 1 95 ? -3.938  -20.203 21.542  1.00 27.17 ? 97  ILE A CG2 1 
ATOM   725  C CD1 . ILE A 1 95 ? -4.168  -19.617 18.192  1.00 33.06 ? 97  ILE A CD1 1 
ATOM   726  N N   . LEU A 1 96 ? -4.738  -23.409 21.434  1.00 37.15 ? 98  LEU A N   1 
ATOM   727  C CA  . LEU A 1 96 ? -4.868  -24.321 22.570  1.00 37.95 ? 98  LEU A CA  1 
ATOM   728  C C   . LEU A 1 96 ? -4.346  -23.626 23.841  1.00 37.94 ? 98  LEU A C   1 
ATOM   729  O O   . LEU A 1 96 ? -3.377  -22.853 23.782  1.00 37.50 ? 98  LEU A O   1 
ATOM   730  C CB  . LEU A 1 96 ? -4.039  -25.567 22.274  1.00 38.99 ? 98  LEU A CB  1 
ATOM   731  C CG  . LEU A 1 96 ? -3.865  -26.596 23.380  1.00 42.00 ? 98  LEU A CG  1 
ATOM   732  C CD1 . LEU A 1 96 ? -4.967  -27.632 23.325  1.00 44.79 ? 98  LEU A CD1 1 
ATOM   733  C CD2 . LEU A 1 96 ? -2.510  -27.259 23.219  1.00 46.46 ? 98  LEU A CD2 1 
ATOM   734  N N   . GLU A 1 97 ? -5.022  -23.847 24.967  1.00 38.73 ? 99  GLU A N   1 
ATOM   735  C CA  . GLU A 1 97 ? -4.625  -23.251 26.246  1.00 41.17 ? 99  GLU A CA  1 
ATOM   736  C C   . GLU A 1 97 ? -4.141  -24.252 27.288  1.00 42.59 ? 99  GLU A C   1 
ATOM   737  O O   . GLU A 1 97 ? -3.573  -23.797 28.316  1.00 43.63 ? 99  GLU A O   1 
ATOM   738  C CB  . GLU A 1 97 ? -5.766  -22.448 26.854  1.00 41.37 ? 99  GLU A CB  1 
ATOM   739  C CG  . GLU A 1 97 ? -6.087  -21.227 26.041  1.00 40.09 ? 99  GLU A CG  1 
ATOM   740  C CD  . GLU A 1 97 ? -7.120  -20.338 26.670  1.00 35.07 ? 99  GLU A CD  1 
ATOM   741  O OE1 . GLU A 1 97 ? -7.138  -20.261 27.993  1.00 31.22 ? 99  GLU A OE1 1 
ATOM   742  O OE2 . GLU A 1 97 ? -7.870  -19.699 25.968  1.00 38.25 ? 99  GLU A OE2 1 
ATOM   743  O OXT . GLU A 1 97 ? -4.387  -25.464 27.106  1.00 44.15 ? 99  GLU A OXT 1 
ATOM   744  N N   . GLY B 1 4  ? -8.386  -24.411 5.477   1.00 43.08 ? 4   GLY B N   1 
ATOM   745  C CA  . GLY B 1 4  ? -8.084  -25.467 6.474   1.00 42.58 ? 4   GLY B CA  1 
ATOM   746  C C   . GLY B 1 4  ? -8.010  -24.932 7.892   1.00 42.26 ? 4   GLY B C   1 
ATOM   747  O O   . GLY B 1 4  ? -8.284  -23.759 8.145   1.00 42.39 ? 4   GLY B O   1 
ATOM   748  N N   . THR B 1 5  ? -7.614  -25.801 8.815   1.00 41.72 ? 5   THR B N   1 
ATOM   749  C CA  . THR B 1 5  ? -7.497  -25.451 10.225  1.00 40.41 ? 5   THR B CA  1 
ATOM   750  C C   . THR B 1 5  ? -6.058  -25.601 10.702  1.00 38.82 ? 5   THR B C   1 
ATOM   751  O O   . THR B 1 5  ? -5.423  -26.635 10.479  1.00 39.81 ? 5   THR B O   1 
ATOM   752  C CB  . THR B 1 5  ? -8.406  -26.352 11.106  1.00 41.79 ? 5   THR B CB  1 
ATOM   753  O OG1 . THR B 1 5  ? -9.774  -26.198 10.702  1.00 42.63 ? 5   THR B OG1 1 
ATOM   754  C CG2 . THR B 1 5  ? -8.272  -25.986 12.594  1.00 43.15 ? 5   THR B CG2 1 
ATOM   755  N N   . VAL B 1 6  ? -5.556  -24.566 11.366  1.00 36.13 ? 6   VAL B N   1 
ATOM   756  C CA  . VAL B 1 6  ? -4.200  -24.569 11.895  1.00 32.34 ? 6   VAL B CA  1 
ATOM   757  C C   . VAL B 1 6  ? -4.258  -24.357 13.408  1.00 29.42 ? 6   VAL B C   1 
ATOM   758  O O   . VAL B 1 6  ? -5.085  -23.590 13.904  1.00 28.28 ? 6   VAL B O   1 
ATOM   759  C CB  . VAL B 1 6  ? -3.331  -23.475 11.213  1.00 30.52 ? 6   VAL B CB  1 
ATOM   760  C CG1 . VAL B 1 6  ? -1.962  -23.417 11.829  1.00 29.83 ? 6   VAL B CG1 1 
ATOM   761  C CG2 . VAL B 1 6  ? -3.190  -23.785 9.728   1.00 37.15 ? 6   VAL B CG2 1 
ATOM   762  N N   . TRP B 1 7  ? -3.401  -25.061 14.139  1.00 26.71 ? 7   TRP B N   1 
ATOM   763  C CA  . TRP B 1 7  ? -3.365  -24.940 15.588  1.00 25.94 ? 7   TRP B CA  1 
ATOM   764  C C   . TRP B 1 7  ? -2.111  -24.255 16.131  1.00 24.95 ? 7   TRP B C   1 
ATOM   765  O O   . TRP B 1 7  ? -0.997  -24.500 15.667  1.00 24.68 ? 7   TRP B O   1 
ATOM   766  C CB  . TRP B 1 7  ? -3.539  -26.311 16.260  1.00 23.75 ? 7   TRP B CB  1 
ATOM   767  C CG  . TRP B 1 7  ? -4.957  -26.788 16.321  1.00 27.17 ? 7   TRP B CG  1 
ATOM   768  C CD1 . TRP B 1 7  ? -5.624  -27.515 15.374  1.00 26.51 ? 7   TRP B CD1 1 
ATOM   769  C CD2 . TRP B 1 7  ? -5.891  -26.568 17.385  1.00 28.08 ? 7   TRP B CD2 1 
ATOM   770  N NE1 . TRP B 1 7  ? -6.912  -27.761 15.784  1.00 26.79 ? 7   TRP B NE1 1 
ATOM   771  C CE2 . TRP B 1 7  ? -7.101  -27.193 17.016  1.00 28.56 ? 7   TRP B CE2 1 
ATOM   772  C CE3 . TRP B 1 7  ? -5.814  -25.906 18.622  1.00 31.00 ? 7   TRP B CE3 1 
ATOM   773  C CZ2 . TRP B 1 7  ? -8.236  -27.175 17.834  1.00 30.43 ? 7   TRP B CZ2 1 
ATOM   774  C CZ3 . TRP B 1 7  ? -6.944  -25.887 19.439  1.00 35.47 ? 7   TRP B CZ3 1 
ATOM   775  C CH2 . TRP B 1 7  ? -8.138  -26.521 19.042  1.00 32.90 ? 7   TRP B CH2 1 
ATOM   776  N N   . GLY B 1 8  ? -2.330  -23.384 17.112  1.00 23.91 ? 8   GLY B N   1 
ATOM   777  C CA  . GLY B 1 8  ? -1.265  -22.670 17.781  1.00 23.05 ? 8   GLY B CA  1 
ATOM   778  C C   . GLY B 1 8  ? -1.502  -22.887 19.263  1.00 23.68 ? 8   GLY B C   1 
ATOM   779  O O   . GLY B 1 8  ? -2.532  -23.443 19.662  1.00 23.42 ? 8   GLY B O   1 
ATOM   780  N N   . ALA B 1 9  ? -0.551  -22.452 20.077  1.00 23.91 ? 9   ALA B N   1 
ATOM   781  C CA  . ALA B 1 9  ? -0.642  -22.594 21.520  1.00 23.73 ? 9   ALA B CA  1 
ATOM   782  C C   . ALA B 1 9  ? -0.216  -21.276 22.157  1.00 24.30 ? 9   ALA B C   1 
ATOM   783  O O   . ALA B 1 9  ? 0.639   -20.564 21.630  1.00 24.63 ? 9   ALA B O   1 
ATOM   784  C CB  . ALA B 1 9  ? 0.250   -23.735 21.987  1.00 16.80 ? 9   ALA B CB  1 
ATOM   785  N N   . LEU B 1 10 ? -0.839  -20.934 23.277  1.00 25.71 ? 10  LEU B N   1 
ATOM   786  C CA  . LEU B 1 10 ? -0.506  -19.698 23.983  1.00 26.87 ? 10  LEU B CA  1 
ATOM   787  C C   . LEU B 1 10 ? 0.976   -19.519 24.336  1.00 27.85 ? 10  LEU B C   1 
ATOM   788  O O   . LEU B 1 10 ? 1.655   -20.465 24.738  1.00 27.47 ? 10  LEU B O   1 
ATOM   789  C CB  . LEU B 1 10 ? -1.325  -19.586 25.268  1.00 31.32 ? 10  LEU B CB  1 
ATOM   790  C CG  . LEU B 1 10 ? -2.685  -18.876 25.241  1.00 32.88 ? 10  LEU B CG  1 
ATOM   791  C CD1 . LEU B 1 10 ? -2.894  -18.071 26.509  1.00 38.11 ? 10  LEU B CD1 1 
ATOM   792  C CD2 . LEU B 1 10 ? -2.802  -17.960 24.035  1.00 37.48 ? 10  LEU B CD2 1 
ATOM   793  N N   . GLY B 1 11 ? 1.452   -18.278 24.236  1.00 28.63 ? 11  GLY B N   1 
ATOM   794  C CA  . GLY B 1 11 ? 2.839   -17.985 24.547  1.00 28.39 ? 11  GLY B CA  1 
ATOM   795  C C   . GLY B 1 11 ? 3.750   -18.296 23.383  1.00 29.34 ? 11  GLY B C   1 
ATOM   796  O O   . GLY B 1 11 ? 4.871   -17.799 23.320  1.00 30.55 ? 11  GLY B O   1 
ATOM   797  N N   . HIS B 1 12 ? 3.270   -19.107 22.447  1.00 29.50 ? 12  HIS B N   1 
ATOM   798  C CA  . HIS B 1 12 ? 4.068   -19.472 21.281  1.00 29.33 ? 12  HIS B CA  1 
ATOM   799  C C   . HIS B 1 12 ? 3.756   -18.581 20.088  1.00 30.22 ? 12  HIS B C   1 
ATOM   800  O O   . HIS B 1 12 ? 2.736   -17.890 20.060  1.00 29.80 ? 12  HIS B O   1 
ATOM   801  C CB  . HIS B 1 12 ? 3.798   -20.925 20.880  1.00 28.86 ? 12  HIS B CB  1 
ATOM   802  C CG  . HIS B 1 12 ? 4.355   -21.935 21.833  1.00 28.03 ? 12  HIS B CG  1 
ATOM   803  N ND1 . HIS B 1 12 ? 5.628   -22.450 21.707  1.00 26.47 ? 12  HIS B ND1 1 
ATOM   804  C CD2 . HIS B 1 12 ? 3.808   -22.537 22.911  1.00 25.73 ? 12  HIS B CD2 1 
ATOM   805  C CE1 . HIS B 1 12 ? 5.836   -23.329 22.669  1.00 28.84 ? 12  HIS B CE1 1 
ATOM   806  N NE2 . HIS B 1 12 ? 4.749   -23.404 23.415  1.00 26.39 ? 12  HIS B NE2 1 
ATOM   807  N N   . GLY B 1 13 ? 4.660   -18.590 19.115  1.00 29.58 ? 13  GLY B N   1 
ATOM   808  C CA  . GLY B 1 13 ? 4.443   -17.832 17.896  1.00 28.50 ? 13  GLY B CA  1 
ATOM   809  C C   . GLY B 1 13 ? 3.961   -18.833 16.859  1.00 28.05 ? 13  GLY B C   1 
ATOM   810  O O   . GLY B 1 13 ? 3.801   -20.017 17.174  1.00 28.27 ? 13  GLY B O   1 
ATOM   811  N N   . ILE B 1 14 ? 3.693   -18.381 15.639  1.00 27.30 ? 14  ILE B N   1 
ATOM   812  C CA  . ILE B 1 14 ? 3.250   -19.286 14.584  1.00 26.00 ? 14  ILE B CA  1 
ATOM   813  C C   . ILE B 1 14 ? 3.257   -18.591 13.239  1.00 26.14 ? 14  ILE B C   1 
ATOM   814  O O   . ILE B 1 14 ? 3.138   -17.366 13.145  1.00 25.48 ? 14  ILE B O   1 
ATOM   815  C CB  . ILE B 1 14 ? 1.818   -19.854 14.853  1.00 24.48 ? 14  ILE B CB  1 
ATOM   816  C CG1 . ILE B 1 14 ? 1.524   -21.015 13.908  1.00 24.37 ? 14  ILE B CG1 1 
ATOM   817  C CG2 . ILE B 1 14 ? 0.745   -18.777 14.632  1.00 22.61 ? 14  ILE B CG2 1 
ATOM   818  C CD1 . ILE B 1 14 ? 0.160   -21.643 14.123  1.00 23.14 ? 14  ILE B CD1 1 
ATOM   819  N N   . ASN B 1 15 ? 3.479   -19.374 12.195  1.00 26.75 ? 15  ASN B N   1 
ATOM   820  C CA  . ASN B 1 15 ? 3.449   -18.821 10.856  1.00 27.25 ? 15  ASN B CA  1 
ATOM   821  C C   . ASN B 1 15 ? 2.242   -19.413 10.175  1.00 26.13 ? 15  ASN B C   1 
ATOM   822  O O   . ASN B 1 15 ? 2.014   -20.613 10.268  1.00 27.37 ? 15  ASN B O   1 
ATOM   823  C CB  . ASN B 1 15 ? 4.717   -19.172 10.079  1.00 29.17 ? 15  ASN B CB  1 
ATOM   824  C CG  . ASN B 1 15 ? 5.920   -18.389 10.549  1.00 32.33 ? 15  ASN B CG  1 
ATOM   825  O OD1 . ASN B 1 15 ? 5.911   -17.781 11.613  1.00 35.33 ? 15  ASN B OD1 1 
ATOM   826  N ND2 . ASN B 1 15 ? 6.963   -18.381 9.738   1.00 40.23 ? 15  ASN B ND2 1 
ATOM   827  N N   . LEU B 1 16 ? 1.410   -18.551 9.603   1.00 25.08 ? 16  LEU B N   1 
ATOM   828  C CA  . LEU B 1 16 ? 0.234   -18.987 8.870   1.00 24.50 ? 16  LEU B CA  1 
ATOM   829  C C   . LEU B 1 16 ? 0.703   -19.136 7.432   1.00 25.27 ? 16  LEU B C   1 
ATOM   830  O O   . LEU B 1 16 ? 0.961   -18.158 6.747   1.00 25.73 ? 16  LEU B O   1 
ATOM   831  C CB  . LEU B 1 16 ? -0.888  -17.950 9.006   1.00 21.59 ? 16  LEU B CB  1 
ATOM   832  C CG  . LEU B 1 16 ? -1.304  -17.665 10.445  1.00 17.71 ? 16  LEU B CG  1 
ATOM   833  C CD1 . LEU B 1 16 ? -2.506  -16.782 10.436  1.00 18.23 ? 16  LEU B CD1 1 
ATOM   834  C CD2 . LEU B 1 16 ? -1.620  -18.956 11.174  1.00 18.55 ? 16  LEU B CD2 1 
ATOM   835  N N   . ASN B 1 17 ? 0.866   -20.380 7.009   1.00 26.69 ? 17  ASN B N   1 
ATOM   836  C CA  . ASN B 1 17 ? 1.361   -20.700 5.683   1.00 28.42 ? 17  ASN B CA  1 
ATOM   837  C C   . ASN B 1 17 ? 0.339   -20.578 4.561   1.00 29.67 ? 17  ASN B C   1 
ATOM   838  O O   . ASN B 1 17 ? -0.799  -21.025 4.695   1.00 29.86 ? 17  ASN B O   1 
ATOM   839  C CB  . ASN B 1 17 ? 1.936   -22.119 5.704   1.00 28.12 ? 17  ASN B CB  1 
ATOM   840  C CG  . ASN B 1 17 ? 2.952   -22.326 6.832   1.00 33.60 ? 17  ASN B CG  1 
ATOM   841  O OD1 . ASN B 1 17 ? 2.651   -22.941 7.869   1.00 33.70 ? 17  ASN B OD1 1 
ATOM   842  N ND2 . ASN B 1 17 ? 4.157   -21.787 6.642   1.00 36.10 ? 17  ASN B ND2 1 
ATOM   843  N N   . ILE B 1 18 ? 0.721   -19.876 3.495   1.00 31.43 ? 18  ILE B N   1 
ATOM   844  C CA  . ILE B 1 18 ? -0.128  -19.739 2.319   1.00 33.88 ? 18  ILE B CA  1 
ATOM   845  C C   . ILE B 1 18 ? 0.023   -21.102 1.631   1.00 35.66 ? 18  ILE B C   1 
ATOM   846  O O   . ILE B 1 18 ? 1.120   -21.446 1.139   1.00 34.26 ? 18  ILE B O   1 
ATOM   847  C CB  . ILE B 1 18 ? 0.348   -18.606 1.391   1.00 32.27 ? 18  ILE B CB  1 
ATOM   848  C CG1 . ILE B 1 18 ? 0.509   -17.299 2.173   1.00 29.95 ? 18  ILE B CG1 1 
ATOM   849  C CG2 . ILE B 1 18 ? -0.646  -18.394 0.278   1.00 31.67 ? 18  ILE B CG2 1 
ATOM   850  C CD1 . ILE B 1 18 ? 0.885   -16.107 1.311   1.00 27.45 ? 18  ILE B CD1 1 
ATOM   851  N N   . PRO B 1 19 ? -1.069  -21.885 1.578   1.00 39.02 ? 19  PRO B N   1 
ATOM   852  C CA  . PRO B 1 19 ? -1.125  -23.225 0.997   1.00 42.06 ? 19  PRO B CA  1 
ATOM   853  C C   . PRO B 1 19 ? -0.867  -23.287 -0.491  1.00 43.88 ? 19  PRO B C   1 
ATOM   854  O O   . PRO B 1 19 ? -1.430  -22.497 -1.251  1.00 44.06 ? 19  PRO B O   1 
ATOM   855  C CB  . PRO B 1 19 ? -2.557  -23.697 1.288   1.00 43.02 ? 19  PRO B CB  1 
ATOM   856  C CG  . PRO B 1 19 ? -3.077  -22.731 2.348   1.00 41.06 ? 19  PRO B CG  1 
ATOM   857  C CD  . PRO B 1 19 ? -2.443  -21.439 1.923   1.00 39.62 ? 19  PRO B CD  1 
ATOM   858  N N   . ASN B 1 20 ? -0.076  -24.278 -0.890  1.00 45.56 ? 20  ASN B N   1 
ATOM   859  C CA  . ASN B 1 20 ? 0.265   -24.514 -2.292  1.00 48.19 ? 20  ASN B CA  1 
ATOM   860  C C   . ASN B 1 20 ? 0.427   -23.201 -3.036  1.00 48.82 ? 20  ASN B C   1 
ATOM   861  O O   . ASN B 1 20 ? -0.362  -22.838 -3.931  1.00 49.70 ? 20  ASN B O   1 
ATOM   862  C CB  . ASN B 1 20 ? -0.798  -25.415 -2.948  1.00 52.19 ? 20  ASN B CB  1 
ATOM   863  C CG  . ASN B 1 20 ? -0.847  -26.820 -2.332  1.00 55.28 ? 20  ASN B CG  1 
ATOM   864  O OD1 . ASN B 1 20 ? 0.159   -27.531 -2.310  1.00 57.37 ? 20  ASN B OD1 1 
ATOM   865  N ND2 . ASN B 1 20 ? -2.018  -27.220 -1.847  1.00 53.34 ? 20  ASN B ND2 1 
ATOM   866  N N   . PHE B 1 21 ? 1.474   -22.490 -2.643  1.00 48.39 ? 21  PHE B N   1 
ATOM   867  C CA  . PHE B 1 21 ? 1.778   -21.194 -3.197  1.00 48.17 ? 21  PHE B CA  1 
ATOM   868  C C   . PHE B 1 21 ? 3.233   -20.871 -2.968  1.00 48.67 ? 21  PHE B C   1 
ATOM   869  O O   . PHE B 1 21 ? 3.782   -21.172 -1.912  1.00 48.12 ? 21  PHE B O   1 
ATOM   870  C CB  . PHE B 1 21 ? 0.902   -20.134 -2.512  1.00 44.90 ? 21  PHE B CB  1 
ATOM   871  C CG  . PHE B 1 21 ? 1.329   -18.735 -2.804  1.00 42.11 ? 21  PHE B CG  1 
ATOM   872  C CD1 . PHE B 1 21 ? 0.954   -18.118 -3.993  1.00 40.45 ? 21  PHE B CD1 1 
ATOM   873  C CD2 . PHE B 1 21 ? 2.178   -18.053 -1.933  1.00 39.64 ? 21  PHE B CD2 1 
ATOM   874  C CE1 . PHE B 1 21 ? 1.420   -16.849 -4.319  1.00 40.45 ? 21  PHE B CE1 1 
ATOM   875  C CE2 . PHE B 1 21 ? 2.655   -16.785 -2.242  1.00 37.84 ? 21  PHE B CE2 1 
ATOM   876  C CZ  . PHE B 1 21 ? 2.277   -16.180 -3.439  1.00 40.09 ? 21  PHE B CZ  1 
ATOM   877  N N   . GLN B 1 22 ? 3.847   -20.258 -3.976  1.00 50.08 ? 22  GLN B N   1 
ATOM   878  C CA  . GLN B 1 22 ? 5.240   -19.841 -3.885  1.00 51.41 ? 22  GLN B CA  1 
ATOM   879  C C   . GLN B 1 22 ? 5.392   -18.394 -4.362  1.00 50.77 ? 22  GLN B C   1 
ATOM   880  O O   . GLN B 1 22 ? 4.785   -17.984 -5.357  1.00 50.38 ? 22  GLN B O   1 
ATOM   881  C CB  . GLN B 1 22 ? 6.150   -20.778 -4.700  1.00 54.95 ? 22  GLN B CB  1 
ATOM   882  C CG  . GLN B 1 22 ? 7.582   -20.234 -4.857  1.00 59.64 ? 22  GLN B CG  1 
ATOM   883  C CD  . GLN B 1 22 ? 8.651   -21.305 -4.992  1.00 63.61 ? 22  GLN B CD  1 
ATOM   884  O OE1 . GLN B 1 22 ? 9.846   -21.002 -4.983  1.00 66.22 ? 22  GLN B OE1 1 
ATOM   885  N NE2 . GLN B 1 22 ? 8.230   -22.560 -5.113  1.00 63.92 ? 22  GLN B NE2 1 
ATOM   886  N N   . MET B 1 23 ? 6.198   -17.628 -3.634  1.00 50.07 ? 23  MET B N   1 
ATOM   887  C CA  . MET B 1 23 ? 6.437   -16.230 -3.966  1.00 50.24 ? 23  MET B CA  1 
ATOM   888  C C   . MET B 1 23 ? 7.290   -16.043 -5.219  1.00 50.63 ? 23  MET B C   1 
ATOM   889  O O   . MET B 1 23 ? 8.428   -16.494 -5.278  1.00 51.95 ? 23  MET B O   1 
ATOM   890  C CB  . MET B 1 23 ? 7.103   -15.518 -2.784  1.00 49.22 ? 23  MET B CB  1 
ATOM   891  C CG  . MET B 1 23 ? 7.275   -14.005 -2.974  1.00 48.01 ? 23  MET B CG  1 
ATOM   892  S SD  . MET B 1 23 ? 5.826   -12.867 -2.848  1.00 45.71 ? 23  MET B SD  1 
ATOM   893  C CE  . MET B 1 23 ? 4.492   -13.898 -2.877  1.00 43.58 ? 23  MET B CE  1 
ATOM   894  N N   . THR B 1 24 ? 6.729   -15.366 -6.218  1.00 49.73 ? 24  THR B N   1 
ATOM   895  C CA  . THR B 1 24 ? 7.441   -15.094 -7.465  1.00 48.57 ? 24  THR B CA  1 
ATOM   896  C C   . THR B 1 24 ? 7.487   -13.597 -7.772  1.00 49.07 ? 24  THR B C   1 
ATOM   897  O O   . THR B 1 24 ? 6.782   -12.786 -7.156  1.00 48.85 ? 24  THR B O   1 
ATOM   898  C CB  . THR B 1 24 ? 6.812   -15.840 -8.674  1.00 47.17 ? 24  THR B CB  1 
ATOM   899  O OG1 . THR B 1 24 ? 5.459   -15.407 -8.890  1.00 44.54 ? 24  THR B OG1 1 
ATOM   900  C CG2 . THR B 1 24 ? 6.854   -17.349 -8.462  1.00 45.18 ? 24  THR B CG2 1 
ATOM   901  N N   . ASP B 1 25 ? 8.332   -13.233 -8.732  1.00 48.62 ? 25  ASP B N   1 
ATOM   902  C CA  . ASP B 1 25 ? 8.495   -11.843 -9.159  1.00 47.78 ? 25  ASP B CA  1 
ATOM   903  C C   . ASP B 1 25 ? 7.232   -11.371 -9.912  1.00 45.90 ? 25  ASP B C   1 
ATOM   904  O O   . ASP B 1 25 ? 7.080   -10.192 -10.250 1.00 45.10 ? 25  ASP B O   1 
ATOM   905  C CB  . ASP B 1 25 ? 9.748   -11.735 -10.048 1.00 50.68 ? 25  ASP B CB  1 
ATOM   906  C CG  . ASP B 1 25 ? 10.824  -10.812 -9.469  1.00 53.48 ? 25  ASP B CG  1 
ATOM   907  O OD1 . ASP B 1 25 ? 11.032  -10.793 -8.233  1.00 51.05 ? 25  ASP B OD1 1 
ATOM   908  O OD2 . ASP B 1 25 ? 11.463  -10.089 -10.269 1.00 58.00 ? 25  ASP B OD2 1 
ATOM   909  N N   . ASP B 1 26 ? 6.308   -12.305 -10.111 1.00 44.66 ? 26  ASP B N   1 
ATOM   910  C CA  . ASP B 1 26 ? 5.044   -12.048 -10.793 1.00 43.28 ? 26  ASP B CA  1 
ATOM   911  C C   . ASP B 1 26 ? 3.923   -11.707 -9.807  1.00 41.06 ? 26  ASP B C   1 
ATOM   912  O O   . ASP B 1 26 ? 2.762   -11.663 -10.198 1.00 41.46 ? 26  ASP B O   1 
ATOM   913  C CB  . ASP B 1 26 ? 4.619   -13.283 -11.606 1.00 45.95 ? 26  ASP B CB  1 
ATOM   914  C CG  . ASP B 1 26 ? 5.708   -13.792 -12.555 1.00 50.36 ? 26  ASP B CG  1 
ATOM   915  O OD1 . ASP B 1 26 ? 6.652   -13.033 -12.876 1.00 49.87 ? 26  ASP B OD1 1 
ATOM   916  O OD2 . ASP B 1 26 ? 5.584   -14.949 -13.029 1.00 51.74 ? 26  ASP B OD2 1 
ATOM   917  N N   . ILE B 1 27 ? 4.259   -11.571 -8.523  1.00 38.54 ? 27  ILE B N   1 
ATOM   918  C CA  . ILE B 1 27 ? 3.278   -11.245 -7.489  1.00 35.68 ? 27  ILE B CA  1 
ATOM   919  C C   . ILE B 1 27 ? 3.412   -9.789  -7.057  1.00 34.21 ? 27  ILE B C   1 
ATOM   920  O O   . ILE B 1 27 ? 4.506   -9.322  -6.714  1.00 33.41 ? 27  ILE B O   1 
ATOM   921  C CB  . ILE B 1 27 ? 3.377   -12.204 -6.243  1.00 34.90 ? 27  ILE B CB  1 
ATOM   922  C CG1 . ILE B 1 27 ? 2.544   -13.480 -6.451  1.00 32.94 ? 27  ILE B CG1 1 
ATOM   923  C CG2 . ILE B 1 27 ? 2.773   -11.530 -4.997  1.00 31.21 ? 27  ILE B CG2 1 
ATOM   924  C CD1 . ILE B 1 27 ? 2.941   -14.354 -7.601  1.00 34.51 ? 27  ILE B CD1 1 
ATOM   925  N N   . ASP B 1 28 ? 2.288   -9.076  -7.105  1.00 32.80 ? 28  ASP B N   1 
ATOM   926  C CA  . ASP B 1 28 ? 2.241   -7.671  -6.730  1.00 32.42 ? 28  ASP B CA  1 
ATOM   927  C C   . ASP B 1 28 ? 1.828   -7.439  -5.272  1.00 31.19 ? 28  ASP B C   1 
ATOM   928  O O   . ASP B 1 28 ? 2.436   -6.614  -4.582  1.00 32.21 ? 28  ASP B O   1 
ATOM   929  C CB  . ASP B 1 28 ? 1.297   -6.897  -7.654  1.00 32.51 ? 28  ASP B CB  1 
ATOM   930  C CG  . ASP B 1 28 ? 1.152   -5.433  -7.249  1.00 36.73 ? 28  ASP B CG  1 
ATOM   931  O OD1 . ASP B 1 28 ? 2.204   -4.779  -7.050  1.00 37.94 ? 28  ASP B OD1 1 
ATOM   932  O OD2 . ASP B 1 28 ? -0.001  -4.949  -7.097  1.00 32.73 ? 28  ASP B OD2 1 
ATOM   933  N N   . GLU B 1 29 ? 0.838   -8.193  -4.793  1.00 29.43 ? 29  GLU B N   1 
ATOM   934  C CA  . GLU B 1 29 ? 0.341   -8.012  -3.428  1.00 27.43 ? 29  GLU B CA  1 
ATOM   935  C C   . GLU B 1 29 ? -0.054  -9.268  -2.661  1.00 25.21 ? 29  GLU B C   1 
ATOM   936  O O   . GLU B 1 29 ? -0.638  -10.199 -3.221  1.00 24.44 ? 29  GLU B O   1 
ATOM   937  C CB  . GLU B 1 29 ? -0.882  -7.085  -3.463  1.00 29.34 ? 29  GLU B CB  1 
ATOM   938  C CG  . GLU B 1 29 ? -1.494  -6.779  -2.101  1.00 29.03 ? 29  GLU B CG  1 
ATOM   939  C CD  . GLU B 1 29 ? -2.915  -6.275  -2.202  1.00 30.81 ? 29  GLU B CD  1 
ATOM   940  O OE1 . GLU B 1 29 ? -3.220  -5.506  -3.145  1.00 30.57 ? 29  GLU B OE1 1 
ATOM   941  O OE2 . GLU B 1 29 ? -3.731  -6.660  -1.336  1.00 31.09 ? 29  GLU B OE2 1 
ATOM   942  N N   . VAL B 1 30 ? 0.272   -9.270  -1.372  1.00 23.38 ? 30  VAL B N   1 
ATOM   943  C CA  . VAL B 1 30 ? -0.086  -10.348 -0.460  1.00 22.79 ? 30  VAL B CA  1 
ATOM   944  C C   . VAL B 1 30 ? -0.794  -9.613  0.666   1.00 22.67 ? 30  VAL B C   1 
ATOM   945  O O   . VAL B 1 30 ? -0.230  -8.703  1.274   1.00 20.35 ? 30  VAL B O   1 
ATOM   946  C CB  . VAL B 1 30 ? 1.137   -11.118 0.108   1.00 24.57 ? 30  VAL B CB  1 
ATOM   947  C CG1 . VAL B 1 30 ? 0.681   -12.114 1.197   1.00 20.05 ? 30  VAL B CG1 1 
ATOM   948  C CG2 . VAL B 1 30 ? 1.856   -11.861 -1.011  1.00 22.77 ? 30  VAL B CG2 1 
ATOM   949  N N   . ARG B 1 31 ? -2.047  -9.998  0.910   1.00 22.94 ? 31  ARG B N   1 
ATOM   950  C CA  . ARG B 1 31 ? -2.884  -9.363  1.924   1.00 22.80 ? 31  ARG B CA  1 
ATOM   951  C C   . ARG B 1 31 ? -3.469  -10.354 2.925   1.00 22.41 ? 31  ARG B C   1 
ATOM   952  O O   . ARG B 1 31 ? -4.067  -11.362 2.542   1.00 22.33 ? 31  ARG B O   1 
ATOM   953  C CB  . ARG B 1 31 ? -4.031  -8.615  1.232   1.00 24.59 ? 31  ARG B CB  1 
ATOM   954  C CG  . ARG B 1 31 ? -4.914  -7.789  2.150   1.00 24.90 ? 31  ARG B CG  1 
ATOM   955  C CD  . ARG B 1 31 ? -6.092  -7.223  1.385   1.00 27.20 ? 31  ARG B CD  1 
ATOM   956  N NE  . ARG B 1 31 ? -7.123  -8.230  1.141   1.00 28.84 ? 31  ARG B NE  1 
ATOM   957  C CZ  . ARG B 1 31 ? -7.947  -8.217  0.101   1.00 33.09 ? 31  ARG B CZ  1 
ATOM   958  N NH1 . ARG B 1 31 ? -7.853  -7.251  -0.806  1.00 31.38 ? 31  ARG B NH1 1 
ATOM   959  N NH2 . ARG B 1 31 ? -8.902  -9.136  -0.003  1.00 31.09 ? 31  ARG B NH2 1 
ATOM   960  N N   . TRP B 1 32 ? -3.317  -10.018 4.207   1.00 21.82 ? 32  TRP B N   1 
ATOM   961  C CA  . TRP B 1 32 ? -3.827  -10.810 5.319   1.00 20.43 ? 32  TRP B CA  1 
ATOM   962  C C   . TRP B 1 32 ? -4.846  -9.966  6.056   1.00 19.83 ? 32  TRP B C   1 
ATOM   963  O O   . TRP B 1 32 ? -4.583  -8.816  6.380   1.00 17.81 ? 32  TRP B O   1 
ATOM   964  C CB  . TRP B 1 32 ? -2.701  -11.190 6.284   1.00 16.06 ? 32  TRP B CB  1 
ATOM   965  C CG  . TRP B 1 32 ? -1.816  -12.289 5.790   1.00 19.76 ? 32  TRP B CG  1 
ATOM   966  C CD1 . TRP B 1 32 ? -0.589  -12.157 5.203   1.00 21.06 ? 32  TRP B CD1 1 
ATOM   967  C CD2 . TRP B 1 32 ? -2.067  -13.702 5.878   1.00 20.98 ? 32  TRP B CD2 1 
ATOM   968  N NE1 . TRP B 1 32 ? -0.057  -13.394 4.930   1.00 19.80 ? 32  TRP B NE1 1 
ATOM   969  C CE2 . TRP B 1 32 ? -0.940  -14.359 5.339   1.00 20.10 ? 32  TRP B CE2 1 
ATOM   970  C CE3 . TRP B 1 32 ? -3.137  -14.474 6.373   1.00 19.94 ? 32  TRP B CE3 1 
ATOM   971  C CZ2 . TRP B 1 32 ? -0.848  -15.756 5.267   1.00 18.19 ? 32  TRP B CZ2 1 
ATOM   972  C CZ3 . TRP B 1 32 ? -3.045  -15.861 6.301   1.00 19.80 ? 32  TRP B CZ3 1 
ATOM   973  C CH2 . TRP B 1 32 ? -1.904  -16.487 5.756   1.00 19.88 ? 32  TRP B CH2 1 
ATOM   974  N N   . GLU B 1 33 ? -6.012  -10.543 6.311   1.00 19.95 ? 33  GLU B N   1 
ATOM   975  C CA  . GLU B 1 33 ? -7.077  -9.854  7.015   1.00 20.91 ? 33  GLU B CA  1 
ATOM   976  C C   . GLU B 1 33 ? -7.664  -10.857 7.986   1.00 22.89 ? 33  GLU B C   1 
ATOM   977  O O   . GLU B 1 33 ? -7.513  -12.052 7.815   1.00 23.23 ? 33  GLU B O   1 
ATOM   978  C CB  . GLU B 1 33 ? -8.170  -9.406  6.048   1.00 17.37 ? 33  GLU B CB  1 
ATOM   979  C CG  . GLU B 1 33 ? -7.718  -8.477  4.936   1.00 17.86 ? 33  GLU B CG  1 
ATOM   980  C CD  . GLU B 1 33 ? -8.851  -8.039  4.017   1.00 21.25 ? 33  GLU B CD  1 
ATOM   981  O OE1 . GLU B 1 33 ? -9.805  -8.820  3.768   1.00 20.74 ? 33  GLU B OE1 1 
ATOM   982  O OE2 . GLU B 1 33 ? -8.776  -6.902  3.525   1.00 20.07 ? 33  GLU B OE2 1 
ATOM   983  N N   . ARG B 1 34 ? -8.295  -10.356 9.032   1.00 23.92 ? 34  ARG B N   1 
ATOM   984  C CA  . ARG B 1 34 ? -8.925  -11.200 10.037  1.00 25.97 ? 34  ARG B CA  1 
ATOM   985  C C   . ARG B 1 34 ? -10.226 -10.462 10.261  1.00 26.44 ? 34  ARG B C   1 
ATOM   986  O O   . ARG B 1 34 ? -10.281 -9.511  11.051  1.00 27.51 ? 34  ARG B O   1 
ATOM   987  C CB  . ARG B 1 34 ? -8.098  -11.251 11.338  1.00 29.95 ? 34  ARG B CB  1 
ATOM   988  C CG  . ARG B 1 34 ? -8.838  -11.945 12.517  1.00 35.40 ? 34  ARG B CG  1 
ATOM   989  C CD  . ARG B 1 34 ? -8.009  -12.129 13.801  1.00 45.23 ? 34  ARG B CD  1 
ATOM   990  N NE  . ARG B 1 34 ? -6.940  -11.147 13.925  1.00 55.38 ? 34  ARG B NE  1 
ATOM   991  C CZ  . ARG B 1 34 ? -6.991  -10.068 14.710  1.00 59.94 ? 34  ARG B CZ  1 
ATOM   992  N NH1 . ARG B 1 34 ? -8.096  -9.829  15.440  1.00 60.72 ? 34  ARG B NH1 1 
ATOM   993  N NH2 . ARG B 1 34 ? -5.971  -9.209  14.721  1.00 62.21 ? 34  ARG B NH2 1 
ATOM   994  N N   . GLY B 1 35 ? -11.268 -10.892 9.559   1.00 25.69 ? 35  GLY B N   1 
ATOM   995  C CA  . GLY B 1 35 ? -12.532 -10.201 9.672   1.00 24.91 ? 35  GLY B CA  1 
ATOM   996  C C   . GLY B 1 35 ? -12.381 -8.869  8.971   1.00 24.24 ? 35  GLY B C   1 
ATOM   997  O O   . GLY B 1 35 ? -11.799 -8.792  7.877   1.00 23.72 ? 35  GLY B O   1 
ATOM   998  N N   . SER B 1 36 ? -12.887 -7.814  9.596   1.00 23.22 ? 36  SER B N   1 
ATOM   999  C CA  . SER B 1 36 ? -12.790 -6.487  9.011   1.00 22.16 ? 36  SER B CA  1 
ATOM   1000 C C   . SER B 1 36 ? -11.393 -5.883  9.218   1.00 21.36 ? 36  SER B C   1 
ATOM   1001 O O   . SER B 1 36 ? -11.088 -4.836  8.664   1.00 18.99 ? 36  SER B O   1 
ATOM   1002 C CB  . SER B 1 36 ? -13.868 -5.572  9.598   1.00 23.86 ? 36  SER B CB  1 
ATOM   1003 O OG  . SER B 1 36 ? -13.771 -5.509  11.011  1.00 25.48 ? 36  SER B OG  1 
ATOM   1004 N N   . THR B 1 37 ? -10.535 -6.590  9.959   1.00 21.21 ? 37  THR B N   1 
ATOM   1005 C CA  . THR B 1 37 ? -9.169  -6.131  10.268  1.00 22.39 ? 37  THR B CA  1 
ATOM   1006 C C   . THR B 1 37 ? -8.084  -6.454  9.234   1.00 22.29 ? 37  THR B C   1 
ATOM   1007 O O   . THR B 1 37 ? -8.006  -7.581  8.728   1.00 22.41 ? 37  THR B O   1 
ATOM   1008 C CB  . THR B 1 37 ? -8.706  -6.655  11.681  1.00 23.39 ? 37  THR B CB  1 
ATOM   1009 O OG1 . THR B 1 37 ? -9.493  -6.015  12.687  1.00 30.66 ? 37  THR B OG1 1 
ATOM   1010 C CG2 . THR B 1 37 ? -7.216  -6.355  11.981  1.00 20.50 ? 37  THR B CG2 1 
ATOM   1011 N N   . LEU B 1 38 ? -7.314  -5.427  8.853   1.00 21.50 ? 38  LEU B N   1 
ATOM   1012 C CA  . LEU B 1 38 ? -6.188  -5.611  7.936   1.00 20.30 ? 38  LEU B CA  1 
ATOM   1013 C C   . LEU B 1 38 ? -4.980  -5.881  8.849   1.00 21.00 ? 38  LEU B C   1 
ATOM   1014 O O   . LEU B 1 38 ? -4.555  -5.020  9.621   1.00 21.26 ? 38  LEU B O   1 
ATOM   1015 C CB  . LEU B 1 38 ? -5.955  -4.371  7.067   1.00 19.85 ? 38  LEU B CB  1 
ATOM   1016 C CG  . LEU B 1 38 ? -4.783  -4.393  6.065   1.00 21.40 ? 38  LEU B CG  1 
ATOM   1017 C CD1 . LEU B 1 38 ? -4.872  -5.540  5.043   1.00 16.80 ? 38  LEU B CD1 1 
ATOM   1018 C CD2 . LEU B 1 38 ? -4.752  -3.045  5.361   1.00 24.15 ? 38  LEU B CD2 1 
ATOM   1019 N N   . VAL B 1 39 ? -4.474  -7.107  8.789   1.00 20.71 ? 39  VAL B N   1 
ATOM   1020 C CA  . VAL B 1 39 ? -3.369  -7.536  9.617   1.00 19.72 ? 39  VAL B CA  1 
ATOM   1021 C C   . VAL B 1 39 ? -2.014  -7.213  9.018   1.00 19.62 ? 39  VAL B C   1 
ATOM   1022 O O   . VAL B 1 39 ? -1.145  -6.621  9.675   1.00 19.77 ? 39  VAL B O   1 
ATOM   1023 C CB  . VAL B 1 39 ? -3.502  -9.030  9.901   1.00 18.69 ? 39  VAL B CB  1 
ATOM   1024 C CG1 . VAL B 1 39 ? -2.369  -9.520  10.754  1.00 19.27 ? 39  VAL B CG1 1 
ATOM   1025 C CG2 . VAL B 1 39 ? -4.832  -9.298  10.590  1.00 18.85 ? 39  VAL B CG2 1 
ATOM   1026 N N   . ALA B 1 40 ? -1.848  -7.569  7.757   1.00 19.89 ? 40  ALA B N   1 
ATOM   1027 C CA  . ALA B 1 40 ? -0.600  -7.321  7.056   1.00 19.99 ? 40  ALA B CA  1 
ATOM   1028 C C   . ALA B 1 40 ? -0.830  -7.253  5.561   1.00 20.65 ? 40  ALA B C   1 
ATOM   1029 O O   . ALA B 1 40 ? -1.693  -7.928  5.015   1.00 21.30 ? 40  ALA B O   1 
ATOM   1030 C CB  . ALA B 1 40 ? 0.407   -8.425  7.370   1.00 17.94 ? 40  ALA B CB  1 
ATOM   1031 N N   . GLU B 1 41 ? -0.040  -6.444  4.887   1.00 21.69 ? 41  GLU B N   1 
ATOM   1032 C CA  . GLU B 1 41 ? -0.172  -6.350  3.453   1.00 23.13 ? 41  GLU B CA  1 
ATOM   1033 C C   . GLU B 1 41 ? 1.110   -5.889  2.810   1.00 23.79 ? 41  GLU B C   1 
ATOM   1034 O O   . GLU B 1 41 ? 1.765   -4.958  3.274   1.00 23.91 ? 41  GLU B O   1 
ATOM   1035 C CB  . GLU B 1 41 ? -1.304  -5.410  3.071   1.00 26.46 ? 41  GLU B CB  1 
ATOM   1036 C CG  . GLU B 1 41 ? -1.551  -5.359  1.586   1.00 25.12 ? 41  GLU B CG  1 
ATOM   1037 C CD  . GLU B 1 41 ? -2.673  -4.454  1.272   1.00 24.57 ? 41  GLU B CD  1 
ATOM   1038 O OE1 . GLU B 1 41 ? -3.762  -4.680  1.817   1.00 28.49 ? 41  GLU B OE1 1 
ATOM   1039 O OE2 . GLU B 1 41 ? -2.462  -3.497  0.517   1.00 32.51 ? 41  GLU B OE2 1 
ATOM   1040 N N   . PHE B 1 42 ? 1.483   -6.585  1.750   1.00 24.93 ? 42  PHE B N   1 
ATOM   1041 C CA  . PHE B 1 42 ? 2.673   -6.255  1.007   1.00 26.36 ? 42  PHE B CA  1 
ATOM   1042 C C   . PHE B 1 42 ? 2.238   -5.852  -0.412  1.00 27.72 ? 42  PHE B C   1 
ATOM   1043 O O   . PHE B 1 42 ? 1.350   -6.479  -0.995  1.00 28.48 ? 42  PHE B O   1 
ATOM   1044 C CB  . PHE B 1 42 ? 3.600   -7.483  0.998   1.00 27.16 ? 42  PHE B CB  1 
ATOM   1045 C CG  . PHE B 1 42 ? 4.462   -7.570  -0.206  1.00 30.24 ? 42  PHE B CG  1 
ATOM   1046 C CD1 . PHE B 1 42 ? 5.594   -6.769  -0.271  1.00 32.46 ? 42  PHE B CD1 1 
ATOM   1047 C CD2 . PHE B 1 42 ? 4.116   -8.358  -1.301  1.00 29.50 ? 42  PHE B CD2 1 
ATOM   1048 C CE1 . PHE B 1 42 ? 6.363   -6.738  -1.386  1.00 35.51 ? 42  PHE B CE1 1 
ATOM   1049 C CE2 . PHE B 1 42 ? 4.896   -8.335  -2.448  1.00 34.48 ? 42  PHE B CE2 1 
ATOM   1050 C CZ  . PHE B 1 42 ? 6.021   -7.518  -2.485  1.00 36.33 ? 42  PHE B CZ  1 
ATOM   1051 N N   . LYS B 1 43 ? 2.798   -4.769  -0.941  1.00 28.15 ? 43  LYS B N   1 
ATOM   1052 C CA  . LYS B 1 43 ? 2.456   -4.353  -2.305  1.00 27.94 ? 43  LYS B CA  1 
ATOM   1053 C C   . LYS B 1 43 ? 3.688   -3.772  -2.985  1.00 27.86 ? 43  LYS B C   1 
ATOM   1054 O O   . LYS B 1 43 ? 4.238   -2.771  -2.520  1.00 26.81 ? 43  LYS B O   1 
ATOM   1055 C CB  . LYS B 1 43 ? 1.322   -3.331  -2.294  1.00 28.02 ? 43  LYS B CB  1 
ATOM   1056 C CG  . LYS B 1 43 ? 0.931   -2.851  -3.683  1.00 31.73 ? 43  LYS B CG  1 
ATOM   1057 C CD  . LYS B 1 43 ? -0.381  -2.075  -3.707  1.00 36.17 ? 43  LYS B CD  1 
ATOM   1058 C CE  . LYS B 1 43 ? -0.620  -1.398  -5.060  1.00 35.29 ? 43  LYS B CE  1 
ATOM   1059 N NZ  . LYS B 1 43 ? -0.518  -2.360  -6.185  1.00 34.84 ? 43  LYS B NZ  1 
ATOM   1060 N N   . ARG B 1 44 ? 4.141   -4.393  -4.072  1.00 28.77 ? 44  ARG B N   1 
ATOM   1061 C CA  . ARG B 1 44 ? 5.331   -3.877  -4.748  1.00 30.58 ? 44  ARG B CA  1 
ATOM   1062 C C   . ARG B 1 44 ? 5.216   -2.646  -5.638  1.00 30.34 ? 44  ARG B C   1 
ATOM   1063 O O   . ARG B 1 44 ? 5.965   -1.682  -5.454  1.00 30.15 ? 44  ARG B O   1 
ATOM   1064 C CB  . ARG B 1 44 ? 6.131   -4.969  -5.470  1.00 33.99 ? 44  ARG B CB  1 
ATOM   1065 C CG  . ARG B 1 44 ? 7.226   -5.611  -4.583  1.00 45.14 ? 44  ARG B CG  1 
ATOM   1066 C CD  . ARG B 1 44 ? 8.008   -4.637  -3.597  1.00 54.62 ? 44  ARG B CD  1 
ATOM   1067 N NE  . ARG B 1 44 ? 7.474   -3.266  -3.437  1.00 63.69 ? 44  ARG B NE  1 
ATOM   1068 C CZ  . ARG B 1 44 ? 7.937   -2.389  -2.563  1.00 65.88 ? 44  ARG B CZ  1 
ATOM   1069 N NH1 . ARG B 1 44 ? 8.915   -2.684  -1.753  1.00 66.02 ? 44  ARG B NH1 1 
ATOM   1070 N NH2 . ARG B 1 44 ? 7.213   -1.329  -2.286  1.00 67.63 ? 44  ARG B NH2 1 
ATOM   1071 N N   . LYS B 1 45 ? 4.314   -2.670  -6.615  1.00 30.07 ? 45  LYS B N   1 
ATOM   1072 C CA  . LYS B 1 45 ? 4.169   -1.501  -7.465  1.00 30.22 ? 45  LYS B CA  1 
ATOM   1073 C C   . LYS B 1 45 ? 3.235   -0.503  -6.797  1.00 29.41 ? 45  LYS B C   1 
ATOM   1074 O O   . LYS B 1 45 ? 2.394   -0.874  -5.986  1.00 29.03 ? 45  LYS B O   1 
ATOM   1075 C CB  . LYS B 1 45 ? 3.699   -1.884  -8.870  1.00 32.02 ? 45  LYS B CB  1 
ATOM   1076 C CG  . LYS B 1 45 ? 2.378   -2.594  -8.939  1.00 38.15 ? 45  LYS B CG  1 
ATOM   1077 C CD  . LYS B 1 45 ? 2.291   -3.505  -10.163 1.00 41.65 ? 45  LYS B CD  1 
ATOM   1078 C CE  . LYS B 1 45 ? 2.502   -2.723  -11.445 1.00 45.61 ? 45  LYS B CE  1 
ATOM   1079 N NZ  . LYS B 1 45 ? 2.517   -3.579  -12.668 1.00 49.86 ? 45  LYS B NZ  1 
ATOM   1080 N N   . PRO B 1 46 ? 3.461   0.789   -7.035  1.00 29.09 ? 48  PRO B N   1 
ATOM   1081 C CA  . PRO B 1 46 ? 2.620   1.825   -6.443  1.00 28.79 ? 48  PRO B CA  1 
ATOM   1082 C C   . PRO B 1 46 ? 1.179   1.804   -6.925  1.00 27.81 ? 48  PRO B C   1 
ATOM   1083 O O   . PRO B 1 46 ? 0.847   1.240   -7.976  1.00 28.08 ? 48  PRO B O   1 
ATOM   1084 C CB  . PRO B 1 46 ? 3.332   3.118   -6.861  1.00 29.68 ? 48  PRO B CB  1 
ATOM   1085 C CG  . PRO B 1 46 ? 4.002   2.748   -8.129  1.00 29.92 ? 48  PRO B CG  1 
ATOM   1086 C CD  . PRO B 1 46 ? 4.570   1.396   -7.789  1.00 31.20 ? 48  PRO B CD  1 
ATOM   1087 N N   . PHE B 1 47 ? 0.314   2.370   -6.100  1.00 26.88 ? 49  PHE B N   1 
ATOM   1088 C CA  . PHE B 1 47 ? -1.097  2.467   -6.421  1.00 26.52 ? 49  PHE B CA  1 
ATOM   1089 C C   . PHE B 1 47 ? -1.249  3.613   -7.401  1.00 24.38 ? 49  PHE B C   1 
ATOM   1090 O O   . PHE B 1 47 ? -0.603  4.645   -7.258  1.00 23.29 ? 49  PHE B O   1 
ATOM   1091 C CB  . PHE B 1 47 ? -1.930  2.773   -5.158  1.00 25.81 ? 49  PHE B CB  1 
ATOM   1092 C CG  . PHE B 1 47 ? -3.352  3.181   -5.455  1.00 29.94 ? 49  PHE B CG  1 
ATOM   1093 C CD1 . PHE B 1 47 ? -3.674  4.521   -5.710  1.00 28.21 ? 49  PHE B CD1 1 
ATOM   1094 C CD2 . PHE B 1 47 ? -4.359  2.225   -5.555  1.00 29.30 ? 49  PHE B CD2 1 
ATOM   1095 C CE1 . PHE B 1 47 ? -4.962  4.888   -6.064  1.00 25.93 ? 49  PHE B CE1 1 
ATOM   1096 C CE2 . PHE B 1 47 ? -5.664  2.600   -5.909  1.00 28.80 ? 49  PHE B CE2 1 
ATOM   1097 C CZ  . PHE B 1 47 ? -5.957  3.929   -6.165  1.00 23.62 ? 49  PHE B CZ  1 
ATOM   1098 N N   . LEU B 1 48 ? -2.093  3.419   -8.404  1.00 23.55 ? 50  LEU B N   1 
ATOM   1099 C CA  . LEU B 1 48 ? -2.351  4.468   -9.379  1.00 23.74 ? 50  LEU B CA  1 
ATOM   1100 C C   . LEU B 1 48 ? -3.815  4.353   -9.723  1.00 23.07 ? 50  LEU B C   1 
ATOM   1101 O O   . LEU B 1 48 ? -4.304  3.244   -9.905  1.00 22.08 ? 50  LEU B O   1 
ATOM   1102 C CB  . LEU B 1 48 ? -1.496  4.289   -10.637 1.00 24.34 ? 50  LEU B CB  1 
ATOM   1103 C CG  . LEU B 1 48 ? 0.008   4.517   -10.526 1.00 24.52 ? 50  LEU B CG  1 
ATOM   1104 C CD1 . LEU B 1 48 ? 0.671   4.142   -11.849 1.00 26.54 ? 50  LEU B CD1 1 
ATOM   1105 C CD2 . LEU B 1 48 ? 0.280   5.965   -10.152 1.00 21.44 ? 50  LEU B CD2 1 
ATOM   1106 N N   . LYS B 1 49 ? -4.507  5.491   -9.803  1.00 23.77 ? 51  LYS B N   1 
ATOM   1107 C CA  . LYS B 1 49 ? -5.938  5.512   -10.121 1.00 24.08 ? 51  LYS B CA  1 
ATOM   1108 C C   . LYS B 1 49 ? -6.216  4.946   -11.511 1.00 24.72 ? 51  LYS B C   1 
ATOM   1109 O O   . LYS B 1 49 ? -7.172  4.196   -11.718 1.00 25.16 ? 51  LYS B O   1 
ATOM   1110 C CB  . LYS B 1 49 ? -6.516  6.932   -10.026 1.00 22.34 ? 51  LYS B CB  1 
ATOM   1111 C CG  . LYS B 1 49 ? -7.954  6.972   -10.500 1.00 21.88 ? 51  LYS B CG  1 
ATOM   1112 C CD  . LYS B 1 49 ? -8.580  8.337   -10.441 1.00 25.77 ? 51  LYS B CD  1 
ATOM   1113 C CE  . LYS B 1 49 ? -9.973  8.265   -11.067 1.00 28.73 ? 51  LYS B CE  1 
ATOM   1114 N NZ  . LYS B 1 49 ? -10.671 9.570   -11.140 1.00 25.90 ? 51  LYS B NZ  1 
ATOM   1115 N N   . SER B 1 50 ? -5.403  5.360   -12.472 1.00 25.30 ? 52  SER B N   1 
ATOM   1116 C CA  . SER B 1 50 ? -5.540  4.897   -13.838 1.00 25.12 ? 52  SER B CA  1 
ATOM   1117 C C   . SER B 1 50 ? -4.206  5.066   -14.534 1.00 25.98 ? 52  SER B C   1 
ATOM   1118 O O   . SER B 1 50 ? -3.187  5.400   -13.907 1.00 24.22 ? 52  SER B O   1 
ATOM   1119 C CB  . SER B 1 50 ? -6.638  5.680   -14.587 1.00 27.05 ? 52  SER B CB  1 
ATOM   1120 O OG  . SER B 1 50 ? -6.247  7.004   -14.928 1.00 23.95 ? 52  SER B OG  1 
ATOM   1121 N N   . GLY B 1 51 ? -4.231  4.811   -15.838 1.00 27.07 ? 53  GLY B N   1 
ATOM   1122 C CA  . GLY B 1 51 ? -3.054  4.935   -16.663 1.00 26.22 ? 53  GLY B CA  1 
ATOM   1123 C C   . GLY B 1 51 ? -2.825  6.377   -17.033 1.00 25.56 ? 53  GLY B C   1 
ATOM   1124 O O   . GLY B 1 51 ? -1.847  6.689   -17.687 1.00 26.71 ? 53  GLY B O   1 
ATOM   1125 N N   . ALA B 1 52 ? -3.739  7.261   -16.661 1.00 25.84 ? 54  ALA B N   1 
ATOM   1126 C CA  . ALA B 1 52 ? -3.563  8.675   -16.965 1.00 25.91 ? 54  ALA B CA  1 
ATOM   1127 C C   . ALA B 1 52 ? -2.563  9.302   -15.999 1.00 25.92 ? 54  ALA B C   1 
ATOM   1128 O O   . ALA B 1 52 ? -2.132  10.428  -16.186 1.00 27.24 ? 54  ALA B O   1 
ATOM   1129 C CB  . ALA B 1 52 ? -4.902  9.406   -16.889 1.00 26.16 ? 54  ALA B CB  1 
ATOM   1130 N N   . PHE B 1 53 ? -2.195  8.546   -14.970 1.00 25.22 ? 55  PHE B N   1 
ATOM   1131 C CA  . PHE B 1 53 ? -1.286  9.004   -13.946 1.00 24.46 ? 55  PHE B CA  1 
ATOM   1132 C C   . PHE B 1 53 ? -0.098  8.088   -13.804 1.00 26.44 ? 55  PHE B C   1 
ATOM   1133 O O   . PHE B 1 53 ? -0.081  6.952   -14.273 1.00 26.36 ? 55  PHE B O   1 
ATOM   1134 C CB  . PHE B 1 53 ? -1.984  9.021   -12.587 1.00 22.34 ? 55  PHE B CB  1 
ATOM   1135 C CG  . PHE B 1 53 ? -3.272  9.799   -12.563 1.00 23.39 ? 55  PHE B CG  1 
ATOM   1136 C CD1 . PHE B 1 53 ? -3.272  11.174  -12.334 1.00 25.27 ? 55  PHE B CD1 1 
ATOM   1137 C CD2 . PHE B 1 53 ? -4.497  9.160   -12.756 1.00 20.54 ? 55  PHE B CD2 1 
ATOM   1138 C CE1 . PHE B 1 53 ? -4.475  11.891  -12.295 1.00 23.84 ? 55  PHE B CE1 1 
ATOM   1139 C CE2 . PHE B 1 53 ? -5.690  9.873   -12.719 1.00 21.25 ? 55  PHE B CE2 1 
ATOM   1140 C CZ  . PHE B 1 53 ? -5.681  11.232  -12.490 1.00 20.96 ? 55  PHE B CZ  1 
ATOM   1141 N N   . GLU B 1 54 ? 0.870   8.574   -13.049 1.00 29.04 ? 56  GLU B N   1 
ATOM   1142 C CA  . GLU B 1 54 ? 2.068   7.807   -12.756 1.00 30.97 ? 56  GLU B CA  1 
ATOM   1143 C C   . GLU B 1 54 ? 2.912   8.589   -11.766 1.00 31.24 ? 56  GLU B C   1 
ATOM   1144 O O   . GLU B 1 54 ? 2.836   9.811   -11.698 1.00 31.07 ? 56  GLU B O   1 
ATOM   1145 C CB  . GLU B 1 54 ? 2.834   7.443   -14.038 1.00 36.10 ? 56  GLU B CB  1 
ATOM   1146 C CG  . GLU B 1 54 ? 4.019   8.283   -14.398 1.00 41.80 ? 56  GLU B CG  1 
ATOM   1147 C CD  . GLU B 1 54 ? 4.613   7.891   -15.760 1.00 49.23 ? 56  GLU B CD  1 
ATOM   1148 O OE1 . GLU B 1 54 ? 4.572   6.698   -16.125 1.00 53.14 ? 56  GLU B OE1 1 
ATOM   1149 O OE2 . GLU B 1 54 ? 5.117   8.776   -16.488 1.00 55.19 ? 56  GLU B OE2 1 
ATOM   1150 N N   . ILE B 1 55 ? 3.621   7.868   -10.909 1.00 31.12 ? 57  ILE B N   1 
ATOM   1151 C CA  . ILE B 1 55 ? 4.451   8.510   -9.906  1.00 31.46 ? 57  ILE B CA  1 
ATOM   1152 C C   . ILE B 1 55 ? 5.913   8.334   -10.282 1.00 31.32 ? 57  ILE B C   1 
ATOM   1153 O O   . ILE B 1 55 ? 6.361   7.227   -10.586 1.00 31.42 ? 57  ILE B O   1 
ATOM   1154 C CB  . ILE B 1 55 ? 4.109   7.965   -8.498  1.00 32.53 ? 57  ILE B CB  1 
ATOM   1155 C CG1 . ILE B 1 55 ? 4.705   8.867   -7.425  1.00 31.86 ? 57  ILE B CG1 1 
ATOM   1156 C CG2 . ILE B 1 55 ? 4.549   6.505   -8.347  1.00 34.66 ? 57  ILE B CG2 1 
ATOM   1157 C CD1 . ILE B 1 55 ? 3.809   9.001   -6.232  1.00 34.34 ? 57  ILE B CD1 1 
ATOM   1158 N N   . LEU B 1 56 ? 6.635   9.448   -10.342 1.00 30.77 ? 58  LEU B N   1 
ATOM   1159 C CA  . LEU B 1 56 ? 8.036   9.411   -10.728 1.00 31.30 ? 58  LEU B CA  1 
ATOM   1160 C C   . LEU B 1 56 ? 8.927   8.949   -9.592  1.00 31.56 ? 58  LEU B C   1 
ATOM   1161 O O   . LEU B 1 56 ? 8.517   8.954   -8.426  1.00 31.02 ? 58  LEU B O   1 
ATOM   1162 C CB  . LEU B 1 56 ? 8.477   10.784  -11.249 1.00 30.25 ? 58  LEU B CB  1 
ATOM   1163 C CG  . LEU B 1 56 ? 7.530   11.417  -12.269 1.00 27.97 ? 58  LEU B CG  1 
ATOM   1164 C CD1 . LEU B 1 56 ? 8.155   12.673  -12.833 1.00 30.58 ? 58  LEU B CD1 1 
ATOM   1165 C CD2 . LEU B 1 56 ? 7.212   10.438  -13.385 1.00 27.33 ? 58  LEU B CD2 1 
ATOM   1166 N N   . ALA B 1 57 ? 10.152  8.556   -9.956  1.00 32.38 ? 59  ALA B N   1 
ATOM   1167 C CA  . ALA B 1 57 ? 11.166  8.071   -9.016  1.00 32.69 ? 59  ALA B CA  1 
ATOM   1168 C C   . ALA B 1 57 ? 11.411  9.035   -7.851  1.00 32.50 ? 59  ALA B C   1 
ATOM   1169 O O   . ALA B 1 57 ? 11.700  8.581   -6.748  1.00 33.51 ? 59  ALA B O   1 
ATOM   1170 C CB  . ALA B 1 57 ? 12.485  7.775   -9.763  1.00 31.24 ? 59  ALA B CB  1 
ATOM   1171 N N   . ASN B 1 58 ? 11.260  10.347  -8.099  1.00 32.27 ? 60  ASN B N   1 
ATOM   1172 C CA  . ASN B 1 58 ? 11.448  11.402  -7.085  1.00 31.11 ? 60  ASN B CA  1 
ATOM   1173 C C   . ASN B 1 58 ? 10.200  11.691  -6.243  1.00 30.67 ? 60  ASN B C   1 
ATOM   1174 O O   . ASN B 1 58 ? 10.235  12.522  -5.331  1.00 31.12 ? 60  ASN B O   1 
ATOM   1175 C CB  . ASN B 1 58 ? 11.967  12.710  -7.725  1.00 29.43 ? 60  ASN B CB  1 
ATOM   1176 C CG  . ASN B 1 58 ? 10.943  13.395  -8.598  1.00 29.74 ? 60  ASN B CG  1 
ATOM   1177 O OD1 . ASN B 1 58 ? 9.876   12.870  -8.834  1.00 29.58 ? 60  ASN B OD1 1 
ATOM   1178 N ND2 . ASN B 1 58 ? 11.273  14.579  -9.080  1.00 29.88 ? 60  ASN B ND2 1 
ATOM   1179 N N   . GLY B 1 59 ? 9.097   11.018  -6.569  1.00 29.78 ? 61  GLY B N   1 
ATOM   1180 C CA  . GLY B 1 59 ? 7.858   11.203  -5.831  1.00 28.13 ? 61  GLY B CA  1 
ATOM   1181 C C   . GLY B 1 59 ? 6.852   12.159  -6.457  1.00 26.34 ? 61  GLY B C   1 
ATOM   1182 O O   . GLY B 1 59 ? 5.788   12.384  -5.898  1.00 25.53 ? 61  GLY B O   1 
ATOM   1183 N N   . ASP B 1 60 ? 7.188   12.741  -7.603  1.00 25.29 ? 62  ASP B N   1 
ATOM   1184 C CA  . ASP B 1 60 ? 6.285   13.660  -8.277  1.00 23.95 ? 62  ASP B CA  1 
ATOM   1185 C C   . ASP B 1 60 ? 5.133   12.947  -9.002  1.00 22.62 ? 62  ASP B C   1 
ATOM   1186 O O   . ASP B 1 60 ? 5.279   11.821  -9.481  1.00 21.60 ? 62  ASP B O   1 
ATOM   1187 C CB  . ASP B 1 60 ? 7.066   14.524  -9.275  1.00 25.19 ? 62  ASP B CB  1 
ATOM   1188 C CG  . ASP B 1 60 ? 7.956   15.568  -8.598  1.00 26.56 ? 62  ASP B CG  1 
ATOM   1189 O OD1 . ASP B 1 60 ? 7.975   15.676  -7.354  1.00 26.66 ? 62  ASP B OD1 1 
ATOM   1190 O OD2 . ASP B 1 60 ? 8.648   16.296  -9.332  1.00 30.55 ? 62  ASP B OD2 1 
ATOM   1191 N N   . LEU B 1 61 ? 3.996   13.627  -9.106  1.00 22.22 ? 63  LEU B N   1 
ATOM   1192 C CA  . LEU B 1 61 ? 2.826   13.068  -9.784  1.00 22.85 ? 63  LEU B CA  1 
ATOM   1193 C C   . LEU B 1 61 ? 2.782   13.500  -11.244 1.00 23.63 ? 63  LEU B C   1 
ATOM   1194 O O   . LEU B 1 61 ? 2.777   14.685  -11.545 1.00 22.07 ? 63  LEU B O   1 
ATOM   1195 C CB  . LEU B 1 61 ? 1.535   13.530  -9.107  1.00 20.41 ? 63  LEU B CB  1 
ATOM   1196 C CG  . LEU B 1 61 ? 0.257   12.683  -9.154  1.00 22.16 ? 63  LEU B CG  1 
ATOM   1197 C CD1 . LEU B 1 61 ? -0.918  13.597  -8.909  1.00 20.87 ? 63  LEU B CD1 1 
ATOM   1198 C CD2 . LEU B 1 61 ? 0.059   11.983  -10.453 1.00 26.60 ? 63  LEU B CD2 1 
ATOM   1199 N N   . LYS B 1 62 ? 2.775   12.534  -12.154 1.00 25.40 ? 64  LYS B N   1 
ATOM   1200 C CA  . LYS B 1 62 ? 2.681   12.867  -13.552 1.00 26.20 ? 64  LYS B CA  1 
ATOM   1201 C C   . LYS B 1 62 ? 1.268   12.586  -14.046 1.00 26.92 ? 64  LYS B C   1 
ATOM   1202 O O   . LYS B 1 62 ? 0.752   11.485  -13.882 1.00 27.63 ? 64  LYS B O   1 
ATOM   1203 C CB  . LYS B 1 62 ? 3.677   12.074  -14.386 1.00 30.65 ? 64  LYS B CB  1 
ATOM   1204 C CG  . LYS B 1 62 ? 3.595   12.487  -15.850 1.00 35.97 ? 64  LYS B CG  1 
ATOM   1205 C CD  . LYS B 1 62 ? 4.539   11.734  -16.750 1.00 41.33 ? 64  LYS B CD  1 
ATOM   1206 C CE  . LYS B 1 62 ? 4.757   12.508  -18.046 1.00 45.78 ? 64  LYS B CE  1 
ATOM   1207 N NZ  . LYS B 1 62 ? 5.509   13.807  -17.811 1.00 46.38 ? 64  LYS B NZ  1 
ATOM   1208 N N   . ILE B 1 63 ? 0.634   13.619  -14.599 1.00 27.09 ? 65  ILE B N   1 
ATOM   1209 C CA  . ILE B 1 63 ? -0.700  13.524  -15.163 1.00 26.85 ? 65  ILE B CA  1 
ATOM   1210 C C   . ILE B 1 63 ? -0.458  13.584  -16.666 1.00 28.65 ? 65  ILE B C   1 
ATOM   1211 O O   . ILE B 1 63 ? -0.177  14.639  -17.218 1.00 27.46 ? 65  ILE B O   1 
ATOM   1212 C CB  . ILE B 1 63 ? -1.556  14.691  -14.722 1.00 24.55 ? 65  ILE B CB  1 
ATOM   1213 C CG1 . ILE B 1 63 ? -1.531  14.801  -13.200 1.00 23.87 ? 65  ILE B CG1 1 
ATOM   1214 C CG2 . ILE B 1 63 ? -2.995  14.501  -15.203 1.00 26.41 ? 65  ILE B CG2 1 
ATOM   1215 C CD1 . ILE B 1 63 ? -2.273  16.003  -12.672 1.00 22.77 ? 65  ILE B CD1 1 
ATOM   1216 N N   . LYS B 1 64 ? -0.588  12.427  -17.308 1.00 31.17 ? 66  LYS B N   1 
ATOM   1217 C CA  . LYS B 1 64 ? -0.328  12.278  -18.734 1.00 33.33 ? 66  LYS B CA  1 
ATOM   1218 C C   . LYS B 1 64 ? -1.040  13.165  -19.733 1.00 35.09 ? 66  LYS B C   1 
ATOM   1219 O O   . LYS B 1 64 ? -0.410  13.701  -20.657 1.00 36.21 ? 66  LYS B O   1 
ATOM   1220 C CB  . LYS B 1 64 ? -0.482  10.827  -19.171 1.00 33.73 ? 66  LYS B CB  1 
ATOM   1221 C CG  . LYS B 1 64 ? 0.630   9.900   -18.726 1.00 34.29 ? 66  LYS B CG  1 
ATOM   1222 C CD  . LYS B 1 64 ? 0.353   8.471   -19.212 1.00 38.80 ? 66  LYS B CD  1 
ATOM   1223 C CE  . LYS B 1 64 ? 1.275   7.439   -18.521 1.00 41.35 ? 66  LYS B CE  1 
ATOM   1224 N NZ  . LYS B 1 64 ? 0.751   6.035   -18.490 1.00 40.17 ? 66  LYS B NZ  1 
ATOM   1225 N N   . ASN B 1 65 ? -2.343  13.323  -19.568 1.00 36.02 ? 67  ASN B N   1 
ATOM   1226 C CA  . ASN B 1 65 ? -3.088  14.132  -20.509 1.00 36.17 ? 67  ASN B CA  1 
ATOM   1227 C C   . ASN B 1 65 ? -4.166  14.949  -19.829 1.00 35.64 ? 67  ASN B C   1 
ATOM   1228 O O   . ASN B 1 65 ? -5.219  14.426  -19.480 1.00 37.75 ? 67  ASN B O   1 
ATOM   1229 C CB  . ASN B 1 65 ? -3.697  13.202  -21.541 1.00 40.03 ? 67  ASN B CB  1 
ATOM   1230 C CG  . ASN B 1 65 ? -4.231  13.938  -22.702 1.00 47.29 ? 67  ASN B CG  1 
ATOM   1231 O OD1 . ASN B 1 65 ? -3.520  14.706  -23.343 1.00 48.98 ? 67  ASN B OD1 1 
ATOM   1232 N ND2 . ASN B 1 65 ? -5.518  13.732  -22.981 1.00 50.41 ? 67  ASN B ND2 1 
ATOM   1233 N N   . LEU B 1 66 ? -3.928  16.247  -19.710 1.00 34.14 ? 68  LEU B N   1 
ATOM   1234 C CA  . LEU B 1 66 ? -4.847  17.153  -19.028 1.00 33.61 ? 68  LEU B CA  1 
ATOM   1235 C C   . LEU B 1 66 ? -6.187  17.472  -19.702 1.00 33.85 ? 68  LEU B C   1 
ATOM   1236 O O   . LEU B 1 66 ? -6.255  17.723  -20.910 1.00 34.54 ? 68  LEU B O   1 
ATOM   1237 C CB  . LEU B 1 66 ? -4.131  18.464  -18.663 1.00 30.96 ? 68  LEU B CB  1 
ATOM   1238 C CG  . LEU B 1 66 ? -2.954  18.356  -17.687 1.00 28.41 ? 68  LEU B CG  1 
ATOM   1239 C CD1 . LEU B 1 66 ? -2.116  19.613  -17.712 1.00 22.04 ? 68  LEU B CD1 1 
ATOM   1240 C CD2 . LEU B 1 66 ? -3.453  18.046  -16.283 1.00 23.55 ? 68  LEU B CD2 1 
ATOM   1241 N N   . THR B 1 67 ? -7.250  17.429  -18.900 1.00 33.17 ? 69  THR B N   1 
ATOM   1242 C CA  . THR B 1 67 ? -8.601  17.753  -19.341 1.00 33.30 ? 69  THR B CA  1 
ATOM   1243 C C   . THR B 1 67 ? -9.174  18.647  -18.246 1.00 34.04 ? 69  THR B C   1 
ATOM   1244 O O   . THR B 1 67 ? -8.608  18.732  -17.146 1.00 33.07 ? 69  THR B O   1 
ATOM   1245 C CB  . THR B 1 67 ? -9.487  16.507  -19.547 1.00 33.61 ? 69  THR B CB  1 
ATOM   1246 O OG1 . THR B 1 67 ? -9.587  15.769  -18.327 1.00 35.38 ? 69  THR B OG1 1 
ATOM   1247 C CG2 . THR B 1 67 ? -8.907  15.606  -20.624 1.00 31.36 ? 69  THR B CG2 1 
ATOM   1248 N N   . ARG B 1 68 ? -10.265 19.339  -18.553 1.00 35.14 ? 70  ARG B N   1 
ATOM   1249 C CA  . ARG B 1 68 ? -10.883 20.257  -17.596 1.00 36.55 ? 70  ARG B CA  1 
ATOM   1250 C C   . ARG B 1 68 ? -11.089 19.626  -16.215 1.00 36.52 ? 70  ARG B C   1 
ATOM   1251 O O   . ARG B 1 68 ? -10.859 20.282  -15.193 1.00 37.22 ? 70  ARG B O   1 
ATOM   1252 C CB  . ARG B 1 68 ? -12.207 20.799  -18.163 1.00 37.78 ? 70  ARG B CB  1 
ATOM   1253 C CG  . ARG B 1 68 ? -12.831 21.930  -17.374 1.00 39.07 ? 70  ARG B CG  1 
ATOM   1254 C CD  . ARG B 1 68 ? -14.212 22.246  -17.922 1.00 43.62 ? 70  ARG B CD  1 
ATOM   1255 N NE  . ARG B 1 68 ? -14.234 23.402  -18.812 1.00 46.18 ? 70  ARG B NE  1 
ATOM   1256 C CZ  . ARG B 1 68 ? -15.043 23.533  -19.861 1.00 46.39 ? 70  ARG B CZ  1 
ATOM   1257 N NH1 . ARG B 1 68 ? -15.899 22.568  -20.173 1.00 46.88 ? 70  ARG B NH1 1 
ATOM   1258 N NH2 . ARG B 1 68 ? -15.048 24.661  -20.556 1.00 45.93 ? 70  ARG B NH2 1 
ATOM   1259 N N   . ASP B 1 69 ? -11.441 18.342  -16.188 1.00 35.91 ? 71  ASP B N   1 
ATOM   1260 C CA  . ASP B 1 69 ? -11.685 17.660  -14.925 1.00 36.19 ? 71  ASP B CA  1 
ATOM   1261 C C   . ASP B 1 69 ? -10.452 17.272  -14.109 1.00 35.20 ? 71  ASP B C   1 
ATOM   1262 O O   . ASP B 1 69 ? -10.573 16.676  -13.044 1.00 33.80 ? 71  ASP B O   1 
ATOM   1263 C CB  . ASP B 1 69 ? -12.637 16.462  -15.107 1.00 41.03 ? 71  ASP B CB  1 
ATOM   1264 C CG  . ASP B 1 69 ? -12.008 15.284  -15.845 1.00 45.74 ? 71  ASP B CG  1 
ATOM   1265 O OD1 . ASP B 1 69 ? -10.984 14.727  -15.373 1.00 50.97 ? 71  ASP B OD1 1 
ATOM   1266 O OD2 . ASP B 1 69 ? -12.580 14.877  -16.883 1.00 50.86 ? 71  ASP B OD2 1 
ATOM   1267 N N   . ASP B 1 70 ? -9.267  17.614  -14.598 1.00 34.74 ? 72  ASP B N   1 
ATOM   1268 C CA  . ASP B 1 70 ? -8.055  17.297  -13.858 1.00 34.75 ? 72  ASP B CA  1 
ATOM   1269 C C   . ASP B 1 70 ? -7.621  18.449  -12.955 1.00 35.29 ? 72  ASP B C   1 
ATOM   1270 O O   . ASP B 1 70 ? -6.627  18.331  -12.245 1.00 36.35 ? 72  ASP B O   1 
ATOM   1271 C CB  . ASP B 1 70 ? -6.924  16.883  -14.803 1.00 34.32 ? 72  ASP B CB  1 
ATOM   1272 C CG  . ASP B 1 70 ? -7.105  15.476  -15.362 1.00 33.73 ? 72  ASP B CG  1 
ATOM   1273 O OD1 . ASP B 1 70 ? -7.384  14.548  -14.579 1.00 35.16 ? 72  ASP B OD1 1 
ATOM   1274 O OD2 . ASP B 1 70 ? -6.955  15.290  -16.588 1.00 33.72 ? 72  ASP B OD2 1 
ATOM   1275 N N   . SER B 1 71 ? -8.390  19.541  -12.954 1.00 35.06 ? 73  SER B N   1 
ATOM   1276 C CA  . SER B 1 71 ? -8.096  20.726  -12.134 1.00 34.48 ? 73  SER B CA  1 
ATOM   1277 C C   . SER B 1 71 ? -8.597  20.564  -10.698 1.00 34.02 ? 73  SER B C   1 
ATOM   1278 O O   . SER B 1 71 ? -9.554  19.834  -10.435 1.00 34.59 ? 73  SER B O   1 
ATOM   1279 C CB  . SER B 1 71 ? -8.720  21.980  -12.752 1.00 36.57 ? 73  SER B CB  1 
ATOM   1280 O OG  . SER B 1 71 ? -10.136 21.966  -12.657 1.00 40.08 ? 73  SER B OG  1 
ATOM   1281 N N   . GLY B 1 72 ? -7.951  21.255  -9.771  1.00 33.17 ? 74  GLY B N   1 
ATOM   1282 C CA  . GLY B 1 72 ? -8.343  21.144  -8.384  1.00 32.05 ? 74  GLY B CA  1 
ATOM   1283 C C   . GLY B 1 72 ? -7.128  21.117  -7.495  1.00 31.14 ? 74  GLY B C   1 
ATOM   1284 O O   . GLY B 1 72 ? -6.004  21.294  -7.955  1.00 32.16 ? 74  GLY B O   1 
ATOM   1285 N N   . THR B 1 73 ? -7.353  20.873  -6.215  1.00 30.67 ? 75  THR B N   1 
ATOM   1286 C CA  . THR B 1 73 ? -6.272  20.846  -5.252  1.00 29.52 ? 75  THR B CA  1 
ATOM   1287 C C   . THR B 1 73 ? -5.781  19.440  -5.067  1.00 28.79 ? 75  THR B C   1 
ATOM   1288 O O   . THR B 1 73 ? -6.565  18.543  -4.786  1.00 29.25 ? 75  THR B O   1 
ATOM   1289 C CB  . THR B 1 73 ? -6.753  21.403  -3.914  1.00 30.42 ? 75  THR B CB  1 
ATOM   1290 O OG1 . THR B 1 73 ? -7.262  22.727  -4.126  1.00 35.04 ? 75  THR B OG1 1 
ATOM   1291 C CG2 . THR B 1 73 ? -5.620  21.445  -2.898  1.00 30.81 ? 75  THR B CG2 1 
ATOM   1292 N N   . TYR B 1 74 ? -4.486  19.250  -5.280  1.00 28.51 ? 76  TYR B N   1 
ATOM   1293 C CA  . TYR B 1 74 ? -3.849  17.949  -5.122  1.00 28.44 ? 76  TYR B CA  1 
ATOM   1294 C C   . TYR B 1 74 ? -3.011  18.012  -3.848  1.00 29.28 ? 76  TYR B C   1 
ATOM   1295 O O   . TYR B 1 74 ? -2.297  18.981  -3.634  1.00 30.45 ? 76  TYR B O   1 
ATOM   1296 C CB  . TYR B 1 74 ? -2.961  17.630  -6.332  1.00 25.96 ? 76  TYR B CB  1 
ATOM   1297 C CG  . TYR B 1 74 ? -3.725  17.205  -7.584  1.00 28.80 ? 76  TYR B CG  1 
ATOM   1298 C CD1 . TYR B 1 74 ? -4.375  18.143  -8.395  1.00 29.11 ? 76  TYR B CD1 1 
ATOM   1299 C CD2 . TYR B 1 74 ? -3.746  15.870  -7.988  1.00 26.06 ? 76  TYR B CD2 1 
ATOM   1300 C CE1 . TYR B 1 74 ? -5.026  17.752  -9.563  1.00 26.28 ? 76  TYR B CE1 1 
ATOM   1301 C CE2 . TYR B 1 74 ? -4.383  15.481  -9.150  1.00 23.97 ? 76  TYR B CE2 1 
ATOM   1302 C CZ  . TYR B 1 74 ? -5.014  16.415  -9.932  1.00 27.24 ? 76  TYR B CZ  1 
ATOM   1303 O OH  . TYR B 1 74 ? -5.635  16.005  -11.088 1.00 26.94 ? 76  TYR B OH  1 
ATOM   1304 N N   . ASN B 1 75 ? -3.157  17.014  -2.980  1.00 29.77 ? 77  ASN B N   1 
ATOM   1305 C CA  . ASN B 1 75 ? -2.423  16.956  -1.720  1.00 30.08 ? 77  ASN B CA  1 
ATOM   1306 C C   . ASN B 1 75 ? -1.363  15.872  -1.731  1.00 29.34 ? 77  ASN B C   1 
ATOM   1307 O O   . ASN B 1 75 ? -1.674  14.704  -1.979  1.00 28.40 ? 77  ASN B O   1 
ATOM   1308 C CB  . ASN B 1 75 ? -3.358  16.637  -0.547  1.00 31.65 ? 77  ASN B CB  1 
ATOM   1309 C CG  . ASN B 1 75 ? -4.300  17.758  -0.227  1.00 37.20 ? 77  ASN B CG  1 
ATOM   1310 O OD1 . ASN B 1 75 ? -3.898  18.811  0.261   1.00 43.00 ? 77  ASN B OD1 1 
ATOM   1311 N ND2 . ASN B 1 75 ? -5.574  17.528  -0.471  1.00 39.11 ? 77  ASN B ND2 1 
ATOM   1312 N N   . VAL B 1 76 ? -0.123  16.260  -1.437  1.00 28.39 ? 78  VAL B N   1 
ATOM   1313 C CA  . VAL B 1 76 ? 0.981   15.310  -1.335  1.00 27.63 ? 78  VAL B CA  1 
ATOM   1314 C C   . VAL B 1 76 ? 1.391   15.184  0.150   1.00 28.79 ? 78  VAL B C   1 
ATOM   1315 O O   . VAL B 1 76 ? 1.444   16.172  0.884   1.00 29.40 ? 78  VAL B O   1 
ATOM   1316 C CB  . VAL B 1 76 ? 2.209   15.698  -2.228  1.00 23.95 ? 78  VAL B CB  1 
ATOM   1317 C CG1 . VAL B 1 76 ? 2.898   16.964  -1.722  1.00 23.62 ? 78  VAL B CG1 1 
ATOM   1318 C CG2 . VAL B 1 76 ? 3.190   14.542  -2.281  1.00 20.64 ? 78  VAL B CG2 1 
ATOM   1319 N N   . THR B 1 77 ? 1.596   13.953  0.600   1.00 29.89 ? 79  THR B N   1 
ATOM   1320 C CA  . THR B 1 77 ? 1.984   13.682  1.977   1.00 31.03 ? 79  THR B CA  1 
ATOM   1321 C C   . THR B 1 77 ? 3.080   12.619  1.949   1.00 31.52 ? 79  THR B C   1 
ATOM   1322 O O   . THR B 1 77 ? 2.919   11.577  1.316   1.00 31.79 ? 79  THR B O   1 
ATOM   1323 C CB  . THR B 1 77 ? 0.772   13.180  2.799   1.00 32.50 ? 79  THR B CB  1 
ATOM   1324 O OG1 . THR B 1 77 ? -0.302  14.123  2.696   1.00 33.95 ? 79  THR B OG1 1 
ATOM   1325 C CG2 . THR B 1 77 ? 1.129   13.039  4.250   1.00 34.27 ? 79  THR B CG2 1 
ATOM   1326 N N   . VAL B 1 78 ? 4.193   12.918  2.619   1.00 31.45 ? 80  VAL B N   1 
ATOM   1327 C CA  . VAL B 1 78 ? 5.381   12.055  2.695   1.00 30.95 ? 80  VAL B CA  1 
ATOM   1328 C C   . VAL B 1 78 ? 5.579   11.580  4.133   1.00 31.69 ? 80  VAL B C   1 
ATOM   1329 O O   . VAL B 1 78 ? 5.418   12.353  5.078   1.00 31.60 ? 80  VAL B O   1 
ATOM   1330 C CB  . VAL B 1 78 ? 6.651   12.864  2.212   1.00 30.06 ? 80  VAL B CB  1 
ATOM   1331 C CG1 . VAL B 1 78 ? 7.944   12.095  2.410   1.00 24.62 ? 80  VAL B CG1 1 
ATOM   1332 C CG2 . VAL B 1 78 ? 6.490   13.285  0.752   1.00 29.75 ? 80  VAL B CG2 1 
ATOM   1333 N N   . TYR B 1 79 ? 5.879   10.294  4.291   1.00 32.35 ? 81  TYR B N   1 
ATOM   1334 C CA  . TYR B 1 79 ? 6.116   9.719   5.610   1.00 34.02 ? 81  TYR B CA  1 
ATOM   1335 C C   . TYR B 1 79 ? 7.483   9.081   5.580   1.00 35.28 ? 81  TYR B C   1 
ATOM   1336 O O   . TYR B 1 79 ? 7.870   8.495   4.571   1.00 34.50 ? 81  TYR B O   1 
ATOM   1337 C CB  . TYR B 1 79 ? 5.068   8.638   5.960   1.00 35.12 ? 81  TYR B CB  1 
ATOM   1338 C CG  . TYR B 1 79 ? 3.641   9.147   6.043   1.00 35.14 ? 81  TYR B CG  1 
ATOM   1339 C CD1 . TYR B 1 79 ? 2.886   9.354   4.884   1.00 36.12 ? 81  TYR B CD1 1 
ATOM   1340 C CD2 . TYR B 1 79 ? 3.057   9.470   7.265   1.00 36.39 ? 81  TYR B CD2 1 
ATOM   1341 C CE1 . TYR B 1 79 ? 1.595   9.882   4.935   1.00 35.01 ? 81  TYR B CE1 1 
ATOM   1342 C CE2 . TYR B 1 79 ? 1.755   10.007  7.326   1.00 37.36 ? 81  TYR B CE2 1 
ATOM   1343 C CZ  . TYR B 1 79 ? 1.036   10.211  6.150   1.00 36.14 ? 81  TYR B CZ  1 
ATOM   1344 O OH  . TYR B 1 79 ? -0.208  10.811  6.160   1.00 36.85 ? 81  TYR B OH  1 
ATOM   1345 N N   . SER B 1 80 ? 8.218   9.213   6.683   1.00 37.66 ? 82  SER B N   1 
ATOM   1346 C CA  . SER B 1 80 ? 9.545   8.613   6.815   1.00 39.71 ? 82  SER B CA  1 
ATOM   1347 C C   . SER B 1 80 ? 9.399   7.106   7.071   1.00 41.68 ? 82  SER B C   1 
ATOM   1348 O O   . SER B 1 80 ? 8.279   6.571   7.139   1.00 41.15 ? 82  SER B O   1 
ATOM   1349 C CB  . SER B 1 80 ? 10.340  9.282   7.947   1.00 40.06 ? 82  SER B CB  1 
ATOM   1350 O OG  . SER B 1 80 ? 9.702   9.099   9.199   1.00 38.56 ? 82  SER B OG  1 
ATOM   1351 N N   . THR B 1 81 ? 10.537  6.435   7.226   1.00 43.74 ? 83  THR B N   1 
ATOM   1352 C CA  . THR B 1 81 ? 10.567  4.999   7.431   1.00 46.44 ? 83  THR B CA  1 
ATOM   1353 C C   . THR B 1 81 ? 9.902   4.440   8.714   1.00 47.23 ? 83  THR B C   1 
ATOM   1354 O O   . THR B 1 81 ? 9.659   3.241   8.798   1.00 47.97 ? 83  THR B O   1 
ATOM   1355 C CB  . THR B 1 81 ? 12.019  4.479   7.276   1.00 49.64 ? 83  THR B CB  1 
ATOM   1356 O OG1 . THR B 1 81 ? 12.166  3.242   7.986   1.00 55.48 ? 83  THR B OG1 1 
ATOM   1357 C CG2 . THR B 1 81 ? 13.040  5.492   7.752   1.00 49.79 ? 83  THR B CG2 1 
ATOM   1358 N N   . ASN B 1 82 ? 9.597   5.294   9.692   1.00 48.26 ? 84  ASN B N   1 
ATOM   1359 C CA  . ASN B 1 82 ? 8.924   4.886   10.923  1.00 49.73 ? 84  ASN B CA  1 
ATOM   1360 C C   . ASN B 1 82 ? 7.540   5.510   10.891  1.00 50.95 ? 84  ASN B C   1 
ATOM   1361 O O   . ASN B 1 82 ? 6.891   5.784   11.909  1.00 51.39 ? 84  ASN B O   1 
ATOM   1362 C CB  . ASN B 1 82 ? 9.657   5.416   12.140  1.00 49.83 ? 84  ASN B CB  1 
ATOM   1363 C CG  . ASN B 1 82 ? 10.083  6.862   11.986  1.00 51.07 ? 84  ASN B CG  1 
ATOM   1364 O OD1 . ASN B 1 82 ? 9.489   7.616   11.222  1.00 53.20 ? 84  ASN B OD1 1 
ATOM   1365 N ND2 . ASN B 1 82 ? 11.147  7.225   12.719  1.00 54.70 ? 84  ASN B ND2 1 
ATOM   1366 N N   . GLY B 1 83 ? 7.147   5.827   9.667   1.00 51.60 ? 85  GLY B N   1 
ATOM   1367 C CA  . GLY B 1 83 ? 5.856   6.422   9.386   1.00 51.60 ? 85  GLY B CA  1 
ATOM   1368 C C   . GLY B 1 83 ? 5.577   7.781   9.992   1.00 51.30 ? 85  GLY B C   1 
ATOM   1369 O O   . GLY B 1 83 ? 4.417   8.020   10.297  1.00 51.53 ? 85  GLY B O   1 
ATOM   1370 N N   . THR B 1 84 ? 6.574   8.639   10.260  1.00 50.88 ? 86  THR B N   1 
ATOM   1371 C CA  . THR B 1 84 ? 6.205   9.969   10.775  1.00 51.18 ? 86  THR B CA  1 
ATOM   1372 C C   . THR B 1 84 ? 5.997   10.886  9.557   1.00 51.14 ? 86  THR B C   1 
ATOM   1373 O O   . THR B 1 84 ? 6.803   10.883  8.614   1.00 51.30 ? 86  THR B O   1 
ATOM   1374 C CB  . THR B 1 84 ? 7.231   10.629  11.776  1.00 52.71 ? 86  THR B CB  1 
ATOM   1375 O OG1 . THR B 1 84 ? 7.720   11.875  11.232  1.00 52.50 ? 86  THR B OG1 1 
ATOM   1376 C CG2 . THR B 1 84 ? 8.390   9.714   12.161  1.00 50.38 ? 86  THR B CG2 1 
ATOM   1377 N N   . ARG B 1 85 ? 4.900   11.638  9.554   1.00 49.84 ? 87  ARG B N   1 
ATOM   1378 C CA  . ARG B 1 85 ? 4.593   12.544  8.438   1.00 47.80 ? 87  ARG B CA  1 
ATOM   1379 C C   . ARG B 1 85 ? 5.515   13.743  8.426   1.00 46.64 ? 87  ARG B C   1 
ATOM   1380 O O   . ARG B 1 85 ? 5.345   14.681  9.208   1.00 47.26 ? 87  ARG B O   1 
ATOM   1381 C CB  . ARG B 1 85 ? 3.152   13.010  8.548   1.00 48.93 ? 87  ARG B CB  1 
ATOM   1382 C CG  . ARG B 1 85 ? 2.560   13.612  7.309   1.00 51.78 ? 87  ARG B CG  1 
ATOM   1383 C CD  . ARG B 1 85 ? 1.089   13.896  7.571   1.00 56.11 ? 87  ARG B CD  1 
ATOM   1384 N NE  . ARG B 1 85 ? 0.844   15.298  7.875   1.00 61.93 ? 87  ARG B NE  1 
ATOM   1385 C CZ  . ARG B 1 85 ? 1.250   15.933  8.976   1.00 64.89 ? 87  ARG B CZ  1 
ATOM   1386 N NH1 . ARG B 1 85 ? 1.925   15.300  9.939   1.00 66.34 ? 87  ARG B NH1 1 
ATOM   1387 N NH2 . ARG B 1 85 ? 1.085   17.242  9.062   1.00 67.46 ? 87  ARG B NH2 1 
ATOM   1388 N N   . ILE B 1 86 ? 6.509   13.694  7.545   1.00 44.91 ? 88  ILE B N   1 
ATOM   1389 C CA  . ILE B 1 86 ? 7.489   14.757  7.430   1.00 43.40 ? 88  ILE B CA  1 
ATOM   1390 C C   . ILE B 1 86 ? 7.156   15.843  6.406   1.00 42.57 ? 88  ILE B C   1 
ATOM   1391 O O   . ILE B 1 86 ? 7.858   16.838  6.332   1.00 43.01 ? 88  ILE B O   1 
ATOM   1392 C CB  . ILE B 1 86 ? 8.851   14.164  7.061   1.00 44.53 ? 88  ILE B CB  1 
ATOM   1393 C CG1 . ILE B 1 86 ? 8.843   13.675  5.611   1.00 46.00 ? 88  ILE B CG1 1 
ATOM   1394 C CG2 . ILE B 1 86 ? 9.204   13.002  7.992   1.00 44.73 ? 88  ILE B CG2 1 
ATOM   1395 C CD1 . ILE B 1 86 ? 9.812   14.430  4.708   1.00 50.29 ? 88  ILE B CD1 1 
ATOM   1396 N N   . LEU B 1 87 ? 6.102   15.658  5.615   1.00 41.76 ? 89  LEU B N   1 
ATOM   1397 C CA  . LEU B 1 87 ? 5.726   16.634  4.578   1.00 41.07 ? 89  LEU B CA  1 
ATOM   1398 C C   . LEU B 1 87 ? 4.246   16.534  4.255   1.00 40.68 ? 89  LEU B C   1 
ATOM   1399 O O   . LEU B 1 87 ? 3.693   15.436  4.161   1.00 39.49 ? 89  LEU B O   1 
ATOM   1400 C CB  . LEU B 1 87 ? 6.524   16.359  3.292   1.00 42.65 ? 89  LEU B CB  1 
ATOM   1401 C CG  . LEU B 1 87 ? 6.422   17.012  1.896   1.00 44.79 ? 89  LEU B CG  1 
ATOM   1402 C CD1 . LEU B 1 87 ? 4.957   17.205  1.356   1.00 40.62 ? 89  LEU B CD1 1 
ATOM   1403 C CD2 . LEU B 1 87 ? 7.250   18.311  1.864   1.00 49.92 ? 89  LEU B CD2 1 
ATOM   1404 N N   . ASP B 1 88 ? 3.608   17.679  4.066   1.00 40.67 ? 90  ASP B N   1 
ATOM   1405 C CA  . ASP B 1 88 ? 2.200   17.699  3.699   1.00 41.52 ? 90  ASP B CA  1 
ATOM   1406 C C   . ASP B 1 88 ? 1.930   19.004  2.986   1.00 40.74 ? 90  ASP B C   1 
ATOM   1407 O O   . ASP B 1 88 ? 1.805   20.040  3.624   1.00 41.29 ? 90  ASP B O   1 
ATOM   1408 C CB  . ASP B 1 88 ? 1.281   17.563  4.912   1.00 46.22 ? 90  ASP B CB  1 
ATOM   1409 C CG  . ASP B 1 88 ? -0.163  17.367  4.516   1.00 52.04 ? 90  ASP B CG  1 
ATOM   1410 O OD1 . ASP B 1 88 ? -0.390  16.510  3.528   1.00 56.81 ? 90  ASP B OD1 1 
ATOM   1411 O OD2 . ASP B 1 88 ? -1.060  17.996  5.064   1.00 55.67 ? 90  ASP B OD2 1 
ATOM   1412 N N   . LYS B 1 89 ? 1.870   18.952  1.656   1.00 39.78 ? 91  LYS B N   1 
ATOM   1413 C CA  . LYS B 1 89 ? 1.649   20.142  0.837   1.00 39.40 ? 91  LYS B CA  1 
ATOM   1414 C C   . LYS B 1 89 ? 0.445   20.031  -0.103  1.00 38.36 ? 91  LYS B C   1 
ATOM   1415 O O   . LYS B 1 89 ? 0.059   18.941  -0.520  1.00 37.55 ? 91  LYS B O   1 
ATOM   1416 C CB  . LYS B 1 89 ? 2.893   20.439  -0.010  1.00 42.40 ? 91  LYS B CB  1 
ATOM   1417 C CG  . LYS B 1 89 ? 4.204   20.621  0.765   1.00 48.99 ? 91  LYS B CG  1 
ATOM   1418 C CD  . LYS B 1 89 ? 4.292   21.958  1.505   1.00 54.54 ? 91  LYS B CD  1 
ATOM   1419 C CE  . LYS B 1 89 ? 5.596   22.053  2.310   1.00 57.38 ? 91  LYS B CE  1 
ATOM   1420 N NZ  . LYS B 1 89 ? 6.813   21.708  1.495   1.00 58.74 ? 91  LYS B NZ  1 
ATOM   1421 N N   . ALA B 1 90 ? -0.105  21.193  -0.465  1.00 37.64 ? 92  ALA B N   1 
ATOM   1422 C CA  . ALA B 1 90 ? -1.249  21.320  -1.384  1.00 36.74 ? 92  ALA B CA  1 
ATOM   1423 C C   . ALA B 1 90 ? -0.841  22.125  -2.635  1.00 36.83 ? 92  ALA B C   1 
ATOM   1424 O O   . ALA B 1 90 ? -0.253  23.199  -2.521  1.00 36.85 ? 92  ALA B O   1 
ATOM   1425 C CB  . ALA B 1 90 ? -2.406  22.016  -0.683  1.00 34.00 ? 92  ALA B CB  1 
ATOM   1426 N N   . LEU B 1 91 ? -1.139  21.595  -3.824  1.00 36.52 ? 93  LEU B N   1 
ATOM   1427 C CA  . LEU B 1 91 ? -0.822  22.275  -5.079  1.00 36.10 ? 93  LEU B CA  1 
ATOM   1428 C C   . LEU B 1 91 ? -2.106  22.510  -5.847  1.00 35.82 ? 93  LEU B C   1 
ATOM   1429 O O   . LEU B 1 91 ? -2.742  21.562  -6.269  1.00 36.46 ? 93  LEU B O   1 
ATOM   1430 C CB  . LEU B 1 91 ? 0.107   21.427  -5.937  1.00 37.16 ? 93  LEU B CB  1 
ATOM   1431 C CG  . LEU B 1 91 ? 1.513   21.244  -5.397  1.00 37.15 ? 93  LEU B CG  1 
ATOM   1432 C CD1 . LEU B 1 91 ? 2.281   20.325  -6.331  1.00 38.22 ? 93  LEU B CD1 1 
ATOM   1433 C CD2 . LEU B 1 91 ? 2.187   22.594  -5.276  1.00 38.83 ? 93  LEU B CD2 1 
ATOM   1434 N N   . ASP B 1 92 ? -2.501  23.765  -6.016  1.00 35.95 ? 94  ASP B N   1 
ATOM   1435 C CA  . ASP B 1 92 ? -3.736  24.064  -6.750  1.00 36.79 ? 94  ASP B CA  1 
ATOM   1436 C C   . ASP B 1 92 ? -3.476  24.036  -8.243  1.00 35.55 ? 94  ASP B C   1 
ATOM   1437 O O   . ASP B 1 92 ? -2.840  24.938  -8.811  1.00 35.83 ? 94  ASP B O   1 
ATOM   1438 C CB  . ASP B 1 92 ? -4.297  25.427  -6.348  1.00 41.80 ? 94  ASP B CB  1 
ATOM   1439 C CG  . ASP B 1 92 ? -4.084  25.729  -4.870  1.00 50.72 ? 94  ASP B CG  1 
ATOM   1440 O OD1 . ASP B 1 92 ? -3.015  26.292  -4.491  1.00 59.29 ? 94  ASP B OD1 1 
ATOM   1441 O OD2 . ASP B 1 92 ? -5.007  25.372  -4.091  1.00 54.84 ? 94  ASP B OD2 1 
ATOM   1442 N N   . LEU B 1 93 ? -3.906  22.954  -8.869  1.00 33.66 ? 95  LEU B N   1 
ATOM   1443 C CA  . LEU B 1 93 ? -3.702  22.805  -10.291 1.00 32.13 ? 95  LEU B CA  1 
ATOM   1444 C C   . LEU B 1 93 ? -4.791  23.476  -11.095 1.00 30.89 ? 95  LEU B C   1 
ATOM   1445 O O   . LEU B 1 93 ? -5.946  23.057  -11.055 1.00 29.09 ? 95  LEU B O   1 
ATOM   1446 C CB  . LEU B 1 93 ? -3.594  21.330  -10.685 1.00 33.16 ? 95  LEU B CB  1 
ATOM   1447 C CG  . LEU B 1 93 ? -3.543  21.085  -12.201 1.00 31.42 ? 95  LEU B CG  1 
ATOM   1448 C CD1 . LEU B 1 93 ? -2.268  21.687  -12.808 1.00 27.53 ? 95  LEU B CD1 1 
ATOM   1449 C CD2 . LEU B 1 93 ? -3.640  19.607  -12.486 1.00 30.15 ? 95  LEU B CD2 1 
ATOM   1450 N N   . ARG B 1 94 ? -4.406  24.520  -11.828 1.00 31.08 ? 96  ARG B N   1 
ATOM   1451 C CA  . ARG B 1 94 ? -5.321  25.264  -12.686 1.00 31.56 ? 96  ARG B CA  1 
ATOM   1452 C C   . ARG B 1 94 ? -4.959  24.924  -14.133 1.00 31.85 ? 96  ARG B C   1 
ATOM   1453 O O   . ARG B 1 94 ? -3.783  24.823  -14.477 1.00 31.56 ? 96  ARG B O   1 
ATOM   1454 C CB  . ARG B 1 94 ? -5.208  26.765  -12.410 1.00 31.78 ? 96  ARG B CB  1 
ATOM   1455 C CG  . ARG B 1 94 ? -5.387  27.122  -10.944 1.00 36.09 ? 96  ARG B CG  1 
ATOM   1456 C CD  . ARG B 1 94 ? -5.969  28.508  -10.751 1.00 44.56 ? 96  ARG B CD  1 
ATOM   1457 N NE  . ARG B 1 94 ? -7.427  28.526  -10.896 1.00 54.16 ? 96  ARG B NE  1 
ATOM   1458 C CZ  . ARG B 1 94 ? -8.107  29.339  -11.709 1.00 55.11 ? 96  ARG B CZ  1 
ATOM   1459 N NH1 . ARG B 1 94 ? -7.469  30.212  -12.478 1.00 55.26 ? 96  ARG B NH1 1 
ATOM   1460 N NH2 . ARG B 1 94 ? -9.438  29.307  -11.725 1.00 59.14 ? 96  ARG B NH2 1 
ATOM   1461 N N   . ILE B 1 95 ? -5.961  24.659  -14.963 1.00 32.13 ? 97  ILE B N   1 
ATOM   1462 C CA  . ILE B 1 95 ? -5.695  24.300  -16.348 1.00 32.56 ? 97  ILE B CA  1 
ATOM   1463 C C   . ILE B 1 95 ? -6.186  25.371  -17.307 1.00 34.88 ? 97  ILE B C   1 
ATOM   1464 O O   . ILE B 1 95 ? -7.361  25.747  -17.303 1.00 35.34 ? 97  ILE B O   1 
ATOM   1465 C CB  . ILE B 1 95 ? -6.306  22.922  -16.707 1.00 30.80 ? 97  ILE B CB  1 
ATOM   1466 C CG1 . ILE B 1 95 ? -5.644  21.816  -15.871 1.00 24.94 ? 97  ILE B CG1 1 
ATOM   1467 C CG2 . ILE B 1 95 ? -6.148  22.656  -18.200 1.00 23.62 ? 97  ILE B CG2 1 
ATOM   1468 C CD1 . ILE B 1 95 ? -6.271  20.460  -16.021 1.00 28.09 ? 97  ILE B CD1 1 
ATOM   1469 N N   . LEU B 1 96 ? -5.264  25.861  -18.128 1.00 36.46 ? 98  LEU B N   1 
ATOM   1470 C CA  . LEU B 1 96 ? -5.573  26.894  -19.101 1.00 37.82 ? 98  LEU B CA  1 
ATOM   1471 C C   . LEU B 1 96 ? -6.325  26.361  -20.316 1.00 37.28 ? 98  LEU B C   1 
ATOM   1472 O O   . LEU B 1 96 ? -5.927  25.388  -20.947 1.00 36.70 ? 98  LEU B O   1 
ATOM   1473 C CB  . LEU B 1 96 ? -4.296  27.609  -19.527 1.00 41.09 ? 98  LEU B CB  1 
ATOM   1474 C CG  . LEU B 1 96 ? -4.472  28.949  -20.258 1.00 45.49 ? 98  LEU B CG  1 
ATOM   1475 C CD1 . LEU B 1 96 ? -3.498  29.975  -19.705 1.00 48.25 ? 98  LEU B CD1 1 
ATOM   1476 C CD2 . LEU B 1 96 ? -4.300  28.774  -21.765 1.00 49.02 ? 98  LEU B CD2 1 
ATOM   1477 N N   . GLU B 1 97 ? -7.466  26.980  -20.584 1.00 37.95 ? 99  GLU B N   1 
ATOM   1478 C CA  . GLU B 1 97 ? -8.312  26.632  -21.712 1.00 38.08 ? 99  GLU B CA  1 
ATOM   1479 C C   . GLU B 1 97 ? -8.370  27.839  -22.627 1.00 39.17 ? 99  GLU B C   1 
ATOM   1480 O O   . GLU B 1 97 ? -8.593  28.970  -22.110 1.00 39.87 ? 99  GLU B O   1 
ATOM   1481 C CB  . GLU B 1 97 ? -9.725  26.322  -21.234 1.00 36.73 ? 99  GLU B CB  1 
ATOM   1482 C CG  . GLU B 1 97 ? -10.139 24.906  -21.422 1.00 33.36 ? 99  GLU B CG  1 
ATOM   1483 C CD  . GLU B 1 97 ? -11.538 24.650  -20.913 1.00 29.19 ? 99  GLU B CD  1 
ATOM   1484 O OE1 . GLU B 1 97 ? -12.523 24.891  -21.752 1.00 25.42 ? 99  GLU B OE1 1 
ATOM   1485 O OE2 . GLU B 1 97 ? -11.726 24.246  -19.783 1.00 31.14 ? 99  GLU B OE2 1 
ATOM   1486 O OXT . GLU B 1 97 ? -8.223  27.633  -23.852 1.00 40.16 ? 99  GLU B OXT 1 
HETATM 1487 O O   . HOH C 2 .  ? -8.076  -6.558  15.312  1.00 15.22 ? 100 HOH A O   1 
HETATM 1488 O O   . HOH C 2 .  ? 4.281   19.728  -24.850 1.00 31.04 ? 101 HOH A O   1 
HETATM 1489 O O   . HOH C 2 .  ? 1.647   -11.444 18.489  1.00 32.31 ? 102 HOH A O   1 
HETATM 1490 O O   . HOH C 2 .  ? -8.919  6.444   -7.027  1.00 19.58 ? 103 HOH A O   1 
HETATM 1491 O O   . HOH C 2 .  ? 2.366   -0.193  9.357   1.00 28.07 ? 104 HOH A O   1 
HETATM 1492 O O   . HOH C 2 .  ? -11.579 -10.343 5.313   1.00 28.37 ? 105 HOH A O   1 
HETATM 1493 O O   . HOH C 2 .  ? 3.275   -1.799  12.685  1.00 34.92 ? 106 HOH A O   1 
HETATM 1494 O O   . HOH C 2 .  ? -11.460 -19.458 15.938  1.00 29.64 ? 107 HOH A O   1 
HETATM 1495 O O   . HOH C 2 .  ? 7.590   -7.877  8.459   1.00 37.88 ? 108 HOH A O   1 
HETATM 1496 O O   . HOH C 2 .  ? -10.054 6.874   -4.607  1.00 24.71 ? 109 HOH A O   1 
HETATM 1497 O O   . HOH C 2 .  ? 3.965   -9.650  20.274  1.00 36.65 ? 110 HOH A O   1 
HETATM 1498 O O   . HOH C 2 .  ? -8.929  -21.015 19.684  1.00 28.49 ? 111 HOH A O   1 
HETATM 1499 O O   . HOH C 2 .  ? 3.466   -1.931  17.395  1.00 33.08 ? 112 HOH A O   1 
HETATM 1500 O O   . HOH C 2 .  ? 19.703  1.244   -1.148  1.00 42.14 ? 113 HOH A O   1 
HETATM 1501 O O   . HOH C 2 .  ? 0.861   1.777   -1.954  1.00 30.52 ? 114 HOH A O   1 
HETATM 1502 O O   . HOH C 2 .  ? 5.664   22.591  -6.915  1.00 35.98 ? 115 HOH A O   1 
HETATM 1503 O O   . HOH C 2 .  ? -8.953  -18.930 21.640  1.00 46.08 ? 116 HOH A O   1 
HETATM 1504 O O   . HOH C 2 .  ? -0.985  16.099  -29.068 1.00 32.06 ? 117 HOH A O   1 
HETATM 1505 O O   . HOH C 2 .  ? -9.116  -6.279  -6.234  1.00 35.73 ? 118 HOH A O   1 
HETATM 1506 O O   . HOH C 2 .  ? 8.913   22.037  4.253   1.00 57.39 ? 119 HOH A O   1 
HETATM 1507 O O   . HOH C 2 .  ? -8.218  -9.364  18.920  1.00 43.43 ? 120 HOH A O   1 
HETATM 1508 O O   . HOH C 2 .  ? 20.297  16.652  -5.329  1.00 38.45 ? 121 HOH A O   1 
HETATM 1509 O O   . HOH C 2 .  ? -1.151  -11.327 21.692  1.00 41.49 ? 122 HOH A O   1 
HETATM 1510 O O   . HOH C 2 .  ? -11.728 -12.901 -5.561  1.00 35.61 ? 123 HOH A O   1 
HETATM 1511 O O   . HOH C 2 .  ? -2.801  16.565  -26.953 1.00 39.55 ? 124 HOH A O   1 
HETATM 1512 O O   . HOH C 2 .  ? 6.456   -7.796  19.779  1.00 36.27 ? 125 HOH A O   1 
HETATM 1513 O O   . HOH C 2 .  ? 3.971   -18.968 1.180   1.00 39.25 ? 126 HOH A O   1 
HETATM 1514 O O   . HOH C 2 .  ? -11.192 14.319  -6.497  1.00 45.15 ? 127 HOH A O   1 
HETATM 1515 O O   . HOH D 2 .  ? -11.466 11.114  -8.980  1.00 12.92 ? 100 HOH B O   1 
HETATM 1516 O O   . HOH D 2 .  ? -5.403  -3.072  11.574  1.00 18.06 ? 101 HOH B O   1 
HETATM 1517 O O   . HOH D 2 .  ? -7.249  -10.850 2.232   1.00 25.30 ? 102 HOH B O   1 
HETATM 1518 O O   . HOH D 2 .  ? -12.085 26.227  -17.813 1.00 25.05 ? 103 HOH B O   1 
HETATM 1519 O O   . HOH D 2 .  ? 1.255   -23.009 25.754  1.00 28.12 ? 104 HOH B O   1 
HETATM 1520 O O   . HOH D 2 .  ? -2.182  13.263  0.499   1.00 21.84 ? 105 HOH B O   1 
HETATM 1521 O O   . HOH D 2 .  ? 3.812   4.762   -12.452 1.00 39.46 ? 106 HOH B O   1 
HETATM 1522 O O   . HOH D 2 .  ? 8.480   -25.637 -1.691  1.00 39.78 ? 107 HOH B O   1 
HETATM 1523 O O   . HOH D 2 .  ? -9.877  23.926  -18.080 1.00 25.27 ? 108 HOH B O   1 
HETATM 1524 O O   . HOH D 2 .  ? -6.024  -5.068  -1.162  1.00 23.08 ? 109 HOH B O   1 
HETATM 1525 O O   . HOH D 2 .  ? -12.172 -5.946  13.109  1.00 33.64 ? 110 HOH B O   1 
HETATM 1526 O O   . HOH D 2 .  ? -7.742  -2.636  10.056  1.00 25.48 ? 111 HOH B O   1 
HETATM 1527 O O   . HOH D 2 .  ? 8.442   -16.893 -11.840 1.00 30.26 ? 112 HOH B O   1 
HETATM 1528 O O   . HOH D 2 .  ? -8.628  25.531  -13.981 1.00 27.41 ? 113 HOH B O   1 
HETATM 1529 O O   . HOH D 2 .  ? -10.967 -9.159  13.740  1.00 40.51 ? 114 HOH B O   1 
HETATM 1530 O O   . HOH D 2 .  ? 4.953   19.955  5.002   1.00 42.49 ? 115 HOH B O   1 
HETATM 1531 O O   . HOH D 2 .  ? 3.094   -26.413 7.863   1.00 30.39 ? 116 HOH B O   1 
HETATM 1532 O O   . HOH D 2 .  ? -7.095  16.537  -24.422 1.00 36.48 ? 117 HOH B O   1 
HETATM 1533 O O   . HOH D 2 .  ? 10.036  16.145  8.915   1.00 44.52 ? 118 HOH B O   1 
HETATM 1534 O O   . HOH D 2 .  ? -15.488 -7.592  12.307  1.00 32.11 ? 119 HOH B O   1 
HETATM 1535 O O   . HOH D 2 .  ? 10.405  8.086   -12.590 1.00 36.50 ? 120 HOH B O   1 
HETATM 1536 O O   . HOH D 2 .  ? -2.499  25.309  -2.028  1.00 38.65 ? 121 HOH B O   1 
HETATM 1537 O O   . HOH D 2 .  ? -7.196  -28.367 7.834   1.00 41.11 ? 122 HOH B O   1 
HETATM 1538 O O   . HOH D 2 .  ? 10.817  14.015  -12.065 1.00 36.64 ? 123 HOH B O   1 
HETATM 1539 O O   . HOH D 2 .  ? -7.486  14.259  -11.314 1.00 35.33 ? 124 HOH B O   1 
HETATM 1540 O O   . HOH D 2 .  ? -1.827  -23.282 5.094   1.00 52.12 ? 125 HOH B O   1 
HETATM 1541 O O   . HOH D 2 .  ? 9.431   -17.915 -1.560  1.00 41.32 ? 126 HOH B O   1 
HETATM 1542 O O   . HOH D 2 .  ? -7.016  17.643  -2.502  1.00 25.80 ? 127 HOH B O   1 
HETATM 1543 O O   . HOH D 2 .  ? 7.841   9.607   -17.000 1.00 33.09 ? 128 HOH B O   1 
HETATM 1544 O O   . HOH D 2 .  ? 8.057   -23.038 20.905  1.00 31.96 ? 129 HOH B O   1 
HETATM 1545 O O   . HOH D 2 .  ? -8.766  24.888  -10.441 1.00 33.58 ? 130 HOH B O   1 
HETATM 1546 O O   . HOH D 2 .  ? 5.108   -20.814 0.125   1.00 35.18 ? 131 HOH B O   1 
HETATM 1547 O O   . HOH D 2 .  ? 10.067  15.349  -5.785  1.00 33.30 ? 132 HOH B O   1 
HETATM 1548 O O   . HOH D 2 .  ? 2.000   13.106  -21.265 1.00 30.12 ? 133 HOH B O   1 
HETATM 1549 O O   . HOH D 2 .  ? -5.959  12.497  -16.179 1.00 30.38 ? 134 HOH B O   1 
# 
